data_7EOH
# 
_entry.id   7EOH 
# 
_audit_conform.dict_name       mmcif_pdbx.dic 
_audit_conform.dict_version    5.380 
_audit_conform.dict_location   http://mmcif.pdb.org/dictionaries/ascii/mmcif_pdbx.dic 
# 
loop_
_database_2.database_id 
_database_2.database_code 
_database_2.pdbx_database_accession 
_database_2.pdbx_DOI 
PDB   7EOH         pdb_00007eoh 10.2210/pdb7eoh/pdb 
WWPDB D_1300021877 ?            ?                   
# 
_pdbx_database_status.status_code                     REL 
_pdbx_database_status.status_code_sf                  REL 
_pdbx_database_status.status_code_mr                  ? 
_pdbx_database_status.entry_id                        7EOH 
_pdbx_database_status.recvd_initial_deposition_date   2021-04-22 
_pdbx_database_status.SG_entry                        N 
_pdbx_database_status.deposit_site                    PDBJ 
_pdbx_database_status.process_site                    PDBJ 
_pdbx_database_status.status_code_cs                  ? 
_pdbx_database_status.status_code_nmr_data            ? 
_pdbx_database_status.methods_development_category    ? 
_pdbx_database_status.pdb_format_compatible           Y 
# 
loop_
_audit_author.name 
_audit_author.pdbx_ordinal 
_audit_author.identifier_ORCID 
'Huang, K.Y.' 1 0000-0002-7508-5446 
'Ren, A.M.'   2 0000-0002-5420-4899 
# 
_citation.abstract                  ? 
_citation.abstract_id_CAS           ? 
_citation.book_id_ISBN              ? 
_citation.book_publisher            ? 
_citation.book_publisher_city       ? 
_citation.book_title                ? 
_citation.coordinate_linkage        ? 
_citation.country                   US 
_citation.database_id_Medline       ? 
_citation.details                   ? 
_citation.id                        primary 
_citation.journal_abbrev            Nat.Chem.Biol. 
_citation.journal_id_ASTM           ? 
_citation.journal_id_CSD            ? 
_citation.journal_id_ISSN           1552-4469 
_citation.journal_full              ? 
_citation.journal_issue             ? 
_citation.journal_volume            17 
_citation.language                  ? 
_citation.page_first                1289 
_citation.page_last                 1295 
_citation.title                     'Structure-based investigation of fluorogenic Pepper aptamer.' 
_citation.year                      2021 
_citation.database_id_CSD           ? 
_citation.pdbx_database_id_DOI      10.1038/s41589-021-00884-6 
_citation.pdbx_database_id_PubMed   34725509 
_citation.pdbx_database_id_patent   ? 
_citation.unpublished_flag          ? 
# 
loop_
_citation_author.citation_id 
_citation_author.name 
_citation_author.ordinal 
_citation_author.identifier_ORCID 
primary 'Huang, K.' 1 ? 
primary 'Chen, X.'  2 ? 
primary 'Li, C.'    3 ? 
primary 'Song, Q.'  4 ? 
primary 'Li, H.'    5 ? 
primary 'Zhu, L.'   6 ? 
primary 'Yang, Y.'  7 ? 
primary 'Ren, A.'   8 ? 
# 
_cell.angle_alpha                  90.000 
_cell.angle_alpha_esd              ? 
_cell.angle_beta                   127.880 
_cell.angle_beta_esd               ? 
_cell.angle_gamma                  90.000 
_cell.angle_gamma_esd              ? 
_cell.entry_id                     7EOH 
_cell.details                      ? 
_cell.formula_units_Z              ? 
_cell.length_a                     92.642 
_cell.length_a_esd                 ? 
_cell.length_b                     35.023 
_cell.length_b_esd                 ? 
_cell.length_c                     58.127 
_cell.length_c_esd                 ? 
_cell.volume                       ? 
_cell.volume_esd                   ? 
_cell.Z_PDB                        4 
_cell.reciprocal_angle_alpha       ? 
_cell.reciprocal_angle_beta        ? 
_cell.reciprocal_angle_gamma       ? 
_cell.reciprocal_angle_alpha_esd   ? 
_cell.reciprocal_angle_beta_esd    ? 
_cell.reciprocal_angle_gamma_esd   ? 
_cell.reciprocal_length_a          ? 
_cell.reciprocal_length_b          ? 
_cell.reciprocal_length_c          ? 
_cell.reciprocal_length_a_esd      ? 
_cell.reciprocal_length_b_esd      ? 
_cell.reciprocal_length_c_esd      ? 
_cell.pdbx_unique_axis             ? 
# 
_symmetry.entry_id                         7EOH 
_symmetry.cell_setting                     ? 
_symmetry.Int_Tables_number                5 
_symmetry.space_group_name_Hall            ? 
_symmetry.space_group_name_H-M             'C 1 2 1' 
_symmetry.pdbx_full_space_group_name_H-M   ? 
# 
loop_
_entity.id 
_entity.type 
_entity.src_method 
_entity.pdbx_description 
_entity.formula_weight 
_entity.pdbx_number_of_molecules 
_entity.pdbx_ec 
_entity.pdbx_mutation 
_entity.pdbx_fragment 
_entity.details 
1 polymer     man 'Pepper (49-MER)'                                                                        15853.353 1   ? ? ? ? 
2 non-polymer syn '4-[(~{Z})-1-cyano-2-[4-[2-hydroxyethyl(methyl)amino]phenyl]ethenyl]benzenecarbonitrile' 303.358   1   ? ? ? ? 
3 non-polymer syn 'MAGNESIUM ION'                                                                          24.305    5   ? ? ? ? 
4 water       nat water                                                                                    18.015    144 ? ? ? ? 
# 
_entity_poly.entity_id                      1 
_entity_poly.type                           polyribonucleotide 
_entity_poly.nstd_linkage                   no 
_entity_poly.nstd_monomer                   yes 
_entity_poly.pdbx_seq_one_letter_code       '(GDP)GCGCACUGGCGCUGCGCCUUCGGGCGCCAAUCGUAGCGUGUCGGCGCC' 
_entity_poly.pdbx_seq_one_letter_code_can   GGCGCACUGGCGCUGCGCCUUCGGGCGCCAAUCGUAGCGUGUCGGCGCC 
_entity_poly.pdbx_strand_id                 A 
_entity_poly.pdbx_target_identifier         ? 
# 
loop_
_entity_poly_seq.entity_id 
_entity_poly_seq.num 
_entity_poly_seq.mon_id 
_entity_poly_seq.hetero 
1 1  GDP n 
1 2  G   n 
1 3  C   n 
1 4  G   n 
1 5  C   n 
1 6  A   n 
1 7  C   n 
1 8  U   n 
1 9  G   n 
1 10 G   n 
1 11 C   n 
1 12 G   n 
1 13 C   n 
1 14 U   n 
1 15 G   n 
1 16 C   n 
1 17 G   n 
1 18 C   n 
1 19 C   n 
1 20 U   n 
1 21 U   n 
1 22 C   n 
1 23 G   n 
1 24 G   n 
1 25 G   n 
1 26 C   n 
1 27 G   n 
1 28 C   n 
1 29 C   n 
1 30 A   n 
1 31 A   n 
1 32 U   n 
1 33 C   n 
1 34 G   n 
1 35 U   n 
1 36 A   n 
1 37 G   n 
1 38 C   n 
1 39 G   n 
1 40 U   n 
1 41 G   n 
1 42 U   n 
1 43 C   n 
1 44 G   n 
1 45 G   n 
1 46 C   n 
1 47 G   n 
1 48 C   n 
1 49 C   n 
# 
_entity_src_gen.entity_id                          1 
_entity_src_gen.pdbx_src_id                        1 
_entity_src_gen.pdbx_alt_source_flag               sample 
_entity_src_gen.pdbx_seq_type                      'Biological sequence' 
_entity_src_gen.pdbx_beg_seq_num                   1 
_entity_src_gen.pdbx_end_seq_num                   49 
_entity_src_gen.gene_src_common_name               ? 
_entity_src_gen.gene_src_genus                     ? 
_entity_src_gen.pdbx_gene_src_gene                 ? 
_entity_src_gen.gene_src_species                   ? 
_entity_src_gen.gene_src_strain                    ? 
_entity_src_gen.gene_src_tissue                    ? 
_entity_src_gen.gene_src_tissue_fraction           ? 
_entity_src_gen.gene_src_details                   ? 
_entity_src_gen.pdbx_gene_src_fragment             ? 
_entity_src_gen.pdbx_gene_src_scientific_name      'synthetic construct' 
_entity_src_gen.pdbx_gene_src_ncbi_taxonomy_id     32630 
_entity_src_gen.pdbx_gene_src_variant              ? 
_entity_src_gen.pdbx_gene_src_cell_line            ? 
_entity_src_gen.pdbx_gene_src_atcc                 ? 
_entity_src_gen.pdbx_gene_src_organ                ? 
_entity_src_gen.pdbx_gene_src_organelle            ? 
_entity_src_gen.pdbx_gene_src_cell                 ? 
_entity_src_gen.pdbx_gene_src_cellular_location    ? 
_entity_src_gen.host_org_common_name               ? 
_entity_src_gen.pdbx_host_org_scientific_name      'in vitro transcription vector pT7-TP(deltai)' 
_entity_src_gen.pdbx_host_org_ncbi_taxonomy_id     905931 
_entity_src_gen.host_org_genus                     ? 
_entity_src_gen.pdbx_host_org_gene                 ? 
_entity_src_gen.pdbx_host_org_organ                ? 
_entity_src_gen.host_org_species                   ? 
_entity_src_gen.pdbx_host_org_tissue               ? 
_entity_src_gen.pdbx_host_org_tissue_fraction      ? 
_entity_src_gen.pdbx_host_org_strain               ? 
_entity_src_gen.pdbx_host_org_variant              ? 
_entity_src_gen.pdbx_host_org_cell_line            ? 
_entity_src_gen.pdbx_host_org_atcc                 ? 
_entity_src_gen.pdbx_host_org_culture_collection   ? 
_entity_src_gen.pdbx_host_org_cell                 ? 
_entity_src_gen.pdbx_host_org_organelle            ? 
_entity_src_gen.pdbx_host_org_cellular_location    ? 
_entity_src_gen.pdbx_host_org_vector_type          ? 
_entity_src_gen.pdbx_host_org_vector               ? 
_entity_src_gen.host_org_details                   ? 
_entity_src_gen.expression_system_id               ? 
_entity_src_gen.plasmid_name                       ? 
_entity_src_gen.plasmid_details                    ? 
_entity_src_gen.pdbx_description                   ? 
# 
_struct_ref.id                         1 
_struct_ref.db_name                    PDB 
_struct_ref.db_code                    7EOH 
_struct_ref.pdbx_db_accession          7EOH 
_struct_ref.pdbx_db_isoform            ? 
_struct_ref.entity_id                  1 
_struct_ref.pdbx_seq_one_letter_code   ? 
_struct_ref.pdbx_align_begin           1 
# 
_struct_ref_seq.align_id                      1 
_struct_ref_seq.ref_id                        1 
_struct_ref_seq.pdbx_PDB_id_code              7EOH 
_struct_ref_seq.pdbx_strand_id                A 
_struct_ref_seq.seq_align_beg                 1 
_struct_ref_seq.pdbx_seq_align_beg_ins_code   ? 
_struct_ref_seq.seq_align_end                 49 
_struct_ref_seq.pdbx_seq_align_end_ins_code   ? 
_struct_ref_seq.pdbx_db_accession             7EOH 
_struct_ref_seq.db_align_beg                  1 
_struct_ref_seq.pdbx_db_align_beg_ins_code    ? 
_struct_ref_seq.db_align_end                  49 
_struct_ref_seq.pdbx_db_align_end_ins_code    ? 
_struct_ref_seq.pdbx_auth_seq_align_beg       1 
_struct_ref_seq.pdbx_auth_seq_align_end       49 
# 
loop_
_chem_comp.id 
_chem_comp.type 
_chem_comp.mon_nstd_flag 
_chem_comp.name 
_chem_comp.pdbx_synonyms 
_chem_comp.formula 
_chem_comp.formula_weight 
A   'RNA linking' y "ADENOSINE-5'-MONOPHOSPHATE"                                                             ? 'C10 H14 N5 O7 P'   
347.221 
C   'RNA linking' y "CYTIDINE-5'-MONOPHOSPHATE"                                                              ? 'C9 H14 N3 O8 P'    
323.197 
G   'RNA linking' y "GUANOSINE-5'-MONOPHOSPHATE"                                                             ? 'C10 H14 N5 O8 P'   
363.221 
GDP 'RNA linking' n "GUANOSINE-5'-DIPHOSPHATE"                                                               ? 'C10 H15 N5 O11 P2' 
443.201 
HOH non-polymer   . WATER                                                                                    ? 'H2 O'              
18.015  
J8F non-polymer   . '4-[(~{Z})-1-cyano-2-[4-[2-hydroxyethyl(methyl)amino]phenyl]ethenyl]benzenecarbonitrile' ? 'C19 H17 N3 O'      
303.358 
MG  non-polymer   . 'MAGNESIUM ION'                                                                          ? 'Mg 2'              
24.305  
U   'RNA linking' y "URIDINE-5'-MONOPHOSPHATE"                                                               ? 'C9 H13 N2 O9 P'    
324.181 
# 
_exptl.absorpt_coefficient_mu     ? 
_exptl.absorpt_correction_T_max   ? 
_exptl.absorpt_correction_T_min   ? 
_exptl.absorpt_correction_type    ? 
_exptl.absorpt_process_details    ? 
_exptl.entry_id                   7EOH 
_exptl.crystals_number            1 
_exptl.details                    ? 
_exptl.method                     'X-RAY DIFFRACTION' 
_exptl.method_details             ? 
# 
_exptl_crystal.colour                      ? 
_exptl_crystal.density_diffrn              ? 
_exptl_crystal.density_Matthews            2.35 
_exptl_crystal.density_method              ? 
_exptl_crystal.density_percent_sol         47.60 
_exptl_crystal.description                 ? 
_exptl_crystal.F_000                       ? 
_exptl_crystal.id                          1 
_exptl_crystal.preparation                 ? 
_exptl_crystal.size_max                    ? 
_exptl_crystal.size_mid                    ? 
_exptl_crystal.size_min                    ? 
_exptl_crystal.size_rad                    ? 
_exptl_crystal.colour_lustre               ? 
_exptl_crystal.colour_modifier             ? 
_exptl_crystal.colour_primary              ? 
_exptl_crystal.density_meas                ? 
_exptl_crystal.density_meas_esd            ? 
_exptl_crystal.density_meas_gt             ? 
_exptl_crystal.density_meas_lt             ? 
_exptl_crystal.density_meas_temp           ? 
_exptl_crystal.density_meas_temp_esd       ? 
_exptl_crystal.density_meas_temp_gt        ? 
_exptl_crystal.density_meas_temp_lt        ? 
_exptl_crystal.pdbx_crystal_image_url      ? 
_exptl_crystal.pdbx_crystal_image_format   ? 
_exptl_crystal.pdbx_mosaicity              ? 
_exptl_crystal.pdbx_mosaicity_esd          ? 
# 
_exptl_crystal_grow.apparatus       ? 
_exptl_crystal_grow.atmosphere      ? 
_exptl_crystal_grow.crystal_id      1 
_exptl_crystal_grow.details         ? 
_exptl_crystal_grow.method          'VAPOR DIFFUSION, SITTING DROP' 
_exptl_crystal_grow.method_ref      ? 
_exptl_crystal_grow.pH              ? 
_exptl_crystal_grow.pressure        ? 
_exptl_crystal_grow.pressure_esd    ? 
_exptl_crystal_grow.seeding         ? 
_exptl_crystal_grow.seeding_ref     ? 
_exptl_crystal_grow.temp            289 
_exptl_crystal_grow.temp_details    ? 
_exptl_crystal_grow.temp_esd        ? 
_exptl_crystal_grow.time            ? 
_exptl_crystal_grow.pdbx_details    
'0.1 M ammonium chloride, 0.005 M magnesium chloride, 0.025 M HEPES, pH 7.0, 1.25 M 1,6-hexanediol, 40% MPD' 
_exptl_crystal_grow.pdbx_pH_range   ? 
# 
_diffrn.ambient_environment              ? 
_diffrn.ambient_temp                     100 
_diffrn.ambient_temp_details             ? 
_diffrn.ambient_temp_esd                 ? 
_diffrn.crystal_id                       1 
_diffrn.crystal_support                  ? 
_diffrn.crystal_treatment                ? 
_diffrn.details                          ? 
_diffrn.id                               1 
_diffrn.ambient_pressure                 ? 
_diffrn.ambient_pressure_esd             ? 
_diffrn.ambient_pressure_gt              ? 
_diffrn.ambient_pressure_lt              ? 
_diffrn.ambient_temp_gt                  ? 
_diffrn.ambient_temp_lt                  ? 
_diffrn.pdbx_serial_crystal_experiment   N 
# 
_diffrn_detector.details                      ? 
_diffrn_detector.detector                     PIXEL 
_diffrn_detector.diffrn_id                    1 
_diffrn_detector.type                         'DECTRIS PILATUS 6M' 
_diffrn_detector.area_resol_mean              ? 
_diffrn_detector.dtime                        ? 
_diffrn_detector.pdbx_frames_total            ? 
_diffrn_detector.pdbx_collection_time_total   ? 
_diffrn_detector.pdbx_collection_date         2018-05-04 
_diffrn_detector.pdbx_frequency               ? 
# 
_diffrn_radiation.collimation                      ? 
_diffrn_radiation.diffrn_id                        1 
_diffrn_radiation.filter_edge                      ? 
_diffrn_radiation.inhomogeneity                    ? 
_diffrn_radiation.monochromator                    ? 
_diffrn_radiation.polarisn_norm                    ? 
_diffrn_radiation.polarisn_ratio                   ? 
_diffrn_radiation.probe                            ? 
_diffrn_radiation.type                             ? 
_diffrn_radiation.xray_symbol                      ? 
_diffrn_radiation.wavelength_id                    1 
_diffrn_radiation.pdbx_monochromatic_or_laue_m_l   M 
_diffrn_radiation.pdbx_wavelength_list             ? 
_diffrn_radiation.pdbx_wavelength                  ? 
_diffrn_radiation.pdbx_diffrn_protocol             'SINGLE WAVELENGTH' 
_diffrn_radiation.pdbx_analyzer                    ? 
_diffrn_radiation.pdbx_scattering_type             x-ray 
# 
_diffrn_radiation_wavelength.id           1 
_diffrn_radiation_wavelength.wavelength   0.979 
_diffrn_radiation_wavelength.wt           1.0 
# 
_diffrn_source.current                     ? 
_diffrn_source.details                     ? 
_diffrn_source.diffrn_id                   1 
_diffrn_source.power                       ? 
_diffrn_source.size                        ? 
_diffrn_source.source                      SYNCHROTRON 
_diffrn_source.target                      ? 
_diffrn_source.type                        'SSRF BEAMLINE BL19U1' 
_diffrn_source.voltage                     ? 
_diffrn_source.take-off_angle              ? 
_diffrn_source.pdbx_wavelength_list        0.979 
_diffrn_source.pdbx_wavelength             ? 
_diffrn_source.pdbx_synchrotron_beamline   BL19U1 
_diffrn_source.pdbx_synchrotron_site       SSRF 
# 
_reflns.B_iso_Wilson_estimate                          ? 
_reflns.entry_id                                       7EOH 
_reflns.data_reduction_details                         ? 
_reflns.data_reduction_method                          ? 
_reflns.d_resolution_high                              1.637 
_reflns.d_resolution_low                               50.000 
_reflns.details                                        ? 
_reflns.limit_h_max                                    ? 
_reflns.limit_h_min                                    ? 
_reflns.limit_k_max                                    ? 
_reflns.limit_k_min                                    ? 
_reflns.limit_l_max                                    ? 
_reflns.limit_l_min                                    ? 
_reflns.number_all                                     ? 
_reflns.number_obs                                     17900 
_reflns.observed_criterion                             ? 
_reflns.observed_criterion_F_max                       ? 
_reflns.observed_criterion_F_min                       ? 
_reflns.observed_criterion_I_max                       ? 
_reflns.observed_criterion_I_min                       ? 
_reflns.observed_criterion_sigma_F                     ? 
_reflns.observed_criterion_sigma_I                     ? 
_reflns.percent_possible_obs                           98.300 
_reflns.R_free_details                                 ? 
_reflns.Rmerge_F_all                                   ? 
_reflns.Rmerge_F_obs                                   ? 
_reflns.Friedel_coverage                               ? 
_reflns.number_gt                                      ? 
_reflns.threshold_expression                           ? 
_reflns.pdbx_redundancy                                6.100 
_reflns.pdbx_Rmerge_I_obs                              0.134 
_reflns.pdbx_Rmerge_I_all                              ? 
_reflns.pdbx_Rsym_value                                ? 
_reflns.pdbx_netI_over_av_sigmaI                       ? 
_reflns.pdbx_netI_over_sigmaI                          4.200 
_reflns.pdbx_res_netI_over_av_sigmaI_2                 ? 
_reflns.pdbx_res_netI_over_sigmaI_2                    ? 
_reflns.pdbx_chi_squared                               1.539 
_reflns.pdbx_scaling_rejects                           ? 
_reflns.pdbx_d_res_high_opt                            ? 
_reflns.pdbx_d_res_low_opt                             ? 
_reflns.pdbx_d_res_opt_method                          ? 
_reflns.phase_calculation_details                      ? 
_reflns.pdbx_Rrim_I_all                                0.146 
_reflns.pdbx_Rpim_I_all                                0.058 
_reflns.pdbx_d_opt                                     ? 
_reflns.pdbx_number_measured_all                       ? 
_reflns.pdbx_diffrn_id                                 1 
_reflns.pdbx_ordinal                                   1 
_reflns.pdbx_CC_half                                   ? 
_reflns.pdbx_CC_star                                   ? 
_reflns.pdbx_R_split                                   ? 
_reflns.pdbx_aniso_diffraction_limit_axis_1_ortho[1]   ? 
_reflns.pdbx_aniso_diffraction_limit_axis_1_ortho[2]   ? 
_reflns.pdbx_aniso_diffraction_limit_axis_1_ortho[3]   ? 
_reflns.pdbx_aniso_diffraction_limit_axis_2_ortho[1]   ? 
_reflns.pdbx_aniso_diffraction_limit_axis_2_ortho[2]   ? 
_reflns.pdbx_aniso_diffraction_limit_axis_2_ortho[3]   ? 
_reflns.pdbx_aniso_diffraction_limit_axis_3_ortho[1]   ? 
_reflns.pdbx_aniso_diffraction_limit_axis_3_ortho[2]   ? 
_reflns.pdbx_aniso_diffraction_limit_axis_3_ortho[3]   ? 
_reflns.pdbx_aniso_diffraction_limit_1                 ? 
_reflns.pdbx_aniso_diffraction_limit_2                 ? 
_reflns.pdbx_aniso_diffraction_limit_3                 ? 
_reflns.pdbx_aniso_B_tensor_eigenvector_1_ortho[1]     ? 
_reflns.pdbx_aniso_B_tensor_eigenvector_1_ortho[2]     ? 
_reflns.pdbx_aniso_B_tensor_eigenvector_1_ortho[3]     ? 
_reflns.pdbx_aniso_B_tensor_eigenvector_2_ortho[1]     ? 
_reflns.pdbx_aniso_B_tensor_eigenvector_2_ortho[2]     ? 
_reflns.pdbx_aniso_B_tensor_eigenvector_2_ortho[3]     ? 
_reflns.pdbx_aniso_B_tensor_eigenvector_3_ortho[1]     ? 
_reflns.pdbx_aniso_B_tensor_eigenvector_3_ortho[2]     ? 
_reflns.pdbx_aniso_B_tensor_eigenvector_3_ortho[3]     ? 
_reflns.pdbx_aniso_B_tensor_eigenvalue_1               ? 
_reflns.pdbx_aniso_B_tensor_eigenvalue_2               ? 
_reflns.pdbx_aniso_B_tensor_eigenvalue_3               ? 
_reflns.pdbx_orthogonalization_convention              ? 
_reflns.pdbx_percent_possible_ellipsoidal              ? 
_reflns.pdbx_percent_possible_spherical                ? 
_reflns.pdbx_percent_possible_ellipsoidal_anomalous    ? 
_reflns.pdbx_percent_possible_spherical_anomalous      ? 
_reflns.pdbx_redundancy_anomalous                      ? 
_reflns.pdbx_CC_half_anomalous                         ? 
_reflns.pdbx_absDiff_over_sigma_anomalous              ? 
_reflns.pdbx_percent_possible_anomalous                ? 
_reflns.pdbx_observed_signal_threshold                 ? 
_reflns.pdbx_signal_type                               ? 
_reflns.pdbx_signal_details                            ? 
_reflns.pdbx_signal_software_id                        ? 
# 
loop_
_reflns_shell.d_res_high 
_reflns_shell.d_res_low 
_reflns_shell.meanI_over_sigI_all 
_reflns_shell.meanI_over_sigI_obs 
_reflns_shell.number_measured_all 
_reflns_shell.number_measured_obs 
_reflns_shell.number_possible 
_reflns_shell.number_unique_all 
_reflns_shell.number_unique_obs 
_reflns_shell.percent_possible_all 
_reflns_shell.percent_possible_obs 
_reflns_shell.Rmerge_F_all 
_reflns_shell.Rmerge_F_obs 
_reflns_shell.Rmerge_I_all 
_reflns_shell.Rmerge_I_obs 
_reflns_shell.meanI_over_sigI_gt 
_reflns_shell.meanI_over_uI_all 
_reflns_shell.meanI_over_uI_gt 
_reflns_shell.number_measured_gt 
_reflns_shell.number_unique_gt 
_reflns_shell.percent_possible_gt 
_reflns_shell.Rmerge_F_gt 
_reflns_shell.Rmerge_I_gt 
_reflns_shell.pdbx_redundancy 
_reflns_shell.pdbx_Rsym_value 
_reflns_shell.pdbx_chi_squared 
_reflns_shell.pdbx_netI_over_sigmaI_all 
_reflns_shell.pdbx_netI_over_sigmaI_obs 
_reflns_shell.pdbx_Rrim_I_all 
_reflns_shell.pdbx_Rpim_I_all 
_reflns_shell.pdbx_rejects 
_reflns_shell.pdbx_ordinal 
_reflns_shell.pdbx_diffrn_id 
_reflns_shell.pdbx_CC_half 
_reflns_shell.pdbx_CC_star 
_reflns_shell.pdbx_R_split 
_reflns_shell.pdbx_percent_possible_ellipsoidal 
_reflns_shell.pdbx_percent_possible_spherical 
_reflns_shell.pdbx_percent_possible_ellipsoidal_anomalous 
_reflns_shell.pdbx_percent_possible_spherical_anomalous 
_reflns_shell.pdbx_redundancy_anomalous 
_reflns_shell.pdbx_CC_half_anomalous 
_reflns_shell.pdbx_absDiff_over_sigma_anomalous 
_reflns_shell.pdbx_percent_possible_anomalous 
1.640 1.700  ? ? ? ? ? ? 1638 91.200  ? ? ? ? 0.640 ? ? ? ? ? ? ? ? 4.600 ? 0.659 ? ? 0.710 0.299 ? 1  1 0.918 ? ? ? ? ? ? ? ? ? ? 
1.700 1.770  ? ? ? ? ? ? 1738 96.400  ? ? ? ? 0.626 ? ? ? ? ? ? ? ? 5.200 ? 0.697 ? ? 0.689 0.283 ? 2  1 0.916 ? ? ? ? ? ? ? ? ? ? 
1.770 1.850  ? ? ? ? ? ? 1791 98.800  ? ? ? ? 0.589 ? ? ? ? ? ? ? ? 5.700 ? 0.769 ? ? 0.647 0.264 ? 3  1 0.862 ? ? ? ? ? ? ? ? ? ? 
1.850 1.940  ? ? ? ? ? ? 1782 99.100  ? ? ? ? 0.487 ? ? ? ? ? ? ? ? 6.200 ? 0.880 ? ? 0.531 0.209 ? 4  1 0.895 ? ? ? ? ? ? ? ? ? ? 
1.940 2.070  ? ? ? ? ? ? 1832 100.000 ? ? ? ? 0.381 ? ? ? ? ? ? ? ? 6.700 ? 1.081 ? ? 0.413 0.158 ? 5  1 0.934 ? ? ? ? ? ? ? ? ? ? 
2.070 2.230  ? ? ? ? ? ? 1782 99.900  ? ? ? ? 0.309 ? ? ? ? ? ? ? ? 6.700 ? 1.296 ? ? 0.335 0.128 ? 6  1 0.941 ? ? ? ? ? ? ? ? ? ? 
2.230 2.450  ? ? ? ? ? ? 1799 99.300  ? ? ? ? 0.230 ? ? ? ? ? ? ? ? 6.400 ? 1.652 ? ? 0.251 0.099 ? 7  1 0.970 ? ? ? ? ? ? ? ? ? ? 
2.450 2.800  ? ? ? ? ? ? 1837 99.800  ? ? ? ? 0.174 ? ? ? ? ? ? ? ? 6.900 ? 1.989 ? ? 0.188 0.072 ? 8  1 0.983 ? ? ? ? ? ? ? ? ? ? 
2.800 3.530  ? ? ? ? ? ? 1825 99.000  ? ? ? ? 0.117 ? ? ? ? ? ? ? ? 6.300 ? 2.819 ? ? 0.128 0.051 ? 9  1 0.990 ? ? ? ? ? ? ? ? ? ? 
3.530 50.000 ? ? ? ? ? ? 1876 99.400  ? ? ? ? 0.102 ? ? ? ? ? ? ? ? 6.500 ? 2.803 ? ? 0.111 0.045 ? 10 1 0.986 ? ? ? ? ? ? ? ? ? ? 
# 
_refine.aniso_B[1][1]                            ? 
_refine.aniso_B[1][2]                            ? 
_refine.aniso_B[1][3]                            ? 
_refine.aniso_B[2][2]                            ? 
_refine.aniso_B[2][3]                            ? 
_refine.aniso_B[3][3]                            ? 
_refine.B_iso_max                                96.980 
_refine.B_iso_mean                               39.0723 
_refine.B_iso_min                                14.740 
_refine.correlation_coeff_Fo_to_Fc               ? 
_refine.correlation_coeff_Fo_to_Fc_free          ? 
_refine.details                                  ? 
_refine.diff_density_max                         ? 
_refine.diff_density_max_esd                     ? 
_refine.diff_density_min                         ? 
_refine.diff_density_min_esd                     ? 
_refine.diff_density_rms                         ? 
_refine.diff_density_rms_esd                     ? 
_refine.entry_id                                 7EOH 
_refine.pdbx_refine_id                           'X-RAY DIFFRACTION' 
_refine.ls_abs_structure_details                 ? 
_refine.ls_abs_structure_Flack                   ? 
_refine.ls_abs_structure_Flack_esd               ? 
_refine.ls_abs_structure_Rogers                  ? 
_refine.ls_abs_structure_Rogers_esd              ? 
_refine.ls_d_res_high                            1.6370 
_refine.ls_d_res_low                             36.5610 
_refine.ls_extinction_coef                       ? 
_refine.ls_extinction_coef_esd                   ? 
_refine.ls_extinction_expression                 ? 
_refine.ls_extinction_method                     ? 
_refine.ls_goodness_of_fit_all                   ? 
_refine.ls_goodness_of_fit_all_esd               ? 
_refine.ls_goodness_of_fit_obs                   ? 
_refine.ls_goodness_of_fit_obs_esd               ? 
_refine.ls_hydrogen_treatment                    ? 
_refine.ls_matrix_type                           ? 
_refine.ls_number_constraints                    ? 
_refine.ls_number_parameters                     ? 
_refine.ls_number_reflns_all                     ? 
_refine.ls_number_reflns_obs                     17859 
_refine.ls_number_reflns_R_free                  915 
_refine.ls_number_reflns_R_work                  16944 
_refine.ls_number_restraints                     ? 
_refine.ls_percent_reflns_obs                    97.0200 
_refine.ls_percent_reflns_R_free                 5.1200 
_refine.ls_R_factor_all                          ? 
_refine.ls_R_factor_obs                          0.1993 
_refine.ls_R_factor_R_free                       0.2329 
_refine.ls_R_factor_R_free_error                 ? 
_refine.ls_R_factor_R_free_error_details         ? 
_refine.ls_R_factor_R_work                       0.1974 
_refine.ls_R_Fsqd_factor_obs                     ? 
_refine.ls_R_I_factor_obs                        ? 
_refine.ls_redundancy_reflns_all                 ? 
_refine.ls_redundancy_reflns_obs                 ? 
_refine.ls_restrained_S_all                      ? 
_refine.ls_restrained_S_obs                      ? 
_refine.ls_shift_over_esd_max                    ? 
_refine.ls_shift_over_esd_mean                   ? 
_refine.ls_structure_factor_coef                 ? 
_refine.ls_weighting_details                     ? 
_refine.ls_weighting_scheme                      ? 
_refine.ls_wR_factor_all                         ? 
_refine.ls_wR_factor_obs                         ? 
_refine.ls_wR_factor_R_free                      ? 
_refine.ls_wR_factor_R_work                      ? 
_refine.occupancy_max                            ? 
_refine.occupancy_min                            ? 
_refine.solvent_model_details                    'FLAT BULK SOLVENT MODEL' 
_refine.solvent_model_param_bsol                 ? 
_refine.solvent_model_param_ksol                 ? 
_refine.pdbx_R_complete                          ? 
_refine.ls_R_factor_gt                           ? 
_refine.ls_goodness_of_fit_gt                    ? 
_refine.ls_goodness_of_fit_ref                   ? 
_refine.ls_shift_over_su_max                     ? 
_refine.ls_shift_over_su_max_lt                  ? 
_refine.ls_shift_over_su_mean                    ? 
_refine.ls_shift_over_su_mean_lt                 ? 
_refine.pdbx_ls_sigma_I                          ? 
_refine.pdbx_ls_sigma_F                          1.370 
_refine.pdbx_ls_sigma_Fsqd                       ? 
_refine.pdbx_data_cutoff_high_absF               ? 
_refine.pdbx_data_cutoff_high_rms_absF           ? 
_refine.pdbx_data_cutoff_low_absF                ? 
_refine.pdbx_isotropic_thermal_model             ? 
_refine.pdbx_ls_cross_valid_method               THROUGHOUT 
_refine.pdbx_method_to_determine_struct          'MOLECULAR REPLACEMENT' 
_refine.pdbx_starting_model                      7EOG 
_refine.pdbx_stereochemistry_target_values       ML 
_refine.pdbx_R_Free_selection_details            ? 
_refine.pdbx_stereochem_target_val_spec_case     ? 
_refine.pdbx_overall_ESU_R                       ? 
_refine.pdbx_overall_ESU_R_Free                  ? 
_refine.pdbx_solvent_vdw_probe_radii             1.1100 
_refine.pdbx_solvent_ion_probe_radii             ? 
_refine.pdbx_solvent_shrinkage_radii             0.9000 
_refine.pdbx_real_space_R                        ? 
_refine.pdbx_density_correlation                 ? 
_refine.pdbx_pd_number_of_powder_patterns        ? 
_refine.pdbx_pd_number_of_points                 ? 
_refine.pdbx_pd_meas_number_of_points            ? 
_refine.pdbx_pd_proc_ls_prof_R_factor            ? 
_refine.pdbx_pd_proc_ls_prof_wR_factor           ? 
_refine.pdbx_pd_Marquardt_correlation_coeff      ? 
_refine.pdbx_pd_Fsqrd_R_factor                   ? 
_refine.pdbx_pd_ls_matrix_band_width             ? 
_refine.pdbx_overall_phase_error                 29.3800 
_refine.pdbx_overall_SU_R_free_Cruickshank_DPI   ? 
_refine.pdbx_overall_SU_R_free_Blow_DPI          ? 
_refine.pdbx_overall_SU_R_Blow_DPI               ? 
_refine.pdbx_TLS_residual_ADP_flag               ? 
_refine.pdbx_diffrn_id                           1 
_refine.overall_SU_B                             ? 
_refine.overall_SU_ML                            0.2200 
_refine.overall_SU_R_Cruickshank_DPI             ? 
_refine.overall_SU_R_free                        ? 
_refine.overall_FOM_free_R_set                   ? 
_refine.overall_FOM_work_R_set                   ? 
_refine.pdbx_average_fsc_overall                 ? 
_refine.pdbx_average_fsc_work                    ? 
_refine.pdbx_average_fsc_free                    ? 
# 
_refine_hist.pdbx_refine_id                   'X-RAY DIFFRACTION' 
_refine_hist.cycle_id                         final 
_refine_hist.details                          ? 
_refine_hist.d_res_high                       1.6370 
_refine_hist.d_res_low                        36.5610 
_refine_hist.number_atoms_solvent             144 
_refine_hist.number_atoms_total               1222 
_refine_hist.number_reflns_all                ? 
_refine_hist.number_reflns_obs                ? 
_refine_hist.number_reflns_R_free             ? 
_refine_hist.number_reflns_R_work             ? 
_refine_hist.R_factor_all                     ? 
_refine_hist.R_factor_obs                     ? 
_refine_hist.R_factor_R_free                  ? 
_refine_hist.R_factor_R_work                  ? 
_refine_hist.pdbx_number_residues_total       49 
_refine_hist.pdbx_B_iso_mean_ligand           28.94 
_refine_hist.pdbx_B_iso_mean_solvent          35.30 
_refine_hist.pdbx_number_atoms_protein        0 
_refine_hist.pdbx_number_atoms_nucleic_acid   1050 
_refine_hist.pdbx_number_atoms_ligand         28 
_refine_hist.pdbx_number_atoms_lipid          ? 
_refine_hist.pdbx_number_atoms_carb           ? 
_refine_hist.pdbx_pseudo_atom_details         ? 
# 
loop_
_refine_ls_shell.pdbx_refine_id 
_refine_ls_shell.d_res_high 
_refine_ls_shell.d_res_low 
_refine_ls_shell.number_reflns_all 
_refine_ls_shell.number_reflns_obs 
_refine_ls_shell.number_reflns_R_free 
_refine_ls_shell.number_reflns_R_work 
_refine_ls_shell.percent_reflns_obs 
_refine_ls_shell.percent_reflns_R_free 
_refine_ls_shell.R_factor_all 
_refine_ls_shell.R_factor_obs 
_refine_ls_shell.R_factor_R_free 
_refine_ls_shell.R_factor_R_free_error 
_refine_ls_shell.R_factor_R_work 
_refine_ls_shell.redundancy_reflns_all 
_refine_ls_shell.redundancy_reflns_obs 
_refine_ls_shell.wR_factor_all 
_refine_ls_shell.wR_factor_obs 
_refine_ls_shell.wR_factor_R_free 
_refine_ls_shell.wR_factor_R_work 
_refine_ls_shell.pdbx_R_complete 
_refine_ls_shell.pdbx_total_number_of_bins_used 
_refine_ls_shell.pdbx_phase_error 
_refine_ls_shell.pdbx_fsc_work 
_refine_ls_shell.pdbx_fsc_free 
'X-RAY DIFFRACTION' 1.6370 1.7233  . . 112 2088 84.0000  . . . 0.3228 0.0000 0.2958 . . . . . . . . . . . 
'X-RAY DIFFRACTION' 1.7233 1.8313  . . 116 2428 98.0000  . . . 0.2951 0.0000 0.2551 . . . . . . . . . . . 
'X-RAY DIFFRACTION' 1.8313 1.9727  . . 135 2435 99.0000  . . . 0.2407 0.0000 0.2306 . . . . . . . . . . . 
'X-RAY DIFFRACTION' 1.9727 2.1712  . . 127 2494 100.0000 . . . 0.2625 0.0000 0.2089 . . . . . . . . . . . 
'X-RAY DIFFRACTION' 2.1712 2.4853  . . 132 2479 99.0000  . . . 0.2820 0.0000 0.2162 . . . . . . . . . . . 
'X-RAY DIFFRACTION' 2.4853 3.1310  . . 151 2482 100.0000 . . . 0.2460 0.0000 0.2159 . . . . . . . . . . . 
'X-RAY DIFFRACTION' 3.1310 36.5610 . . 142 2538 99.0000  . . . 0.1965 0.0000 0.1657 . . . . . . . . . . . 
# 
_struct.entry_id                     7EOH 
_struct.title                        'Crystal structure of the Pepper aptamer in complex with HBC' 
_struct.pdbx_model_details           ? 
_struct.pdbx_formula_weight          ? 
_struct.pdbx_formula_weight_method   ? 
_struct.pdbx_model_type_details      ? 
_struct.pdbx_CASP_flag               N 
# 
_struct_keywords.entry_id        7EOH 
_struct_keywords.text            'Fluorescent RNA, Aptamer, HBC, RNA' 
_struct_keywords.pdbx_keywords   RNA 
# 
loop_
_struct_asym.id 
_struct_asym.pdbx_blank_PDB_chainid_flag 
_struct_asym.pdbx_modified 
_struct_asym.entity_id 
_struct_asym.details 
A N N 1 ? 
B N N 2 ? 
C N N 3 ? 
D N N 3 ? 
E N N 3 ? 
F N N 3 ? 
G N N 3 ? 
H N N 4 ? 
# 
loop_
_struct_conn.id 
_struct_conn.conn_type_id 
_struct_conn.pdbx_leaving_atom_flag 
_struct_conn.pdbx_PDB_id 
_struct_conn.ptnr1_label_asym_id 
_struct_conn.ptnr1_label_comp_id 
_struct_conn.ptnr1_label_seq_id 
_struct_conn.ptnr1_label_atom_id 
_struct_conn.pdbx_ptnr1_label_alt_id 
_struct_conn.pdbx_ptnr1_PDB_ins_code 
_struct_conn.pdbx_ptnr1_standard_comp_id 
_struct_conn.ptnr1_symmetry 
_struct_conn.ptnr2_label_asym_id 
_struct_conn.ptnr2_label_comp_id 
_struct_conn.ptnr2_label_seq_id 
_struct_conn.ptnr2_label_atom_id 
_struct_conn.pdbx_ptnr2_label_alt_id 
_struct_conn.pdbx_ptnr2_PDB_ins_code 
_struct_conn.ptnr1_auth_asym_id 
_struct_conn.ptnr1_auth_comp_id 
_struct_conn.ptnr1_auth_seq_id 
_struct_conn.ptnr2_auth_asym_id 
_struct_conn.ptnr2_auth_comp_id 
_struct_conn.ptnr2_auth_seq_id 
_struct_conn.ptnr2_symmetry 
_struct_conn.pdbx_ptnr3_label_atom_id 
_struct_conn.pdbx_ptnr3_label_seq_id 
_struct_conn.pdbx_ptnr3_label_comp_id 
_struct_conn.pdbx_ptnr3_label_asym_id 
_struct_conn.pdbx_ptnr3_label_alt_id 
_struct_conn.pdbx_ptnr3_PDB_ins_code 
_struct_conn.details 
_struct_conn.pdbx_dist_value 
_struct_conn.pdbx_value_order 
_struct_conn.pdbx_role 
covale1  covale both ? A GDP 1  "O3'" ? ? ? 1_555 A G   2  P  ? ? A GDP 1   A G   2   1_555 ? ? ? ? ? ? ?                       
1.567 ? ? 
metalc1  metalc ?    ? A C   7  OP2   ? ? ? 1_555 F MG  .  MG ? ? A C   7   A MG  105 1_555 ? ? ? ? ? ? ?                       
2.011 ? ? 
metalc2  metalc ?    ? A U   8  OP2   ? ? ? 1_555 F MG  .  MG ? ? A U   8   A MG  105 1_555 ? ? ? ? ? ? ?                       
1.972 ? ? 
metalc3  metalc ?    ? A A   30 OP2   ? ? ? 1_555 E MG  .  MG ? ? A A   30  A MG  104 1_555 ? ? ? ? ? ? ?                       
2.004 ? ? 
metalc4  metalc ?    ? A U   32 OP2   ? ? ? 1_555 C MG  .  MG ? ? A U   32  A MG  102 1_555 ? ? ? ? ? ? ?                       
2.052 ? ? 
metalc5  metalc ?    ? A U   42 OP2   ? ? ? 1_555 D MG  .  MG ? ? A U   42  A MG  103 1_555 ? ? ? ? ? ? ?                       
1.986 ? ? 
metalc6  metalc ?    ? C MG  .  MG    ? ? ? 1_555 H HOH .  O  ? ? A MG  102 A HOH 217 1_555 ? ? ? ? ? ? ?                       
2.128 ? ? 
metalc7  metalc ?    ? C MG  .  MG    ? ? ? 1_555 H HOH .  O  ? ? A MG  102 A HOH 245 1_555 ? ? ? ? ? ? ?                       
2.128 ? ? 
metalc8  metalc ?    ? C MG  .  MG    ? ? ? 1_555 H HOH .  O  ? ? A MG  102 A HOH 286 1_555 ? ? ? ? ? ? ?                       
2.082 ? ? 
metalc9  metalc ?    ? C MG  .  MG    ? ? ? 1_555 H HOH .  O  ? ? A MG  102 A HOH 317 1_555 ? ? ? ? ? ? ?                       
2.062 ? ? 
metalc10 metalc ?    ? C MG  .  MG    ? ? ? 1_555 H HOH .  O  ? ? A MG  102 A HOH 324 1_555 ? ? ? ? ? ? ?                       
2.209 ? ? 
metalc11 metalc ?    ? D MG  .  MG    ? ? ? 1_555 H HOH .  O  ? ? A MG  103 A HOH 238 1_555 ? ? ? ? ? ? ?                       
1.976 ? ? 
metalc12 metalc ?    ? D MG  .  MG    ? ? ? 1_555 H HOH .  O  ? ? A MG  103 A HOH 277 1_555 ? ? ? ? ? ? ?                       
2.130 ? ? 
metalc13 metalc ?    ? D MG  .  MG    ? ? ? 1_555 H HOH .  O  ? ? A MG  103 A HOH 299 1_555 ? ? ? ? ? ? ?                       
2.084 ? ? 
metalc14 metalc ?    ? D MG  .  MG    ? ? ? 1_555 H HOH .  O  ? ? A MG  103 A HOH 308 1_555 ? ? ? ? ? ? ?                       
2.088 ? ? 
metalc15 metalc ?    ? D MG  .  MG    ? ? ? 1_555 H HOH .  O  ? ? A MG  103 A HOH 315 1_555 ? ? ? ? ? ? ?                       
2.114 ? ? 
metalc16 metalc ?    ? E MG  .  MG    ? ? ? 1_555 H HOH .  O  ? ? A MG  104 A HOH 215 1_555 ? ? ? ? ? ? ?                       
2.205 ? ? 
metalc17 metalc ?    ? E MG  .  MG    ? ? ? 1_555 H HOH .  O  ? ? A MG  104 A HOH 257 1_555 ? ? ? ? ? ? ?                       
2.153 ? ? 
metalc18 metalc ?    ? E MG  .  MG    ? ? ? 1_555 H HOH .  O  ? ? A MG  104 A HOH 258 1_555 ? ? ? ? ? ? ?                       
2.025 ? ? 
metalc19 metalc ?    ? E MG  .  MG    ? ? ? 1_555 H HOH .  O  ? ? A MG  104 A HOH 260 1_555 ? ? ? ? ? ? ?                       
2.104 ? ? 
metalc20 metalc ?    ? E MG  .  MG    ? ? ? 1_555 H HOH .  O  ? ? A MG  104 A HOH 311 1_555 ? ? ? ? ? ? ?                       
2.130 ? ? 
metalc21 metalc ?    ? F MG  .  MG    ? ? ? 1_555 H HOH .  O  ? ? A MG  105 A HOH 282 1_555 ? ? ? ? ? ? ?                       
2.085 ? ? 
metalc22 metalc ?    ? F MG  .  MG    ? ? ? 1_555 H HOH .  O  ? ? A MG  105 A HOH 284 1_555 ? ? ? ? ? ? ?                       
2.081 ? ? 
metalc23 metalc ?    ? F MG  .  MG    ? ? ? 1_555 H HOH .  O  ? ? A MG  105 A HOH 287 1_555 ? ? ? ? ? ? ?                       
2.173 ? ? 
metalc24 metalc ?    ? G MG  .  MG    ? ? ? 1_555 H HOH .  O  ? ? A MG  106 A HOH 210 2_656 ? ? ? ? ? ? ?                       
2.217 ? ? 
metalc25 metalc ?    ? G MG  .  MG    ? ? ? 1_555 H HOH .  O  ? ? A MG  106 A HOH 261 1_555 ? ? ? ? ? ? ?                       
2.183 ? ? 
metalc26 metalc ?    ? G MG  .  MG    ? ? ? 1_555 H HOH .  O  ? ? A MG  106 A HOH 276 1_555 ? ? ? ? ? ? ?                       
1.895 ? ? 
metalc27 metalc ?    ? G MG  .  MG    ? ? ? 1_555 H HOH .  O  ? ? A MG  106 A HOH 303 2_656 ? ? ? ? ? ? ?                       
2.114 ? ? 
metalc28 metalc ?    ? G MG  .  MG    ? ? ? 1_555 H HOH .  O  ? ? A MG  106 A HOH 341 2_656 ? ? ? ? ? ? ?                       
2.172 ? ? 
metalc29 metalc ?    ? G MG  .  MG    ? ? ? 1_555 H HOH .  O  ? ? A MG  106 A HOH 344 1_555 ? ? ? ? ? ? ?                       
2.007 ? ? 
hydrog1  hydrog ?    ? A GDP 1  N1    ? ? ? 1_555 A C   49 N3 ? ? A GDP 1   A C   49  1_555 ? ? ? ? ? ? WATSON-CRICK            ? 
? ? 
hydrog2  hydrog ?    ? A GDP 1  N2    ? ? ? 1_555 A C   49 O2 ? ? A GDP 1   A C   49  1_555 ? ? ? ? ? ? WATSON-CRICK            ? 
? ? 
hydrog3  hydrog ?    ? A GDP 1  O6    ? ? ? 1_555 A C   49 N4 ? ? A GDP 1   A C   49  1_555 ? ? ? ? ? ? WATSON-CRICK            ? 
? ? 
hydrog4  hydrog ?    ? A G   2  N1    ? ? ? 1_555 A C   48 N3 ? ? A G   2   A C   48  1_555 ? ? ? ? ? ? WATSON-CRICK            ? 
? ? 
hydrog5  hydrog ?    ? A G   2  N2    ? ? ? 1_555 A C   48 O2 ? ? A G   2   A C   48  1_555 ? ? ? ? ? ? WATSON-CRICK            ? 
? ? 
hydrog6  hydrog ?    ? A G   2  O6    ? ? ? 1_555 A C   48 N4 ? ? A G   2   A C   48  1_555 ? ? ? ? ? ? WATSON-CRICK            ? 
? ? 
hydrog7  hydrog ?    ? A C   3  N3    ? ? ? 1_555 A G   47 N1 ? ? A C   3   A G   47  1_555 ? ? ? ? ? ? WATSON-CRICK            ? 
? ? 
hydrog8  hydrog ?    ? A C   3  N4    ? ? ? 1_555 A G   47 O6 ? ? A C   3   A G   47  1_555 ? ? ? ? ? ? WATSON-CRICK            ? 
? ? 
hydrog9  hydrog ?    ? A C   3  O2    ? ? ? 1_555 A G   47 N2 ? ? A C   3   A G   47  1_555 ? ? ? ? ? ? WATSON-CRICK            ? 
? ? 
hydrog10 hydrog ?    ? A G   4  N1    ? ? ? 1_555 A C   46 N3 ? ? A G   4   A C   46  1_555 ? ? ? ? ? ? WATSON-CRICK            ? 
? ? 
hydrog11 hydrog ?    ? A G   4  N2    ? ? ? 1_555 A C   46 O2 ? ? A G   4   A C   46  1_555 ? ? ? ? ? ? WATSON-CRICK            ? 
? ? 
hydrog12 hydrog ?    ? A G   4  O6    ? ? ? 1_555 A C   46 N4 ? ? A G   4   A C   46  1_555 ? ? ? ? ? ? WATSON-CRICK            ? 
? ? 
hydrog13 hydrog ?    ? A C   5  N3    ? ? ? 1_555 A G   45 N1 ? ? A C   5   A G   45  1_555 ? ? ? ? ? ? WATSON-CRICK            ? 
? ? 
hydrog14 hydrog ?    ? A C   5  N4    ? ? ? 1_555 A G   45 O6 ? ? A C   5   A G   45  1_555 ? ? ? ? ? ? WATSON-CRICK            ? 
? ? 
hydrog15 hydrog ?    ? A C   5  O2    ? ? ? 1_555 A G   45 N2 ? ? A C   5   A G   45  1_555 ? ? ? ? ? ? WATSON-CRICK            ? 
? ? 
hydrog16 hydrog ?    ? A C   7  N3    ? ? ? 1_555 A G   44 N1 ? ? A C   7   A G   44  1_555 ? ? ? ? ? ? WATSON-CRICK            ? 
? ? 
hydrog17 hydrog ?    ? A C   7  N4    ? ? ? 1_555 A G   44 O6 ? ? A C   7   A G   44  1_555 ? ? ? ? ? ? WATSON-CRICK            ? 
? ? 
hydrog18 hydrog ?    ? A C   7  O2    ? ? ? 1_555 A G   44 N2 ? ? A C   7   A G   44  1_555 ? ? ? ? ? ? WATSON-CRICK            ? 
? ? 
hydrog19 hydrog ?    ? A U   8  O4    ? ? ? 1_555 A G   41 N2 ? ? A U   8   A G   41  1_555 ? ? ? ? ? ? 'U-G MISPAIR'           ? 
? ? 
hydrog20 hydrog ?    ? A U   8  N3    ? ? ? 1_555 A U   42 O4 ? ? A U   8   A U   42  1_555 ? ? ? ? ? ? TYPE_16_PAIR            ? 
? ? 
hydrog21 hydrog ?    ? A U   8  O2    ? ? ? 1_555 A U   42 N3 ? ? A U   8   A U   42  1_555 ? ? ? ? ? ? TYPE_16_PAIR            ? 
? ? 
hydrog22 hydrog ?    ? A G   9  N1    ? ? ? 1_555 A C   33 O2 ? ? A G   9   A C   33  1_555 ? ? ? ? ? ? 'REVERSED WATSON-CRICK' ? 
? ? 
hydrog23 hydrog ?    ? A G   9  N2    ? ? ? 1_555 A C   33 N3 ? ? A G   9   A C   33  1_555 ? ? ? ? ? ? 'REVERSED WATSON-CRICK' ? 
? ? 
hydrog24 hydrog ?    ? A G   10 N1    ? ? ? 1_555 A U   40 O2 ? ? A G   10  A U   40  1_555 ? ? ? ? ? ? TYPE_28_PAIR            ? 
? ? 
hydrog25 hydrog ?    ? A G   10 O6    ? ? ? 1_555 A U   40 N3 ? ? A G   10  A U   40  1_555 ? ? ? ? ? ? TYPE_28_PAIR            ? 
? ? 
hydrog26 hydrog ?    ? A C   11 N3    ? ? ? 1_555 A G   39 N1 ? ? A C   11  A G   39  1_555 ? ? ? ? ? ? WATSON-CRICK            ? 
? ? 
hydrog27 hydrog ?    ? A C   11 N4    ? ? ? 1_555 A G   39 O6 ? ? A C   11  A G   39  1_555 ? ? ? ? ? ? WATSON-CRICK            ? 
? ? 
hydrog28 hydrog ?    ? A C   11 O2    ? ? ? 1_555 A G   39 N2 ? ? A C   11  A G   39  1_555 ? ? ? ? ? ? WATSON-CRICK            ? 
? ? 
hydrog29 hydrog ?    ? A G   12 N1    ? ? ? 1_555 A C   38 N3 ? ? A G   12  A C   38  1_555 ? ? ? ? ? ? WATSON-CRICK            ? 
? ? 
hydrog30 hydrog ?    ? A G   12 N2    ? ? ? 1_555 A C   38 O2 ? ? A G   12  A C   38  1_555 ? ? ? ? ? ? WATSON-CRICK            ? 
? ? 
hydrog31 hydrog ?    ? A G   12 O6    ? ? ? 1_555 A C   38 N4 ? ? A G   12  A C   38  1_555 ? ? ? ? ? ? WATSON-CRICK            ? 
? ? 
hydrog32 hydrog ?    ? A C   13 N3    ? ? ? 1_555 A G   37 N1 ? ? A C   13  A G   37  1_555 ? ? ? ? ? ? WATSON-CRICK            ? 
? ? 
hydrog33 hydrog ?    ? A C   13 N4    ? ? ? 1_555 A G   37 O6 ? ? A C   13  A G   37  1_555 ? ? ? ? ? ? WATSON-CRICK            ? 
? ? 
hydrog34 hydrog ?    ? A C   13 O2    ? ? ? 1_555 A G   37 N2 ? ? A C   13  A G   37  1_555 ? ? ? ? ? ? WATSON-CRICK            ? 
? ? 
hydrog35 hydrog ?    ? A U   14 N3    ? ? ? 1_555 A A   36 N1 ? ? A U   14  A A   36  1_555 ? ? ? ? ? ? WATSON-CRICK            ? 
? ? 
hydrog36 hydrog ?    ? A U   14 O4    ? ? ? 1_555 A A   36 N6 ? ? A U   14  A A   36  1_555 ? ? ? ? ? ? WATSON-CRICK            ? 
? ? 
hydrog37 hydrog ?    ? A G   15 N1    ? ? ? 1_555 A C   28 N3 ? ? A G   15  A C   28  1_555 ? ? ? ? ? ? WATSON-CRICK            ? 
? ? 
hydrog38 hydrog ?    ? A G   15 N2    ? ? ? 1_555 A C   28 O2 ? ? A G   15  A C   28  1_555 ? ? ? ? ? ? WATSON-CRICK            ? 
? ? 
hydrog39 hydrog ?    ? A G   15 O6    ? ? ? 1_555 A C   28 N4 ? ? A G   15  A C   28  1_555 ? ? ? ? ? ? WATSON-CRICK            ? 
? ? 
hydrog40 hydrog ?    ? A C   16 N3    ? ? ? 1_555 A G   27 N1 ? ? A C   16  A G   27  1_555 ? ? ? ? ? ? WATSON-CRICK            ? 
? ? 
hydrog41 hydrog ?    ? A C   16 N4    ? ? ? 1_555 A G   27 O6 ? ? A C   16  A G   27  1_555 ? ? ? ? ? ? WATSON-CRICK            ? 
? ? 
hydrog42 hydrog ?    ? A C   16 O2    ? ? ? 1_555 A G   27 N2 ? ? A C   16  A G   27  1_555 ? ? ? ? ? ? WATSON-CRICK            ? 
? ? 
hydrog43 hydrog ?    ? A G   17 N1    ? ? ? 1_555 A C   26 N3 ? ? A G   17  A C   26  1_555 ? ? ? ? ? ? WATSON-CRICK            ? 
? ? 
hydrog44 hydrog ?    ? A G   17 N2    ? ? ? 1_555 A C   26 O2 ? ? A G   17  A C   26  1_555 ? ? ? ? ? ? WATSON-CRICK            ? 
? ? 
hydrog45 hydrog ?    ? A G   17 O6    ? ? ? 1_555 A C   26 N4 ? ? A G   17  A C   26  1_555 ? ? ? ? ? ? WATSON-CRICK            ? 
? ? 
hydrog46 hydrog ?    ? A C   18 N3    ? ? ? 1_555 A G   25 N1 ? ? A C   18  A G   25  1_555 ? ? ? ? ? ? WATSON-CRICK            ? 
? ? 
hydrog47 hydrog ?    ? A C   18 N4    ? ? ? 1_555 A G   25 O6 ? ? A C   18  A G   25  1_555 ? ? ? ? ? ? WATSON-CRICK            ? 
? ? 
hydrog48 hydrog ?    ? A C   18 O2    ? ? ? 1_555 A G   25 N2 ? ? A C   18  A G   25  1_555 ? ? ? ? ? ? WATSON-CRICK            ? 
? ? 
hydrog49 hydrog ?    ? A C   19 N3    ? ? ? 1_555 A G   24 N1 ? ? A C   19  A G   24  1_555 ? ? ? ? ? ? WATSON-CRICK            ? 
? ? 
hydrog50 hydrog ?    ? A C   19 N4    ? ? ? 1_555 A G   24 O6 ? ? A C   19  A G   24  1_555 ? ? ? ? ? ? WATSON-CRICK            ? 
? ? 
hydrog51 hydrog ?    ? A C   19 O2    ? ? ? 1_555 A G   24 N2 ? ? A C   19  A G   24  1_555 ? ? ? ? ? ? WATSON-CRICK            ? 
? ? 
hydrog52 hydrog ?    ? A U   20 O2    ? ? ? 1_555 A G   23 N1 ? ? A U   20  A G   23  1_555 ? ? ? ? ? ? 'U-G MISPAIR'           ? 
? ? 
hydrog53 hydrog ?    ? A U   32 N3    ? ? ? 1_555 A U   35 O4 ? ? A U   32  A U   35  1_555 ? ? ? ? ? ? 'U-U MISPAIR'           ? 
? ? 
hydrog54 hydrog ?    ? A C   33 N4    ? ? ? 1_555 A U   40 O4 ? ? A C   33  A U   40  1_555 ? ? ? ? ? ? 'C-U MISPAIR'           ? 
? ? 
hydrog55 hydrog ?    ? A G   34 N2    ? ? ? 1_555 A G   39 N7 ? ? A G   34  A G   39  1_555 ? ? ? ? ? ? 'G-G MISPAIR'           ? 
? ? 
# 
loop_
_struct_conn_type.id 
_struct_conn_type.criteria 
_struct_conn_type.reference 
covale ? ? 
metalc ? ? 
hydrog ? ? 
# 
_atom_sites.entry_id                    7EOH 
_atom_sites.Cartn_transf_matrix[1][1]   ? 
_atom_sites.Cartn_transf_matrix[1][2]   ? 
_atom_sites.Cartn_transf_matrix[1][3]   ? 
_atom_sites.Cartn_transf_matrix[2][1]   ? 
_atom_sites.Cartn_transf_matrix[2][2]   ? 
_atom_sites.Cartn_transf_matrix[2][3]   ? 
_atom_sites.Cartn_transf_matrix[3][1]   ? 
_atom_sites.Cartn_transf_matrix[3][2]   ? 
_atom_sites.Cartn_transf_matrix[3][3]   ? 
_atom_sites.Cartn_transf_vector[1]      ? 
_atom_sites.Cartn_transf_vector[2]      ? 
_atom_sites.Cartn_transf_vector[3]      ? 
_atom_sites.fract_transf_matrix[1][1]   0.01026858 
_atom_sites.fract_transf_matrix[1][2]   0.00805557 
_atom_sites.fract_transf_matrix[1][3]   -0.00408462 
_atom_sites.fract_transf_matrix[2][1]   0.01694511 
_atom_sites.fract_transf_matrix[2][2]   -0.01151614 
_atom_sites.fract_transf_matrix[2][3]   0.01988757 
_atom_sites.fract_transf_matrix[3][1]   0.01503484 
_atom_sites.fract_transf_matrix[3][2]   -0.00416337 
_atom_sites.fract_transf_matrix[3][3]   -0.01522122 
_atom_sites.fract_transf_vector[1]      0.337764 
_atom_sites.fract_transf_vector[2]      0.515485 
_atom_sites.fract_transf_vector[3]      -0.043252 
_atom_sites.solution_primary            ? 
_atom_sites.solution_secondary          ? 
_atom_sites.solution_hydrogens          ? 
_atom_sites.special_details             ? 
# 
loop_
_atom_type.symbol 
C  
MG 
N  
O  
P  
# 
loop_
_atom_site.group_PDB 
_atom_site.id 
_atom_site.type_symbol 
_atom_site.label_atom_id 
_atom_site.label_alt_id 
_atom_site.label_comp_id 
_atom_site.label_asym_id 
_atom_site.label_entity_id 
_atom_site.label_seq_id 
_atom_site.pdbx_PDB_ins_code 
_atom_site.Cartn_x 
_atom_site.Cartn_y 
_atom_site.Cartn_z 
_atom_site.occupancy 
_atom_site.B_iso_or_equiv 
_atom_site.pdbx_formal_charge 
_atom_site.auth_seq_id 
_atom_site.auth_comp_id 
_atom_site.auth_asym_id 
_atom_site.auth_atom_id 
_atom_site.pdbx_PDB_model_num 
HETATM 1    P  PB    . GDP A 1 1  ? 14.897  -2.088  -19.568 1.00 44.74 ? 1   GDP A PB    1 
HETATM 2    O  O1B   . GDP A 1 1  ? 15.578  -1.593  -18.310 1.00 42.02 ? 1   GDP A O1B   1 
HETATM 3    O  O2B   . GDP A 1 1  ? 15.746  -1.782  -20.791 1.00 33.74 ? 1   GDP A O2B   1 
HETATM 4    O  O3B   . GDP A 1 1  ? 14.629  -3.575  -19.484 1.00 40.25 ? 1   GDP A O3B   1 
HETATM 5    O  O3A   . GDP A 1 1  ? 13.528  -1.306  -19.838 1.00 40.13 ? 1   GDP A O3A   1 
HETATM 6    P  PA    . GDP A 1 1  ? 12.570  -0.562  -18.776 1.00 37.82 ? 1   GDP A PA    1 
HETATM 7    O  O1A   . GDP A 1 1  ? 12.046  -1.510  -17.726 1.00 37.41 ? 1   GDP A O1A   1 
HETATM 8    O  O2A   . GDP A 1 1  ? 13.154  0.703   -18.200 1.00 37.97 ? 1   GDP A O2A   1 
HETATM 9    O  "O5'" . GDP A 1 1  ? 11.446  -0.212  -19.860 1.00 31.76 ? 1   GDP A "O5'" 1 
HETATM 10   C  "C5'" . GDP A 1 1  ? 11.503  1.004   -20.593 1.00 29.72 ? 1   GDP A "C5'" 1 
HETATM 11   C  "C4'" . GDP A 1 1  ? 10.592  0.855   -21.799 1.00 28.79 ? 1   GDP A "C4'" 1 
HETATM 12   O  "O4'" . GDP A 1 1  ? 11.055  -0.209  -22.625 1.00 31.33 ? 1   GDP A "O4'" 1 
HETATM 13   C  "C3'" . GDP A 1 1  ? 9.177   0.438   -21.410 1.00 28.25 ? 1   GDP A "C3'" 1 
HETATM 14   O  "O3'" . GDP A 1 1  ? 8.373   1.552   -21.026 1.00 28.25 ? 1   GDP A "O3'" 1 
HETATM 15   C  "C2'" . GDP A 1 1  ? 8.702   -0.228  -22.681 1.00 28.52 ? 1   GDP A "C2'" 1 
HETATM 16   O  "O2'" . GDP A 1 1  ? 8.394   0.767   -23.657 1.00 26.95 ? 1   GDP A "O2'" 1 
HETATM 17   C  "C1'" . GDP A 1 1  ? 9.948   -0.915  -23.181 1.00 26.30 ? 1   GDP A "C1'" 1 
HETATM 18   N  N9    . GDP A 1 1  ? 10.031  -2.308  -22.715 1.00 24.87 ? 1   GDP A N9    1 
HETATM 19   C  C8    . GDP A 1 1  ? 10.855  -2.761  -21.754 1.00 28.07 ? 1   GDP A C8    1 
HETATM 20   N  N7    . GDP A 1 1  ? 10.695  -4.091  -21.552 1.00 28.42 ? 1   GDP A N7    1 
HETATM 21   C  C5    . GDP A 1 1  ? 9.741   -4.502  -22.403 1.00 23.61 ? 1   GDP A C5    1 
HETATM 22   C  C6    . GDP A 1 1  ? 9.094   -5.788  -22.716 1.00 25.70 ? 1   GDP A C6    1 
HETATM 23   O  O6    . GDP A 1 1  ? 9.414   -6.835  -22.116 1.00 26.42 ? 1   GDP A O6    1 
HETATM 24   N  N1    . GDP A 1 1  ? 8.152   -5.787  -23.665 1.00 24.43 ? 1   GDP A N1    1 
HETATM 25   C  C2    . GDP A 1 1  ? 7.788   -4.672  -24.318 1.00 22.41 ? 1   GDP A C2    1 
HETATM 26   N  N2    . GDP A 1 1  ? 6.825   -4.775  -25.256 1.00 22.85 ? 1   GDP A N2    1 
HETATM 27   N  N3    . GDP A 1 1  ? 8.340   -3.451  -24.095 1.00 21.59 ? 1   GDP A N3    1 
HETATM 28   C  C4    . GDP A 1 1  ? 9.307   -3.325  -23.165 1.00 22.10 ? 1   GDP A C4    1 
ATOM   29   P  P     . G   A 1 2  ? 7.324   1.257   -19.900 1.00 28.52 ? 2   G   A P     1 
ATOM   30   O  OP1   . G   A 1 2  ? 6.860   2.635   -19.618 1.00 31.07 ? 2   G   A OP1   1 
ATOM   31   O  OP2   . G   A 1 2  ? 7.704   0.312   -18.821 1.00 27.68 ? 2   G   A OP2   1 
ATOM   32   O  "O5'" . G   A 1 2  ? 6.245   0.510   -20.795 1.00 29.22 ? 2   G   A "O5'" 1 
ATOM   33   C  "C5'" . G   A 1 2  ? 5.516   1.211   -21.790 1.00 28.56 ? 2   G   A "C5'" 1 
ATOM   34   C  "C4'" . G   A 1 2  ? 4.586   0.287   -22.526 1.00 28.02 ? 2   G   A "C4'" 1 
ATOM   35   O  "O4'" . G   A 1 2  ? 5.348   -0.801  -23.120 1.00 30.16 ? 2   G   A "O4'" 1 
ATOM   36   C  "C3'" . G   A 1 2  ? 3.555   -0.429  -21.680 1.00 27.93 ? 2   G   A "C3'" 1 
ATOM   37   O  "O3'" . G   A 1 2  ? 2.446   0.383   -21.342 1.00 27.30 ? 2   G   A "O3'" 1 
ATOM   38   C  "C2'" . G   A 1 2  ? 3.203   -1.616  -22.556 1.00 26.95 ? 2   G   A "C2'" 1 
ATOM   39   O  "O2'" . G   A 1 2  ? 2.426   -1.186  -23.661 1.00 31.94 ? 2   G   A "O2'" 1 
ATOM   40   C  "C1'" . G   A 1 2  ? 4.578   -1.987  -23.092 1.00 27.22 ? 2   G   A "C1'" 1 
ATOM   41   N  N9    . G   A 1 2  ? 5.267   -2.967  -22.237 1.00 23.26 ? 2   G   A N9    1 
ATOM   42   C  C8    . G   A 1 2  ? 6.262   -2.691  -21.341 1.00 23.53 ? 2   G   A C8    1 
ATOM   43   N  N7    . G   A 1 2  ? 6.703   -3.749  -20.735 1.00 22.25 ? 2   G   A N7    1 
ATOM   44   C  C5    . G   A 1 2  ? 5.962   -4.796  -21.282 1.00 21.26 ? 2   G   A C5    1 
ATOM   45   C  C6    . G   A 1 2  ? 5.994   -6.183  -21.011 1.00 20.00 ? 2   G   A C6    1 
ATOM   46   O  O6    . G   A 1 2  ? 6.732   -6.798  -20.232 1.00 26.94 ? 2   G   A O6    1 
ATOM   47   N  N1    . G   A 1 2  ? 5.067   -6.878  -21.769 1.00 23.51 ? 2   G   A N1    1 
ATOM   48   C  C2    . G   A 1 2  ? 4.205   -6.310  -22.673 1.00 20.85 ? 2   G   A C2    1 
ATOM   49   N  N2    . G   A 1 2  ? 3.355   -7.139  -23.308 1.00 23.44 ? 2   G   A N2    1 
ATOM   50   N  N3    . G   A 1 2  ? 4.165   -5.017  -22.931 1.00 24.33 ? 2   G   A N3    1 
ATOM   51   C  C4    . G   A 1 2  ? 5.060   -4.328  -22.202 1.00 21.72 ? 2   G   A C4    1 
ATOM   52   P  P     . C   A 1 3  ? 1.821   0.329   -19.868 1.00 28.46 ? 3   C   A P     1 
ATOM   53   O  OP1   . C   A 1 3  ? 0.730   1.343   -19.891 1.00 29.37 ? 3   C   A OP1   1 
ATOM   54   O  OP2   . C   A 1 3  ? 2.854   0.364   -18.808 1.00 28.32 ? 3   C   A OP2   1 
ATOM   55   O  "O5'" . C   A 1 3  ? 1.142   -1.101  -19.823 1.00 24.79 ? 3   C   A "O5'" 1 
ATOM   56   C  "C5'" . C   A 1 3  ? 0.036   -1.388  -20.659 1.00 25.66 ? 3   C   A "C5'" 1 
ATOM   57   C  "C4'" . C   A 1 3  ? -0.258  -2.866  -20.702 1.00 23.56 ? 3   C   A "C4'" 1 
ATOM   58   O  "O4'" . C   A 1 3  ? 0.890   -3.611  -21.201 1.00 23.78 ? 3   C   A "O4'" 1 
ATOM   59   C  "C3'" . C   A 1 3  ? -0.551  -3.538  -19.376 1.00 24.74 ? 3   C   A "C3'" 1 
ATOM   60   O  "O3'" . C   A 1 3  ? -1.838  -3.242  -18.854 1.00 24.08 ? 3   C   A "O3'" 1 
ATOM   61   C  "C2'" . C   A 1 3  ? -0.356  -5.001  -19.726 1.00 21.95 ? 3   C   A "C2'" 1 
ATOM   62   O  "O2'" . C   A 1 3  ? -1.465  -5.471  -20.477 1.00 25.13 ? 3   C   A "O2'" 1 
ATOM   63   C  "C1'" . C   A 1 3  ? 0.871   -4.914  -20.650 1.00 24.19 ? 3   C   A "C1'" 1 
ATOM   64   N  N1    . C   A 1 3  ? 2.098   -5.122  -19.854 1.00 21.55 ? 3   C   A N1    1 
ATOM   65   C  C2    . C   A 1 3  ? 2.438   -6.432  -19.547 1.00 20.79 ? 3   C   A C2    1 
ATOM   66   O  O2    . C   A 1 3  ? 1.729   -7.355  -19.993 1.00 22.33 ? 3   C   A O2    1 
ATOM   67   N  N3    . C   A 1 3  ? 3.519   -6.676  -18.768 1.00 23.56 ? 3   C   A N3    1 
ATOM   68   C  C4    . C   A 1 3  ? 4.237   -5.639  -18.315 1.00 24.23 ? 3   C   A C4    1 
ATOM   69   N  N4    . C   A 1 3  ? 5.302   -5.894  -17.559 1.00 25.27 ? 3   C   A N4    1 
ATOM   70   C  C5    . C   A 1 3  ? 3.887   -4.289  -18.595 1.00 24.26 ? 3   C   A C5    1 
ATOM   71   C  C6    . C   A 1 3  ? 2.807   -4.065  -19.354 1.00 21.35 ? 3   C   A C6    1 
ATOM   72   P  P     . G   A 1 4  ? -2.082  -3.263  -17.266 1.00 25.99 ? 4   G   A P     1 
ATOM   73   O  OP1   . G   A 1 4  ? -3.463  -2.736  -17.105 1.00 26.00 ? 4   G   A OP1   1 
ATOM   74   O  OP2   . G   A 1 4  ? -1.016  -2.541  -16.550 1.00 25.01 ? 4   G   A OP2   1 
ATOM   75   O  "O5'" . G   A 1 4  ? -2.054  -4.800  -16.877 1.00 23.37 ? 4   G   A "O5'" 1 
ATOM   76   C  "C5'" . G   A 1 4  ? -3.023  -5.689  -17.400 1.00 24.28 ? 4   G   A "C5'" 1 
ATOM   77   C  "C4'" . G   A 1 4  ? -2.647  -7.118  -17.132 1.00 25.02 ? 4   G   A "C4'" 1 
ATOM   78   O  "O4'" . G   A 1 4  ? -1.320  -7.389  -17.637 1.00 23.89 ? 4   G   A "O4'" 1 
ATOM   79   C  "C3'" . G   A 1 4  ? -2.574  -7.520  -15.671 1.00 26.43 ? 4   G   A "C3'" 1 
ATOM   80   O  "O3'" . G   A 1 4  ? -3.858  -7.804  -15.155 1.00 26.04 ? 4   G   A "O3'" 1 
ATOM   81   C  "C2'" . G   A 1 4  ? -1.658  -8.733  -15.705 1.00 25.40 ? 4   G   A "C2'" 1 
ATOM   82   O  "O2'" . G   A 1 4  ? -2.374  -9.880  -16.147 1.00 28.12 ? 4   G   A "O2'" 1 
ATOM   83   C  "C1'" . G   A 1 4  ? -0.680  -8.341  -16.813 1.00 24.16 ? 4   G   A "C1'" 1 
ATOM   84   N  N9    . G   A 1 4  ? 0.579   -7.762  -16.307 1.00 22.06 ? 4   G   A N9    1 
ATOM   85   C  C8    . G   A 1 4  ? 1.019   -6.470  -16.393 1.00 23.04 ? 4   G   A C8    1 
ATOM   86   N  N7    . G   A 1 4  ? 2.198   -6.290  -15.862 1.00 23.70 ? 4   G   A N7    1 
ATOM   87   C  C5    . G   A 1 4  ? 2.548   -7.549  -15.400 1.00 22.75 ? 4   G   A C5    1 
ATOM   88   C  C6    . G   A 1 4  ? 3.717   -7.991  -14.736 1.00 24.54 ? 4   G   A C6    1 
ATOM   89   O  O6    . G   A 1 4  ? 4.701   -7.315  -14.430 1.00 24.16 ? 4   G   A O6    1 
ATOM   90   N  N1    . G   A 1 4  ? 3.659   -9.347  -14.441 1.00 23.73 ? 4   G   A N1    1 
ATOM   91   C  C2    . G   A 1 4  ? 2.604   -10.165 -14.743 1.00 21.98 ? 4   G   A C2    1 
ATOM   92   N  N2    . G   A 1 4  ? 2.702   -11.446 -14.380 1.00 25.70 ? 4   G   A N2    1 
ATOM   93   N  N3    . G   A 1 4  ? 1.515   -9.777  -15.378 1.00 21.92 ? 4   G   A N3    1 
ATOM   94   C  C4    . G   A 1 4  ? 1.563   -8.464  -15.666 1.00 20.41 ? 4   G   A C4    1 
ATOM   95   P  P     . C   A 1 5  ? -4.221  -7.489  -13.626 1.00 27.89 ? 5   C   A P     1 
ATOM   96   O  OP1   . C   A 1 5  ? -5.674  -7.798  -13.533 1.00 28.24 ? 5   C   A OP1   1 
ATOM   97   O  OP2   . C   A 1 5  ? -3.725  -6.134  -13.256 1.00 24.24 ? 5   C   A OP2   1 
ATOM   98   O  "O5'" . C   A 1 5  ? -3.408  -8.583  -12.796 1.00 29.13 ? 5   C   A "O5'" 1 
ATOM   99   C  "C5'" . C   A 1 5  ? -3.774  -9.956  -12.862 1.00 27.57 ? 5   C   A "C5'" 1 
ATOM   100  C  "C4'" . C   A 1 5  ? -2.769  -10.833 -12.159 1.00 28.47 ? 5   C   A "C4'" 1 
ATOM   101  O  "O4'" . C   A 1 5  ? -1.457  -10.607 -12.719 1.00 27.40 ? 5   C   A "O4'" 1 
ATOM   102  C  "C3'" . C   A 1 5  ? -2.596  -10.592 -10.666 1.00 28.41 ? 5   C   A "C3'" 1 
ATOM   103  O  "O3'" . C   A 1 5  ? -3.532  -11.344 -9.911  1.00 30.49 ? 5   C   A "O3'" 1 
ATOM   104  C  "C2'" . C   A 1 5  ? -1.163  -11.041 -10.394 1.00 26.39 ? 5   C   A "C2'" 1 
ATOM   105  O  "O2'" . C   A 1 5  ? -1.116  -12.433 -10.116 1.00 31.30 ? 5   C   A "O2'" 1 
ATOM   106  C  "C1'" . C   A 1 5  ? -0.472  -10.798 -11.737 1.00 24.32 ? 5   C   A "C1'" 1 
ATOM   107  N  N1    . C   A 1 5  ? 0.431   -9.632  -11.733 1.00 23.10 ? 5   C   A N1    1 
ATOM   108  C  C2    . C   A 1 5  ? 1.711   -9.790  -11.195 1.00 24.52 ? 5   C   A C2    1 
ATOM   109  O  O2    . C   A 1 5  ? 2.010   -10.865 -10.678 1.00 26.75 ? 5   C   A O2    1 
ATOM   110  N  N3    . C   A 1 5  ? 2.580   -8.756  -11.211 1.00 23.83 ? 5   C   A N3    1 
ATOM   111  C  C4    . C   A 1 5  ? 2.214   -7.611  -11.778 1.00 22.98 ? 5   C   A C4    1 
ATOM   112  N  N4    . C   A 1 5  ? 3.109   -6.613  -11.777 1.00 25.04 ? 5   C   A N4    1 
ATOM   113  C  C5    . C   A 1 5  ? 0.926   -7.425  -12.366 1.00 23.87 ? 5   C   A C5    1 
ATOM   114  C  C6    . C   A 1 5  ? 0.059   -8.454  -12.328 1.00 23.89 ? 5   C   A C6    1 
ATOM   115  P  P     . A   A 1 6  ? -4.509  -10.673 -8.832  1.00 30.04 ? 6   A   A P     1 
ATOM   116  O  OP1   . A   A 1 6  ? -5.316  -11.808 -8.306  1.00 29.14 ? 6   A   A OP1   1 
ATOM   117  O  OP2   . A   A 1 6  ? -5.183  -9.478  -9.388  1.00 30.15 ? 6   A   A OP2   1 
ATOM   118  O  "O5'" . A   A 1 6  ? -3.560  -10.165 -7.652  1.00 28.92 ? 6   A   A "O5'" 1 
ATOM   119  C  "C5'" . A   A 1 6  ? -2.667  -11.049 -6.976  1.00 28.11 ? 6   A   A "C5'" 1 
ATOM   120  C  "C4'" . A   A 1 6  ? -1.542  -10.296 -6.302  1.00 26.72 ? 6   A   A "C4'" 1 
ATOM   121  O  "O4'" . A   A 1 6  ? -0.925  -9.441  -7.290  1.00 25.44 ? 6   A   A "O4'" 1 
ATOM   122  C  "C3'" . A   A 1 6  ? -1.946  -9.385  -5.145  1.00 25.87 ? 6   A   A "C3'" 1 
ATOM   123  O  "O3'" . A   A 1 6  ? -0.877  -9.280  -4.202  1.00 27.55 ? 6   A   A "O3'" 1 
ATOM   124  C  "C2'" . A   A 1 6  ? -2.126  -8.036  -5.823  1.00 25.21 ? 6   A   A "C2'" 1 
ATOM   125  O  "O2'" . A   A 1 6  ? -1.888  -6.937  -4.977  1.00 26.32 ? 6   A   A "O2'" 1 
ATOM   126  C  "C1'" . A   A 1 6  ? -1.071  -8.085  -6.929  1.00 22.57 ? 6   A   A "C1'" 1 
ATOM   127  N  N9    . A   A 1 6  ? -1.477  -7.363  -8.137  1.00 24.69 ? 6   A   A N9    1 
ATOM   128  C  C8    . A   A 1 6  ? -2.711  -7.346  -8.740  1.00 26.41 ? 6   A   A C8    1 
ATOM   129  N  N7    . A   A 1 6  ? -2.757  -6.612  -9.826  1.00 24.95 ? 6   A   A N7    1 
ATOM   130  C  C5    . A   A 1 6  ? -1.478  -6.100  -9.940  1.00 26.15 ? 6   A   A C5    1 
ATOM   131  C  C6    . A   A 1 6  ? -0.872  -5.245  -10.872 1.00 23.51 ? 6   A   A C6    1 
ATOM   132  N  N6    . A   A 1 6  ? -1.494  -4.718  -11.928 1.00 23.92 ? 6   A   A N6    1 
ATOM   133  N  N1    . A   A 1 6  ? 0.425   -4.937  -10.674 1.00 22.83 ? 6   A   A N1    1 
ATOM   134  C  C2    . A   A 1 6  ? 1.076   -5.466  -9.636  1.00 24.85 ? 6   A   A C2    1 
ATOM   135  N  N3    . A   A 1 6  ? 0.607   -6.292  -8.699  1.00 20.60 ? 6   A   A N3    1 
ATOM   136  C  C4    . A   A 1 6  ? -0.678  -6.568  -8.909  1.00 24.01 ? 6   A   A C4    1 
ATOM   137  P  P     . C   A 1 7  ? -0.718  -10.345 -3.009  1.00 26.49 ? 7   C   A P     1 
ATOM   138  O  OP1   . C   A 1 7  ? -1.990  -11.074 -2.775  1.00 26.37 ? 7   C   A OP1   1 
ATOM   139  O  OP2   . C   A 1 7  ? -0.036  -9.667  -1.880  1.00 25.99 ? 7   C   A OP2   1 
ATOM   140  O  "O5'" . C   A 1 7  ? 0.314   -11.384 -3.636  1.00 27.61 ? 7   C   A "O5'" 1 
ATOM   141  C  "C5'" . C   A 1 7  ? 0.736   -12.529 -2.920  1.00 29.96 ? 7   C   A "C5'" 1 
ATOM   142  C  "C4'" . C   A 1 7  ? 2.221   -12.729 -3.053  1.00 27.66 ? 7   C   A "C4'" 1 
ATOM   143  O  "O4'" . C   A 1 7  ? 2.598   -12.712 -4.464  1.00 29.57 ? 7   C   A "O4'" 1 
ATOM   144  C  "C3'" . C   A 1 7  ? 3.090   -11.652 -2.420  1.00 27.23 ? 7   C   A "C3'" 1 
ATOM   145  O  "O3'" . C   A 1 7  ? 3.282   -11.861 -1.026  1.00 28.91 ? 7   C   A "O3'" 1 
ATOM   146  C  "C2'" . C   A 1 7  ? 4.378   -11.762 -3.219  1.00 25.78 ? 7   C   A "C2'" 1 
ATOM   147  O  "O2'" . C   A 1 7  ? 5.144   -12.864 -2.763  1.00 28.50 ? 7   C   A "O2'" 1 
ATOM   148  C  "C1'" . C   A 1 7  ? 3.856   -12.097 -4.620  1.00 26.05 ? 7   C   A "C1'" 1 
ATOM   149  N  N1    . C   A 1 7  ? 3.722   -10.887 -5.474  1.00 25.96 ? 7   C   A N1    1 
ATOM   150  C  C2    . C   A 1 7  ? 4.866   -10.141 -5.809  1.00 24.93 ? 7   C   A C2    1 
ATOM   151  O  O2    . C   A 1 7  ? 5.980   -10.502 -5.419  1.00 25.02 ? 7   C   A O2    1 
ATOM   152  N  N3    . C   A 1 7  ? 4.750   -9.027  -6.568  1.00 23.72 ? 7   C   A N3    1 
ATOM   153  C  C4    . C   A 1 7  ? 3.559   -8.638  -7.000  1.00 24.59 ? 7   C   A C4    1 
ATOM   154  N  N4    . C   A 1 7  ? 3.506   -7.526  -7.738  1.00 23.15 ? 7   C   A N4    1 
ATOM   155  C  C5    . C   A 1 7  ? 2.379   -9.369  -6.692  1.00 25.28 ? 7   C   A C5    1 
ATOM   156  C  C6    . C   A 1 7  ? 2.502   -10.470 -5.933  1.00 26.57 ? 7   C   A C6    1 
ATOM   157  P  P     . U   A 1 8  ? 3.388   -10.635 0.010   1.00 27.52 ? 8   U   A P     1 
ATOM   158  O  OP1   . U   A 1 8  ? 3.790   -11.196 1.328   1.00 28.92 ? 8   U   A OP1   1 
ATOM   159  O  OP2   . U   A 1 8  ? 2.123   -9.863  -0.042  1.00 26.01 ? 8   U   A OP2   1 
ATOM   160  O  "O5'" . U   A 1 8  ? 4.495   -9.679  -0.607  1.00 26.81 ? 8   U   A "O5'" 1 
ATOM   161  C  "C5'" . U   A 1 8  ? 5.883   -9.986  -0.597  1.00 27.33 ? 8   U   A "C5'" 1 
ATOM   162  C  "C4'" . U   A 1 8  ? 6.634   -8.938  -1.378  1.00 27.53 ? 8   U   A "C4'" 1 
ATOM   163  O  "O4'" . U   A 1 8  ? 6.151   -8.938  -2.749  1.00 26.47 ? 8   U   A "O4'" 1 
ATOM   164  C  "C3'" . U   A 1 8  ? 6.416   -7.506  -0.912  1.00 28.26 ? 8   U   A "C3'" 1 
ATOM   165  O  "O3'" . U   A 1 8  ? 7.260   -7.131  0.157   1.00 32.01 ? 8   U   A "O3'" 1 
ATOM   166  C  "C2'" . U   A 1 8  ? 6.659   -6.692  -2.173  1.00 28.62 ? 8   U   A "C2'" 1 
ATOM   167  O  "O2'" . U   A 1 8  ? 8.051   -6.564  -2.415  1.00 29.43 ? 8   U   A "O2'" 1 
ATOM   168  C  "C1'" . U   A 1 8  ? 6.079   -7.614  -3.239  1.00 27.16 ? 8   U   A "C1'" 1 
ATOM   169  N  N1    . U   A 1 8  ? 4.663   -7.302  -3.562  1.00 28.01 ? 8   U   A N1    1 
ATOM   170  C  C2    . U   A 1 8  ? 4.428   -6.294  -4.477  1.00 25.43 ? 8   U   A C2    1 
ATOM   171  O  O2    . U   A 1 8  ? 5.314   -5.643  -5.002  1.00 27.19 ? 8   U   A O2    1 
ATOM   172  N  N3    . U   A 1 8  ? 3.106   -6.063  -4.760  1.00 24.08 ? 8   U   A N3    1 
ATOM   173  C  C4    . U   A 1 8  ? 2.018   -6.718  -4.236  1.00 23.36 ? 8   U   A C4    1 
ATOM   174  O  O4    . U   A 1 8  ? 0.901   -6.374  -4.622  1.00 24.51 ? 8   U   A O4    1 
ATOM   175  C  C5    . U   A 1 8  ? 2.329   -7.751  -3.298  1.00 23.92 ? 8   U   A C5    1 
ATOM   176  C  C6    . U   A 1 8  ? 3.612   -8.005  -2.998  1.00 25.67 ? 8   U   A C6    1 
ATOM   177  P  P     . G   A 1 9  ? 6.647   -6.864  1.611   1.00 33.30 ? 9   G   A P     1 
ATOM   178  O  OP1   . G   A 1 9  ? 7.744   -6.311  2.440   1.00 31.66 ? 9   G   A OP1   1 
ATOM   179  O  OP2   . G   A 1 9  ? 5.851   -8.037  2.046   1.00 30.48 ? 9   G   A OP2   1 
ATOM   180  O  "O5'" . G   A 1 9  ? 5.607   -5.692  1.376   1.00 30.32 ? 9   G   A "O5'" 1 
ATOM   181  C  "C5'" . G   A 1 9  ? 5.999   -4.482  0.759   1.00 28.62 ? 9   G   A "C5'" 1 
ATOM   182  C  "C4'" . G   A 1 9  ? 4.816   -3.573  0.583   1.00 28.91 ? 9   G   A "C4'" 1 
ATOM   183  O  "O4'" . G   A 1 9  ? 3.844   -4.194  -0.323  1.00 29.29 ? 9   G   A "O4'" 1 
ATOM   184  C  "C3'" . G   A 1 9  ? 4.062   -3.274  1.886   1.00 30.90 ? 9   G   A "C3'" 1 
ATOM   185  O  "O3'" . G   A 1 9  ? 3.642   -1.913  1.906   1.00 33.67 ? 9   G   A "O3'" 1 
ATOM   186  C  "C2'" . G   A 1 9  ? 2.837   -4.173  1.777   1.00 29.93 ? 9   G   A "C2'" 1 
ATOM   187  O  "O2'" . G   A 1 9  ? 1.725   -3.756  2.539   1.00 31.21 ? 9   G   A "O2'" 1 
ATOM   188  C  "C1'" . G   A 1 9  ? 2.567   -4.126  0.277   1.00 27.97 ? 9   G   A "C1'" 1 
ATOM   189  N  N9    . G   A 1 9  ? 1.651   -5.183  -0.192  1.00 24.34 ? 9   G   A N9    1 
ATOM   190  C  C8    . G   A 1 9  ? 1.611   -6.524  0.149   1.00 24.63 ? 9   G   A C8    1 
ATOM   191  N  N7    . G   A 1 9  ? 0.619   -7.193  -0.392  1.00 22.54 ? 9   G   A N7    1 
ATOM   192  C  C5    . G   A 1 9  ? -0.065  -6.195  -1.112  1.00 22.50 ? 9   G   A C5    1 
ATOM   193  C  C6    . G   A 1 9  ? -1.242  -6.257  -1.907  1.00 22.74 ? 9   G   A C6    1 
ATOM   194  O  O6    . G   A 1 9  ? -1.983  -7.227  -2.145  1.00 24.52 ? 9   G   A O6    1 
ATOM   195  N  N1    . G   A 1 9  ? -1.567  -5.034  -2.463  1.00 21.57 ? 9   G   A N1    1 
ATOM   196  C  C2    . G   A 1 9  ? -0.889  -3.863  -2.275  1.00 23.30 ? 9   G   A C2    1 
ATOM   197  N  N2    . G   A 1 9  ? -1.402  -2.791  -2.888  1.00 23.07 ? 9   G   A N2    1 
ATOM   198  N  N3    . G   A 1 9  ? 0.205   -3.771  -1.542  1.00 24.31 ? 9   G   A N3    1 
ATOM   199  C  C4    . G   A 1 9  ? 0.554   -4.966  -0.989  1.00 24.60 ? 9   G   A C4    1 
ATOM   200  P  P     . G   A 1 10 ? 4.010   -0.947  3.138   1.00 36.98 ? 10  G   A P     1 
ATOM   201  O  OP1   . G   A 1 10 ? 4.689   -1.712  4.224   1.00 38.11 ? 10  G   A OP1   1 
ATOM   202  O  OP2   . G   A 1 10 ? 2.785   -0.181  3.481   1.00 32.53 ? 10  G   A OP2   1 
ATOM   203  O  "O5'" . G   A 1 10 ? 5.043   0.075   2.497   1.00 34.53 ? 10  G   A "O5'" 1 
ATOM   204  C  "C5'" . G   A 1 10 ? 6.343   -0.349  2.117   1.00 30.97 ? 10  G   A "C5'" 1 
ATOM   205  C  "C4'" . G   A 1 10 ? 6.778   0.312   0.840   1.00 34.63 ? 10  G   A "C4'" 1 
ATOM   206  O  "O4'" . G   A 1 10 ? 6.126   -0.319  -0.295  1.00 34.17 ? 10  G   A "O4'" 1 
ATOM   207  C  "C3'" . G   A 1 10 ? 6.421   1.782   0.696   1.00 33.44 ? 10  G   A "C3'" 1 
ATOM   208  O  "O3'" . G   A 1 10 ? 7.320   2.629   1.390   1.00 36.07 ? 10  G   A "O3'" 1 
ATOM   209  C  "C2'" . G   A 1 10 ? 6.450   1.975   -0.810  1.00 31.96 ? 10  G   A "C2'" 1 
ATOM   210  O  "O2'" . G   A 1 10 ? 7.798   2.047   -1.249  1.00 34.93 ? 10  G   A "O2'" 1 
ATOM   211  C  "C1'" . G   A 1 10 ? 5.866   0.646   -1.294  1.00 31.91 ? 10  G   A "C1'" 1 
ATOM   212  N  N9    . G   A 1 10 ? 4.403   0.700   -1.527  1.00 30.33 ? 10  G   A N9    1 
ATOM   213  C  C8    . G   A 1 10 ? 3.429   0.050   -0.799  1.00 29.17 ? 10  G   A C8    1 
ATOM   214  N  N7    . G   A 1 10 ? 2.215   0.265   -1.241  1.00 29.25 ? 10  G   A N7    1 
ATOM   215  C  C5    . G   A 1 10 ? 2.383   1.104   -2.341  1.00 28.37 ? 10  G   A C5    1 
ATOM   216  C  C6    . G   A 1 10 ? 1.429   1.680   -3.232  1.00 29.28 ? 10  G   A C6    1 
ATOM   217  O  O6    . G   A 1 10 ? 0.194   1.564   -3.251  1.00 28.00 ? 10  G   A O6    1 
ATOM   218  N  N1    . G   A 1 10 ? 2.046   2.464   -4.207  1.00 29.66 ? 10  G   A N1    1 
ATOM   219  C  C2    . G   A 1 10 ? 3.397   2.671   -4.295  1.00 29.44 ? 10  G   A C2    1 
ATOM   220  N  N2    . G   A 1 10 ? 3.807   3.460   -5.301  1.00 32.45 ? 10  G   A N2    1 
ATOM   221  N  N3    . G   A 1 10 ? 4.293   2.144   -3.472  1.00 29.71 ? 10  G   A N3    1 
ATOM   222  C  C4    . G   A 1 10 ? 3.729   1.372   -2.530  1.00 29.94 ? 10  G   A C4    1 
ATOM   223  P  P     . C   A 1 11 ? 6.808   4.007   2.047   1.00 38.32 ? 11  C   A P     1 
ATOM   224  O  OP1   . C   A 1 11 ? 8.018   4.686   2.572   1.00 40.49 ? 11  C   A OP1   1 
ATOM   225  O  OP2   . C   A 1 11 ? 5.648   3.764   2.940   1.00 36.66 ? 11  C   A OP2   1 
ATOM   226  O  "O5'" . C   A 1 11 ? 6.277   4.859   0.810   1.00 35.55 ? 11  C   A "O5'" 1 
ATOM   227  C  "C5'" . C   A 1 11 ? 7.167   5.383   -0.163  1.00 34.94 ? 11  C   A "C5'" 1 
ATOM   228  C  "C4'" . C   A 1 11 ? 6.415   6.025   -1.297  1.00 35.99 ? 11  C   A "C4'" 1 
ATOM   229  O  "O4'" . C   A 1 11 ? 5.581   5.042   -1.964  1.00 33.85 ? 11  C   A "O4'" 1 
ATOM   230  C  "C3'" . C   A 1 11 ? 5.432   7.118   -0.914  1.00 36.94 ? 11  C   A "C3'" 1 
ATOM   231  O  "O3'" . C   A 1 11 ? 6.060   8.355   -0.640  1.00 39.45 ? 11  C   A "O3'" 1 
ATOM   232  C  "C2'" . C   A 1 11 ? 4.509   7.153   -2.121  1.00 35.54 ? 11  C   A "C2'" 1 
ATOM   233  O  "O2'" . C   A 1 11 ? 5.143   7.797   -3.221  1.00 39.16 ? 11  C   A "O2'" 1 
ATOM   234  C  "C1'" . C   A 1 11 ? 4.407   5.666   -2.449  1.00 34.14 ? 11  C   A "C1'" 1 
ATOM   235  N  N1    . C   A 1 11 ? 3.228   5.042   -1.803  1.00 30.62 ? 11  C   A N1    1 
ATOM   236  C  C2    . C   A 1 11 ? 1.996   5.191   -2.434  1.00 31.10 ? 11  C   A C2    1 
ATOM   237  O  O2    . C   A 1 11 ? 1.947   5.838   -3.490  1.00 32.53 ? 11  C   A O2    1 
ATOM   238  N  N3    . C   A 1 11 ? 0.893   4.630   -1.881  1.00 29.96 ? 11  C   A N3    1 
ATOM   239  C  C4    . C   A 1 11 ? 0.995   3.940   -0.740  1.00 27.40 ? 11  C   A C4    1 
ATOM   240  N  N4    . C   A 1 11 ? -0.127  3.405   -0.235  1.00 31.48 ? 11  C   A N4    1 
ATOM   241  C  C5    . C   A 1 11 ? 2.243   3.773   -0.068  1.00 31.96 ? 11  C   A C5    1 
ATOM   242  C  C6    . C   A 1 11 ? 3.330   4.336   -0.634  1.00 31.00 ? 11  C   A C6    1 
ATOM   243  P  P     . G   A 1 12 ? 5.450   9.349   0.459   1.00 38.59 ? 12  G   A P     1 
ATOM   244  O  OP1   . G   A 1 12 ? 6.516   10.344  0.741   1.00 42.16 ? 12  G   A OP1   1 
ATOM   245  O  OP2   . G   A 1 12 ? 4.807   8.609   1.574   1.00 40.27 ? 12  G   A OP2   1 
ATOM   246  O  "O5'" . G   A 1 12 ? 4.280   10.091  -0.311  1.00 35.88 ? 12  G   A "O5'" 1 
ATOM   247  C  "C5'" . G   A 1 12 ? 4.552   10.816  -1.496  1.00 38.94 ? 12  G   A "C5'" 1 
ATOM   248  C  "C4'" . G   A 1 12 ? 3.279   11.301  -2.126  1.00 36.77 ? 12  G   A "C4'" 1 
ATOM   249  O  "O4'" . G   A 1 12 ? 2.546   10.174  -2.677  1.00 35.93 ? 12  G   A "O4'" 1 
ATOM   250  C  "C3'" . G   A 1 12 ? 2.285   11.949  -1.181  1.00 38.15 ? 12  G   A "C3'" 1 
ATOM   251  O  "O3'" . G   A 1 12 ? 2.595   13.297  -0.888  1.00 38.62 ? 12  G   A "O3'" 1 
ATOM   252  C  "C2'" . G   A 1 12 ? 0.977   11.777  -1.926  1.00 35.86 ? 12  G   A "C2'" 1 
ATOM   253  O  "O2'" . G   A 1 12 ? 0.916   12.699  -3.004  1.00 38.86 ? 12  G   A "O2'" 1 
ATOM   254  C  "C1'" . G   A 1 12 ? 1.162   10.382  -2.512  1.00 35.54 ? 12  G   A "C1'" 1 
ATOM   255  N  N9    . G   A 1 12 ? 0.641   9.325   -1.624  1.00 31.97 ? 12  G   A N9    1 
ATOM   256  C  C8    . G   A 1 12 ? 1.371   8.483   -0.818  1.00 33.39 ? 12  G   A C8    1 
ATOM   257  N  N7    . G   A 1 12 ? 0.625   7.634   -0.163  1.00 33.49 ? 12  G   A N7    1 
ATOM   258  C  C5    . G   A 1 12 ? -0.665  7.937   -0.567  1.00 31.63 ? 12  G   A C5    1 
ATOM   259  C  C6    . G   A 1 12 ? -1.896  7.347   -0.194  1.00 29.91 ? 12  G   A C6    1 
ATOM   260  O  O6    . G   A 1 12 ? -2.074  6.413   0.593   1.00 29.69 ? 12  G   A O6    1 
ATOM   261  N  N1    . G   A 1 12 ? -2.973  7.956   -0.836  1.00 30.73 ? 12  G   A N1    1 
ATOM   262  C  C2    . G   A 1 12 ? -2.869  8.995   -1.730  1.00 32.87 ? 12  G   A C2    1 
ATOM   263  N  N2    . G   A 1 12 ? -4.021  9.444   -2.247  1.00 32.42 ? 12  G   A N2    1 
ATOM   264  N  N3    . G   A 1 12 ? -1.721  9.552   -2.088  1.00 31.45 ? 12  G   A N3    1 
ATOM   265  C  C4    . G   A 1 12 ? -0.672  8.975   -1.470  1.00 33.05 ? 12  G   A C4    1 
ATOM   266  P  P     . C   A 1 13 ? 2.256   13.885  0.562   1.00 41.08 ? 13  C   A P     1 
ATOM   267  O  OP1   . C   A 1 13 ? 2.852   15.243  0.648   1.00 43.23 ? 13  C   A OP1   1 
ATOM   268  O  OP2   . C   A 1 13 ? 2.594   12.862  1.581   1.00 41.27 ? 13  C   A OP2   1 
ATOM   269  O  "O5'" . C   A 1 13 ? 0.673   14.032  0.558   1.00 40.96 ? 13  C   A "O5'" 1 
ATOM   270  C  "C5'" . C   A 1 13 ? 0.017   14.850  -0.397  1.00 40.84 ? 13  C   A "C5'" 1 
ATOM   271  C  "C4'" . C   A 1 13 ? -1.468  14.587  -0.416  1.00 40.99 ? 13  C   A "C4'" 1 
ATOM   272  O  "O4'" . C   A 1 13 ? -1.727  13.195  -0.743  1.00 36.72 ? 13  C   A "O4'" 1 
ATOM   273  C  "C3'" . C   A 1 13 ? -2.202  14.792  0.898   1.00 42.03 ? 13  C   A "C3'" 1 
ATOM   274  O  "O3'" . C   A 1 13 ? -2.472  16.155  1.178   1.00 45.28 ? 13  C   A "O3'" 1 
ATOM   275  C  "C2'" . C   A 1 13 ? -3.454  13.946  0.711   1.00 39.77 ? 13  C   A "C2'" 1 
ATOM   276  O  "O2'" . C   A 1 13 ? -4.402  14.629  -0.098  1.00 41.12 ? 13  C   A "O2'" 1 
ATOM   277  C  "C1'" . C   A 1 13 ? -2.905  12.764  -0.087  1.00 36.72 ? 13  C   A "C1'" 1 
ATOM   278  N  N1    . C   A 1 13 ? -2.573  11.605  0.773   1.00 35.11 ? 13  C   A N1    1 
ATOM   279  C  C2    . C   A 1 13 ? -3.615  10.794  1.239   1.00 35.03 ? 13  C   A C2    1 
ATOM   280  O  O2    . C   A 1 13 ? -4.776  11.077  0.925   1.00 31.12 ? 13  C   A O2    1 
ATOM   281  N  N3    . C   A 1 13 ? -3.328  9.727   2.018   1.00 32.32 ? 13  C   A N3    1 
ATOM   282  C  C4    . C   A 1 13 ? -2.064  9.457   2.338   1.00 33.21 ? 13  C   A C4    1 
ATOM   283  N  N4    . C   A 1 13 ? -1.825  8.391   3.108   1.00 33.75 ? 13  C   A N4    1 
ATOM   284  C  C5    . C   A 1 13 ? -0.981  10.266  1.886   1.00 36.02 ? 13  C   A C5    1 
ATOM   285  C  C6    . C   A 1 13 ? -1.282  11.318  1.108   1.00 35.97 ? 13  C   A C6    1 
ATOM   286  P  P     . U   A 1 14 ? -2.445  16.686  2.693   1.00 49.24 ? 14  U   A P     1 
ATOM   287  O  OP1   . U   A 1 14 ? -2.622  18.161  2.666   1.00 54.64 ? 14  U   A OP1   1 
ATOM   288  O  OP2   . U   A 1 14 ? -1.277  16.088  3.383   1.00 46.50 ? 14  U   A OP2   1 
ATOM   289  O  "O5'" . U   A 1 14 ? -3.776  16.089  3.326   1.00 47.66 ? 14  U   A "O5'" 1 
ATOM   290  C  "C5'" . U   A 1 14 ? -5.046  16.578  2.919   1.00 49.54 ? 14  U   A "C5'" 1 
ATOM   291  C  "C4'" . U   A 1 14 ? -6.171  15.810  3.563   1.00 49.74 ? 14  U   A "C4'" 1 
ATOM   292  O  "O4'" . U   A 1 14 ? -6.140  14.425  3.130   1.00 46.95 ? 14  U   A "O4'" 1 
ATOM   293  C  "C3'" . U   A 1 14 ? -6.135  15.713  5.079   1.00 50.38 ? 14  U   A "C3'" 1 
ATOM   294  O  "O3'" . U   A 1 14 ? -6.604  16.880  5.725   1.00 51.22 ? 14  U   A "O3'" 1 
ATOM   295  C  "C2'" . U   A 1 14 ? -6.990  14.485  5.344   1.00 48.91 ? 14  U   A "C2'" 1 
ATOM   296  O  "O2'" . U   A 1 14 ? -8.365  14.804  5.190   1.00 50.44 ? 14  U   A "O2'" 1 
ATOM   297  C  "C1'" . U   A 1 14 ? -6.577  13.584  4.181   1.00 47.18 ? 14  U   A "C1'" 1 
ATOM   298  N  N1    . U   A 1 14 ? -5.465  12.682  4.553   1.00 44.92 ? 14  U   A N1    1 
ATOM   299  C  C2    . U   A 1 14 ? -5.783  11.498  5.200   1.00 43.80 ? 14  U   A C2    1 
ATOM   300  O  O2    . U   A 1 14 ? -6.934  11.176  5.471   1.00 46.02 ? 14  U   A O2    1 
ATOM   301  N  N3    . U   A 1 14 ? -4.701  10.707  5.513   1.00 40.45 ? 14  U   A N3    1 
ATOM   302  C  C4    . U   A 1 14 ? -3.372  10.984  5.253   1.00 40.40 ? 14  U   A C4    1 
ATOM   303  O  O4    . U   A 1 14 ? -2.500  10.180  5.594   1.00 43.64 ? 14  U   A O4    1 
ATOM   304  C  C5    . U   A 1 14 ? -3.130  12.227  4.586   1.00 42.30 ? 14  U   A C5    1 
ATOM   305  C  C6    . U   A 1 14 ? -4.160  13.009  4.265   1.00 40.44 ? 14  U   A C6    1 
ATOM   306  P  P     . G   A 1 15 ? -6.113  17.213  7.215   1.00 52.08 ? 15  G   A P     1 
ATOM   307  O  OP1   . G   A 1 15 ? -6.333  18.662  7.464   1.00 57.19 ? 15  G   A OP1   1 
ATOM   308  O  OP2   . G   A 1 15 ? -4.771  16.609  7.425   1.00 50.43 ? 15  G   A OP2   1 
ATOM   309  O  "O5'" . G   A 1 15 ? -7.134  16.410  8.127   1.00 56.83 ? 15  G   A "O5'" 1 
ATOM   310  C  "C5'" . G   A 1 15 ? -6.685  15.371  8.979   1.00 52.43 ? 15  G   A "C5'" 1 
ATOM   311  C  "C4'" . G   A 1 15 ? -7.821  14.450  9.322   1.00 51.68 ? 15  G   A "C4'" 1 
ATOM   312  O  "O4'" . G   A 1 15 ? -7.780  13.274  8.472   1.00 49.89 ? 15  G   A "O4'" 1 
ATOM   313  C  "C3'" . G   A 1 15 ? -7.828  13.889  10.733  1.00 50.55 ? 15  G   A "C3'" 1 
ATOM   314  O  "O3'" . G   A 1 15 ? -8.341  14.813  11.681  1.00 54.64 ? 15  G   A "O3'" 1 
ATOM   315  C  "C2'" . G   A 1 15 ? -8.672  12.633  10.573  1.00 50.52 ? 15  G   A "C2'" 1 
ATOM   316  O  "O2'" . G   A 1 15 ? -10.051 12.969  10.491  1.00 51.62 ? 15  G   A "O2'" 1 
ATOM   317  C  "C1'" . G   A 1 15 ? -8.217  12.144  9.196   1.00 47.29 ? 15  G   A "C1'" 1 
ATOM   318  N  N9    . G   A 1 15 ? -7.086  11.205  9.291   1.00 44.12 ? 15  G   A N9    1 
ATOM   319  C  C8    . G   A 1 15 ? -5.786  11.442  8.913   1.00 41.08 ? 15  G   A C8    1 
ATOM   320  N  N7    . G   A 1 15 ? -5.001  10.420  9.120   1.00 42.32 ? 15  G   A N7    1 
ATOM   321  C  C5    . G   A 1 15 ? -5.831  9.455   9.672   1.00 37.77 ? 15  G   A C5    1 
ATOM   322  C  C6    . G   A 1 15 ? -5.544  8.136   10.106  1.00 37.89 ? 15  G   A C6    1 
ATOM   323  O  O6    . G   A 1 15 ? -4.456  7.543   10.084  1.00 37.88 ? 15  G   A O6    1 
ATOM   324  N  N1    . G   A 1 15 ? -6.685  7.504   10.602  1.00 37.05 ? 15  G   A N1    1 
ATOM   325  C  C2    . G   A 1 15 ? -7.938  8.072   10.668  1.00 40.51 ? 15  G   A C2    1 
ATOM   326  N  N2    . G   A 1 15 ? -8.929  7.321   11.173  1.00 39.15 ? 15  G   A N2    1 
ATOM   327  N  N3    . G   A 1 15 ? -8.214  9.301   10.263  1.00 40.06 ? 15  G   A N3    1 
ATOM   328  C  C4    . G   A 1 15 ? -7.121  9.925   9.782   1.00 41.17 ? 15  G   A C4    1 
ATOM   329  P  P     . C   A 1 16 ? -7.759  14.875  13.181  1.00 57.20 ? 16  C   A P     1 
ATOM   330  O  OP1   . C   A 1 16 ? -8.436  16.013  13.854  1.00 61.15 ? 16  C   A OP1   1 
ATOM   331  O  OP2   . C   A 1 16 ? -6.278  14.825  13.170  1.00 51.42 ? 16  C   A OP2   1 
ATOM   332  O  "O5'" . C   A 1 16 ? -8.335  13.559  13.867  1.00 56.86 ? 16  C   A "O5'" 1 
ATOM   333  C  "C5'" . C   A 1 16 ? -9.737  13.370  13.997  1.00 55.31 ? 16  C   A "C5'" 1 
ATOM   334  C  "C4'" . C   A 1 16 ? -10.068 11.970  14.442  1.00 56.91 ? 16  C   A "C4'" 1 
ATOM   335  O  "O4'" . C   A 1 16 ? -9.596  11.011  13.459  1.00 54.85 ? 16  C   A "O4'" 1 
ATOM   336  C  "C3'" . C   A 1 16 ? -9.413  11.516  15.734  1.00 56.65 ? 16  C   A "C3'" 1 
ATOM   337  O  "O3'" . C   A 1 16 ? -10.080 11.992  16.887  1.00 64.95 ? 16  C   A "O3'" 1 
ATOM   338  C  "C2'" . C   A 1 16 ? -9.444  10.002  15.603  1.00 55.03 ? 16  C   A "C2'" 1 
ATOM   339  O  "O2'" . C   A 1 16 ? -10.745 9.503   15.876  1.00 57.59 ? 16  C   A "O2'" 1 
ATOM   340  C  "C1'" . C   A 1 16 ? -9.178  9.828   14.109  1.00 52.13 ? 16  C   A "C1'" 1 
ATOM   341  N  N1    . C   A 1 16 ? -7.746  9.588   13.818  1.00 46.52 ? 16  C   A N1    1 
ATOM   342  C  C2    . C   A 1 16 ? -7.233  8.322   14.115  1.00 45.78 ? 16  C   A C2    1 
ATOM   343  O  O2    . C   A 1 16 ? -7.998  7.474   14.609  1.00 43.01 ? 16  C   A O2    1 
ATOM   344  N  N3    . C   A 1 16 ? -5.929  8.056   13.857  1.00 41.92 ? 16  C   A N3    1 
ATOM   345  C  C4    . C   A 1 16 ? -5.148  8.999   13.324  1.00 41.08 ? 16  C   A C4    1 
ATOM   346  N  N4    . C   A 1 16 ? -3.873  8.690   13.088  1.00 40.74 ? 16  C   A N4    1 
ATOM   347  C  C5    . C   A 1 16 ? -5.644  10.296  13.011  1.00 43.13 ? 16  C   A C5    1 
ATOM   348  C  C6    . C   A 1 16 ? -6.937  10.548  13.271  1.00 46.26 ? 16  C   A C6    1 
ATOM   349  P  P     . G   A 1 17 ? -9.258  12.245  18.243  1.00 69.36 ? 17  G   A P     1 
ATOM   350  O  OP1   . G   A 1 17 ? -10.104 13.092  19.125  1.00 70.48 ? 17  G   A OP1   1 
ATOM   351  O  OP2   . G   A 1 17 ? -7.877  12.679  17.905  1.00 60.71 ? 17  G   A OP2   1 
ATOM   352  O  "O5'" . G   A 1 17 ? -9.145  10.800  18.901  1.00 68.40 ? 17  G   A "O5'" 1 
ATOM   353  C  "C5'" . G   A 1 17 ? -8.237  10.573  19.966  1.00 65.94 ? 17  G   A "C5'" 1 
ATOM   354  C  "C4'" . G   A 1 17 ? -7.999  9.104   20.201  1.00 65.56 ? 17  G   A "C4'" 1 
ATOM   355  O  "O4'" . G   A 1 17 ? -7.844  8.413   18.930  1.00 62.46 ? 17  G   A "O4'" 1 
ATOM   356  C  "C3'" . G   A 1 17 ? -6.723  8.768   20.954  1.00 65.85 ? 17  G   A "C3'" 1 
ATOM   357  O  "O3'" . G   A 1 17 ? -6.818  8.967   22.354  1.00 70.14 ? 17  G   A "O3'" 1 
ATOM   358  C  "C2'" . G   A 1 17 ? -6.467  7.329   20.534  1.00 62.64 ? 17  G   A "C2'" 1 
ATOM   359  O  "O2'" . G   A 1 17 ? -7.339  6.443   21.221  1.00 62.57 ? 17  G   A "O2'" 1 
ATOM   360  C  "C1'" . G   A 1 17 ? -6.883  7.381   19.063  1.00 58.49 ? 17  G   A "C1'" 1 
ATOM   361  N  N9    . G   A 1 17 ? -5.736  7.697   18.189  1.00 52.95 ? 17  G   A N9    1 
ATOM   362  C  C8    . G   A 1 17 ? -5.502  8.872   17.517  1.00 51.41 ? 17  G   A C8    1 
ATOM   363  N  N7    . G   A 1 17 ? -4.392  8.855   16.830  1.00 50.90 ? 17  G   A N7    1 
ATOM   364  C  C5    . G   A 1 17 ? -3.862  7.596   17.064  1.00 47.14 ? 17  G   A C5    1 
ATOM   365  C  C6    . G   A 1 17 ? -2.675  6.997   16.585  1.00 46.24 ? 17  G   A C6    1 
ATOM   366  O  O6    . G   A 1 17 ? -1.816  7.474   15.829  1.00 49.79 ? 17  G   A O6    1 
ATOM   367  N  N1    . G   A 1 17 ? -2.523  5.703   17.073  1.00 46.13 ? 17  G   A N1    1 
ATOM   368  C  C2    . G   A 1 17 ? -3.401  5.069   17.914  1.00 47.74 ? 17  G   A C2    1 
ATOM   369  N  N2    . G   A 1 17 ? -3.077  3.821   18.278  1.00 46.66 ? 17  G   A N2    1 
ATOM   370  N  N3    . G   A 1 17 ? -4.512  5.615   18.368  1.00 47.01 ? 17  G   A N3    1 
ATOM   371  C  C4    . G   A 1 17 ? -4.678  6.870   17.904  1.00 48.94 ? 17  G   A C4    1 
ATOM   372  P  P     . C   A 1 18 ? -5.603  9.683   23.127  1.00 74.49 ? 18  C   A P     1 
ATOM   373  O  OP1   . C   A 1 18 ? -6.077  10.067  24.480  1.00 73.17 ? 18  C   A OP1   1 
ATOM   374  O  OP2   . C   A 1 18 ? -5.019  10.709  22.221  1.00 68.06 ? 18  C   A OP2   1 
ATOM   375  O  "O5'" . C   A 1 18 ? -4.520  8.530   23.292  1.00 67.54 ? 18  C   A "O5'" 1 
ATOM   376  C  "C5'" . C   A 1 18 ? -4.824  7.351   24.021  1.00 64.38 ? 18  C   A "C5'" 1 
ATOM   377  C  "C4'" . C   A 1 18 ? -3.780  6.284   23.809  1.00 62.75 ? 18  C   A "C4'" 1 
ATOM   378  O  "O4'" . C   A 1 18 ? -3.728  5.914   22.405  1.00 59.62 ? 18  C   A "O4'" 1 
ATOM   379  C  "C3'" . C   A 1 18 ? -2.339  6.656   24.136  1.00 62.35 ? 18  C   A "C3'" 1 
ATOM   380  O  "O3'" . C   A 1 18 ? -2.041  6.639   25.524  1.00 62.03 ? 18  C   A "O3'" 1 
ATOM   381  C  "C2'" . C   A 1 18 ? -1.558  5.627   23.337  1.00 59.72 ? 18  C   A "C2'" 1 
ATOM   382  O  "O2'" . C   A 1 18 ? -1.578  4.373   24.002  1.00 57.05 ? 18  C   A "O2'" 1 
ATOM   383  C  "C1'" . C   A 1 18 ? -2.409  5.527   22.065  1.00 57.97 ? 18  C   A "C1'" 1 
ATOM   384  N  N1    . C   A 1 18 ? -1.900  6.428   21.005  1.00 55.61 ? 18  C   A N1    1 
ATOM   385  C  C2    . C   A 1 18 ? -0.744  6.041   20.304  1.00 56.55 ? 18  C   A C2    1 
ATOM   386  O  O2    . C   A 1 18 ? -0.190  4.959   20.570  1.00 55.88 ? 18  C   A O2    1 
ATOM   387  N  N3    . C   A 1 18 ? -0.249  6.854   19.345  1.00 54.71 ? 18  C   A N3    1 
ATOM   388  C  C4    . C   A 1 18 ? -0.857  8.010   19.073  1.00 55.07 ? 18  C   A C4    1 
ATOM   389  N  N4    . C   A 1 18 ? -0.322  8.769   18.109  1.00 54.17 ? 18  C   A N4    1 
ATOM   390  C  C5    . C   A 1 18 ? -2.032  8.433   19.769  1.00 54.60 ? 18  C   A C5    1 
ATOM   391  C  C6    . C   A 1 18 ? -2.514  7.621   20.720  1.00 54.82 ? 18  C   A C6    1 
ATOM   392  P  P     . C   A 1 19 ? -0.823  7.523   26.103  1.00 65.15 ? 19  C   A P     1 
ATOM   393  O  OP1   . C   A 1 19 ? -0.756  7.299   27.570  1.00 63.17 ? 19  C   A OP1   1 
ATOM   394  O  OP2   . C   A 1 19 ? -0.936  8.902   25.566  1.00 62.64 ? 19  C   A OP2   1 
ATOM   395  O  "O5'" . C   A 1 19 ? 0.484   6.869   25.469  1.00 60.23 ? 19  C   A "O5'" 1 
ATOM   396  C  "C5'" . C   A 1 19 ? 0.981   5.628   25.943  1.00 60.62 ? 19  C   A "C5'" 1 
ATOM   397  C  "C4'" . C   A 1 19 ? 2.186   5.181   25.155  1.00 63.05 ? 19  C   A "C4'" 1 
ATOM   398  O  "O4'" . C   A 1 19 ? 1.867   5.150   23.737  1.00 62.32 ? 19  C   A "O4'" 1 
ATOM   399  C  "C3'" . C   A 1 19 ? 3.413   6.077   25.227  1.00 64.56 ? 19  C   A "C3'" 1 
ATOM   400  O  "O3'" . C   A 1 19 ? 4.165   5.912   26.417  1.00 65.37 ? 19  C   A "O3'" 1 
ATOM   401  C  "C2'" . C   A 1 19 ? 4.171   5.691   23.965  1.00 65.54 ? 19  C   A "C2'" 1 
ATOM   402  O  "O2'" . C   A 1 19 ? 4.852   4.457   24.142  1.00 63.75 ? 19  C   A "O2'" 1 
ATOM   403  C  "C1'" . C   A 1 19 ? 3.019   5.472   22.981  1.00 63.35 ? 19  C   A "C1'" 1 
ATOM   404  N  N1    . C   A 1 19 ? 2.750   6.684   22.169  1.00 63.28 ? 19  C   A N1    1 
ATOM   405  C  C2    . C   A 1 19 ? 3.636   6.988   21.125  1.00 63.98 ? 19  C   A C2    1 
ATOM   406  O  O2    . C   A 1 19 ? 4.599   6.237   20.912  1.00 64.25 ? 19  C   A O2    1 
ATOM   407  N  N3    . C   A 1 19 ? 3.425   8.088   20.368  1.00 62.85 ? 19  C   A N3    1 
ATOM   408  C  C4    . C   A 1 19 ? 2.379   8.875   20.622  1.00 62.96 ? 19  C   A C4    1 
ATOM   409  N  N4    . C   A 1 19 ? 2.218   9.950   19.844  1.00 61.76 ? 19  C   A N4    1 
ATOM   410  C  C5    . C   A 1 19 ? 1.460   8.595   21.678  1.00 60.17 ? 19  C   A C5    1 
ATOM   411  C  C6    . C   A 1 19 ? 1.681   7.501   22.420  1.00 60.74 ? 19  C   A C6    1 
ATOM   412  P  P     . U   A 1 20 ? 4.933   7.168   27.065  1.00 66.54 ? 20  U   A P     1 
ATOM   413  O  OP1   . U   A 1 20 ? 5.572   6.719   28.328  1.00 66.02 ? 20  U   A OP1   1 
ATOM   414  O  OP2   . U   A 1 20 ? 4.006   8.330   27.066  1.00 65.08 ? 20  U   A OP2   1 
ATOM   415  O  "O5'" . U   A 1 20 ? 6.094   7.498   26.024  1.00 70.94 ? 20  U   A "O5'" 1 
ATOM   416  C  "C5'" . U   A 1 20 ? 7.146   6.578   25.765  1.00 72.01 ? 20  U   A "C5'" 1 
ATOM   417  C  "C4'" . U   A 1 20 ? 7.994   7.041   24.607  1.00 74.29 ? 20  U   A "C4'" 1 
ATOM   418  O  "O4'" . U   A 1 20 ? 7.165   7.139   23.416  1.00 71.87 ? 20  U   A "O4'" 1 
ATOM   419  C  "C3'" . U   A 1 20 ? 8.612   8.427   24.759  1.00 78.59 ? 20  U   A "C3'" 1 
ATOM   420  O  "O3'" . U   A 1 20 ? 9.831   8.405   25.493  1.00 82.08 ? 20  U   A "O3'" 1 
ATOM   421  C  "C2'" . U   A 1 20 ? 8.759   8.898   23.315  1.00 78.32 ? 20  U   A "C2'" 1 
ATOM   422  O  "O2'" . U   A 1 20 ? 9.911   8.329   22.713  1.00 80.05 ? 20  U   A "O2'" 1 
ATOM   423  C  "C1'" . U   A 1 20 ? 7.522   8.278   22.663  1.00 73.61 ? 20  U   A "C1'" 1 
ATOM   424  N  N1    . U   A 1 20 ? 6.364   9.203   22.654  1.00 73.49 ? 20  U   A N1    1 
ATOM   425  C  C2    . U   A 1 20 ? 6.285   10.163  21.660  1.00 74.67 ? 20  U   A C2    1 
ATOM   426  O  O2    . U   A 1 20 ? 7.133   10.290  20.791  1.00 75.96 ? 20  U   A O2    1 
ATOM   427  N  N3    . U   A 1 20 ? 5.169   10.972  21.734  1.00 73.46 ? 20  U   A N3    1 
ATOM   428  C  C4    . U   A 1 20 ? 4.150   10.917  22.672  1.00 70.05 ? 20  U   A C4    1 
ATOM   429  O  O4    . U   A 1 20 ? 3.210   11.713  22.609  1.00 69.97 ? 20  U   A O4    1 
ATOM   430  C  C5    . U   A 1 20 ? 4.303   9.896   23.661  1.00 69.54 ? 20  U   A C5    1 
ATOM   431  C  C6    . U   A 1 20 ? 5.374   9.100   23.611  1.00 71.49 ? 20  U   A C6    1 
ATOM   432  P  P     . U   A 1 21 ? 10.348  9.702   26.297  1.00 81.71 ? 21  U   A P     1 
ATOM   433  O  OP1   . U   A 1 21 ? 11.115  9.224   27.476  1.00 79.72 ? 21  U   A OP1   1 
ATOM   434  O  OP2   . U   A 1 21 ? 9.211   10.634  26.498  1.00 79.49 ? 21  U   A OP2   1 
ATOM   435  O  "O5'" . U   A 1 21 ? 11.366  10.393  25.282  1.00 85.41 ? 21  U   A "O5'" 1 
ATOM   436  C  "C5'" . U   A 1 21 ? 12.441  11.205  25.743  1.00 86.57 ? 21  U   A "C5'" 1 
ATOM   437  C  "C4'" . U   A 1 21 ? 13.737  10.874  25.037  1.00 88.67 ? 21  U   A "C4'" 1 
ATOM   438  O  "O4'" . U   A 1 21 ? 14.155  9.530   25.408  1.00 88.22 ? 21  U   A "O4'" 1 
ATOM   439  C  "C3'" . U   A 1 21 ? 13.685  10.893  23.508  1.00 89.36 ? 21  U   A "C3'" 1 
ATOM   440  O  "O3'" . U   A 1 21 ? 14.959  11.284  22.997  1.00 93.60 ? 21  U   A "O3'" 1 
ATOM   441  C  "C2'" . U   A 1 21 ? 13.458  9.424   23.170  1.00 87.03 ? 21  U   A "C2'" 1 
ATOM   442  O  "O2'" . U   A 1 21 ? 13.860  9.055   21.868  1.00 86.78 ? 21  U   A "O2'" 1 
ATOM   443  C  "C1'" . U   A 1 21 ? 14.303  8.740   24.241  1.00 87.00 ? 21  U   A "C1'" 1 
ATOM   444  N  N1    . U   A 1 21 ? 13.896  7.360   24.554  1.00 87.45 ? 21  U   A N1    1 
ATOM   445  C  C2    . U   A 1 21 ? 14.690  6.338   24.062  1.00 86.31 ? 21  U   A C2    1 
ATOM   446  O  O2    . U   A 1 21 ? 15.688  6.540   23.385  1.00 87.14 ? 21  U   A O2    1 
ATOM   447  N  N3    . U   A 1 21 ? 14.269  5.067   24.386  1.00 81.84 ? 21  U   A N3    1 
ATOM   448  C  C4    . U   A 1 21 ? 13.161  4.723   25.138  1.00 82.05 ? 21  U   A C4    1 
ATOM   449  O  O4    . U   A 1 21 ? 12.912  3.531   25.342  1.00 74.65 ? 21  U   A O4    1 
ATOM   450  C  C5    . U   A 1 21 ? 12.395  5.837   25.614  1.00 84.96 ? 21  U   A C5    1 
ATOM   451  C  C6    . U   A 1 21 ? 12.780  7.086   25.316  1.00 86.22 ? 21  U   A C6    1 
ATOM   452  P  P     . C   A 1 22 ? 15.173  12.717  22.301  1.00 96.20 ? 22  C   A P     1 
ATOM   453  O  OP1   . C   A 1 22 ? 16.433  12.650  21.518  1.00 95.41 ? 22  C   A OP1   1 
ATOM   454  O  OP2   . C   A 1 22 ? 15.002  13.767  23.339  1.00 93.57 ? 22  C   A OP2   1 
ATOM   455  O  "O5'" . C   A 1 22 ? 13.984  12.841  21.248  1.00 93.31 ? 22  C   A "O5'" 1 
ATOM   456  C  "C5'" . C   A 1 22 ? 13.745  14.078  20.584  1.00 94.54 ? 22  C   A "C5'" 1 
ATOM   457  C  "C4'" . C   A 1 22 ? 12.756  13.942  19.453  1.00 92.69 ? 22  C   A "C4'" 1 
ATOM   458  O  "O4'" . C   A 1 22 ? 11.643  13.122  19.893  1.00 91.05 ? 22  C   A "O4'" 1 
ATOM   459  C  "C3'" . C   A 1 22 ? 12.152  15.260  18.984  1.00 93.17 ? 22  C   A "C3'" 1 
ATOM   460  O  "O3'" . C   A 1 22 ? 11.843  15.181  17.593  1.00 95.12 ? 22  C   A "O3'" 1 
ATOM   461  C  "C2'" . C   A 1 22 ? 10.870  15.351  19.803  1.00 91.85 ? 22  C   A "C2'" 1 
ATOM   462  O  "O2'" . C   A 1 22 ? 9.861   16.153  19.222  1.00 90.04 ? 22  C   A "O2'" 1 
ATOM   463  C  "C1'" . C   A 1 22 ? 10.446  13.883  19.895  1.00 90.87 ? 22  C   A "C1'" 1 
ATOM   464  N  N1    . C   A 1 22 ? 9.725   13.547  21.133  1.00 90.19 ? 22  C   A N1    1 
ATOM   465  C  C2    . C   A 1 22 ? 8.381   13.905  21.309  1.00 87.72 ? 22  C   A C2    1 
ATOM   466  O  O2    . C   A 1 22 ? 7.789   14.527  20.412  1.00 87.35 ? 22  C   A O2    1 
ATOM   467  N  N3    . C   A 1 22 ? 7.761   13.573  22.467  1.00 84.03 ? 22  C   A N3    1 
ATOM   468  C  C4    . C   A 1 22 ? 8.422   12.906  23.418  1.00 82.66 ? 22  C   A C4    1 
ATOM   469  N  N4    . C   A 1 22 ? 7.769   12.597  24.539  1.00 81.84 ? 22  C   A N4    1 
ATOM   470  C  C5    . C   A 1 22 ? 9.784   12.523  23.264  1.00 85.43 ? 22  C   A C5    1 
ATOM   471  C  C6    . C   A 1 22 ? 10.387  12.860  22.118  1.00 88.71 ? 22  C   A C6    1 
ATOM   472  P  P     . G   A 1 23 ? 12.672  16.068  16.538  1.00 96.98 ? 23  G   A P     1 
ATOM   473  O  OP1   . G   A 1 23 ? 13.775  16.742  17.270  1.00 92.80 ? 23  G   A OP1   1 
ATOM   474  O  OP2   . G   A 1 23 ? 11.702  16.874  15.751  1.00 93.79 ? 23  G   A OP2   1 
ATOM   475  O  "O5'" . G   A 1 23 ? 13.323  14.993  15.560  1.00 93.73 ? 23  G   A "O5'" 1 
ATOM   476  C  "C5'" . G   A 1 23 ? 12.528  13.987  14.954  1.00 92.71 ? 23  G   A "C5'" 1 
ATOM   477  C  "C4'" . G   A 1 23 ? 13.341  12.756  14.648  1.00 90.93 ? 23  G   A "C4'" 1 
ATOM   478  O  "O4'" . G   A 1 23 ? 13.908  12.228  15.870  1.00 90.67 ? 23  G   A "O4'" 1 
ATOM   479  C  "C3'" . G   A 1 23 ? 12.576  11.586  14.051  1.00 90.60 ? 23  G   A "C3'" 1 
ATOM   480  O  "O3'" . G   A 1 23 ? 12.420  11.729  12.649  1.00 91.64 ? 23  G   A "O3'" 1 
ATOM   481  C  "C2'" . G   A 1 23 ? 13.423  10.374  14.443  1.00 90.45 ? 23  G   A "C2'" 1 
ATOM   482  O  "O2'" . G   A 1 23 ? 14.454  10.150  13.493  1.00 91.58 ? 23  G   A "O2'" 1 
ATOM   483  C  "C1'" . G   A 1 23 ? 14.065  10.832  15.758  1.00 90.45 ? 23  G   A "C1'" 1 
ATOM   484  N  N9    . G   A 1 23 ? 13.524  10.168  16.964  1.00 89.67 ? 23  G   A N9    1 
ATOM   485  C  C8    . G   A 1 23 ? 14.237  9.273   17.722  1.00 88.24 ? 23  G   A C8    1 
ATOM   486  N  N7    . G   A 1 23 ? 13.581  8.814   18.747  1.00 89.01 ? 23  G   A N7    1 
ATOM   487  C  C5    . G   A 1 23 ? 12.351  9.450   18.673  1.00 88.62 ? 23  G   A C5    1 
ATOM   488  C  C6    . G   A 1 23 ? 11.227  9.337   19.532  1.00 87.24 ? 23  G   A C6    1 
ATOM   489  O  O6    . G   A 1 23 ? 11.099  8.638   20.546  1.00 84.79 ? 23  G   A O6    1 
ATOM   490  N  N1    . G   A 1 23 ? 10.181  10.148  19.107  1.00 85.47 ? 23  G   A N1    1 
ATOM   491  C  C2    . G   A 1 23 ? 10.214  10.960  18.000  1.00 86.50 ? 23  G   A C2    1 
ATOM   492  N  N2    . G   A 1 23 ? 9.097   11.663  17.765  1.00 84.53 ? 23  G   A N2    1 
ATOM   493  N  N3    . G   A 1 23 ? 11.259  11.078  17.189  1.00 88.39 ? 23  G   A N3    1 
ATOM   494  C  C4    . G   A 1 23 ? 12.292  10.296  17.579  1.00 89.01 ? 23  G   A C4    1 
ATOM   495  P  P     . G   A 1 24 ? 10.976  11.588  11.957  1.00 92.94 ? 24  G   A P     1 
ATOM   496  O  OP1   . G   A 1 24 ? 11.035  12.329  10.669  1.00 91.03 ? 24  G   A OP1   1 
ATOM   497  O  OP2   . G   A 1 24 ? 9.929   11.934  12.953  1.00 90.26 ? 24  G   A OP2   1 
ATOM   498  O  "O5'" . G   A 1 24 ? 10.877  10.035  11.617  1.00 91.62 ? 24  G   A "O5'" 1 
ATOM   499  C  "C5'" . G   A 1 24 ? 9.717   9.282   11.937  1.00 89.23 ? 24  G   A "C5'" 1 
ATOM   500  C  "C4'" . G   A 1 24 ? 9.996   8.297   13.045  1.00 86.58 ? 24  G   A "C4'" 1 
ATOM   501  O  "O4'" . G   A 1 24 ? 10.040  8.995   14.315  1.00 87.29 ? 24  G   A "O4'" 1 
ATOM   502  C  "C3'" . G   A 1 24 ? 8.947   7.211   13.246  1.00 83.83 ? 24  G   A "C3'" 1 
ATOM   503  O  "O3'" . G   A 1 24 ? 9.136   6.115   12.367  1.00 85.92 ? 24  G   A "O3'" 1 
ATOM   504  C  "C2'" . G   A 1 24 ? 9.119   6.843   14.714  1.00 81.41 ? 24  G   A "C2'" 1 
ATOM   505  O  "O2'" . G   A 1 24 ? 10.227  5.970   14.881  1.00 79.98 ? 24  G   A "O2'" 1 
ATOM   506  C  "C1'" . G   A 1 24 ? 9.475   8.195   15.330  1.00 83.31 ? 24  G   A "C1'" 1 
ATOM   507  N  N9    . G   A 1 24 ? 8.298   8.903   15.870  1.00 78.58 ? 24  G   A N9    1 
ATOM   508  C  C8    . G   A 1 24 ? 7.798   10.098  15.417  1.00 79.83 ? 24  G   A C8    1 
ATOM   509  N  N7    . G   A 1 24 ? 6.754   10.505  16.083  1.00 78.42 ? 24  G   A N7    1 
ATOM   510  C  C5    . G   A 1 24 ? 6.553   9.521   17.042  1.00 74.98 ? 24  G   A C5    1 
ATOM   511  C  C6    . G   A 1 24 ? 5.563   9.418   18.054  1.00 71.17 ? 24  G   A C6    1 
ATOM   512  O  O6    . G   A 1 24 ? 4.639   10.199  18.314  1.00 67.64 ? 24  G   A O6    1 
ATOM   513  N  N1    . G   A 1 24 ? 5.725   8.257   18.805  1.00 70.03 ? 24  G   A N1    1 
ATOM   514  C  C2    . G   A 1 24 ? 6.709   7.317   18.610  1.00 70.37 ? 24  G   A C2    1 
ATOM   515  N  N2    . G   A 1 24 ? 6.698   6.264   19.439  1.00 67.81 ? 24  G   A N2    1 
ATOM   516  N  N3    . G   A 1 24 ? 7.638   7.404   17.669  1.00 74.88 ? 24  G   A N3    1 
ATOM   517  C  C4    . G   A 1 24 ? 7.501   8.524   16.927  1.00 76.19 ? 24  G   A C4    1 
ATOM   518  P  P     . G   A 1 25 ? 7.885   5.241   11.862  1.00 87.43 ? 25  G   A P     1 
ATOM   519  O  OP1   . G   A 1 25 ? 8.395   4.238   10.888  1.00 82.97 ? 25  G   A OP1   1 
ATOM   520  O  OP2   . G   A 1 25 ? 6.797   6.173   11.462  1.00 87.01 ? 25  G   A OP2   1 
ATOM   521  O  "O5'" . G   A 1 25 ? 7.410   4.461   13.166  1.00 79.18 ? 25  G   A "O5'" 1 
ATOM   522  C  "C5'" . G   A 1 25 ? 8.266   3.533   13.812  1.00 76.10 ? 25  G   A "C5'" 1 
ATOM   523  C  "C4'" . G   A 1 25 ? 7.627   2.968   15.055  1.00 73.13 ? 25  G   A "C4'" 1 
ATOM   524  O  "O4'" . G   A 1 25 ? 7.491   4.003   16.064  1.00 71.95 ? 25  G   A "O4'" 1 
ATOM   525  C  "C3'" . G   A 1 25 ? 6.215   2.440   14.892  1.00 68.68 ? 25  G   A "C3'" 1 
ATOM   526  O  "O3'" . G   A 1 25 ? 6.170   1.152   14.315  1.00 67.52 ? 25  G   A "O3'" 1 
ATOM   527  C  "C2'" . G   A 1 25 ? 5.683   2.488   16.313  1.00 64.78 ? 25  G   A "C2'" 1 
ATOM   528  O  "O2'" . G   A 1 25 ? 6.199   1.405   17.072  1.00 67.25 ? 25  G   A "O2'" 1 
ATOM   529  C  "C1'" . G   A 1 25 ? 6.318   3.780   16.820  1.00 67.93 ? 25  G   A "C1'" 1 
ATOM   530  N  N9    . G   A 1 25 ? 5.417   4.926   16.635  1.00 66.26 ? 25  G   A N9    1 
ATOM   531  C  C8    . G   A 1 25 ? 5.527   5.931   15.707  1.00 69.37 ? 25  G   A C8    1 
ATOM   532  N  N7    . G   A 1 25 ? 4.559   6.803   15.795  1.00 68.54 ? 25  G   A N7    1 
ATOM   533  C  C5    . G   A 1 25 ? 3.765   6.343   16.838  1.00 62.54 ? 25  G   A C5    1 
ATOM   534  C  C6    . G   A 1 25 ? 2.572   6.871   17.394  1.00 60.10 ? 25  G   A C6    1 
ATOM   535  O  O6    . G   A 1 25 ? 1.958   7.892   17.067  1.00 61.61 ? 25  G   A O6    1 
ATOM   536  N  N1    . G   A 1 25 ? 2.099   6.082   18.437  1.00 57.40 ? 25  G   A N1    1 
ATOM   537  C  C2    . G   A 1 25 ? 2.694   4.930   18.884  1.00 57.92 ? 25  G   A C2    1 
ATOM   538  N  N2    . G   A 1 25 ? 2.088   4.308   19.903  1.00 57.64 ? 25  G   A N2    1 
ATOM   539  N  N3    . G   A 1 25 ? 3.808   4.426   18.377  1.00 60.99 ? 25  G   A N3    1 
ATOM   540  C  C4    . G   A 1 25 ? 4.283   5.180   17.364  1.00 62.57 ? 25  G   A C4    1 
ATOM   541  P  P     . C   A 1 26 ? 4.902   0.732   13.432  1.00 69.06 ? 26  C   A P     1 
ATOM   542  O  OP1   . C   A 1 26 ? 5.200   -0.586  12.811  1.00 67.77 ? 26  C   A OP1   1 
ATOM   543  O  OP2   . C   A 1 26 ? 4.540   1.891   12.574  1.00 68.97 ? 26  C   A OP2   1 
ATOM   544  O  "O5'" . C   A 1 26 ? 3.746   0.541   14.512  1.00 62.85 ? 26  C   A "O5'" 1 
ATOM   545  C  "C5'" . C   A 1 26 ? 3.887   -0.407  15.556  1.00 59.03 ? 26  C   A "C5'" 1 
ATOM   546  C  "C4'" . C   A 1 26 ? 2.734   -0.353  16.524  1.00 56.35 ? 26  C   A "C4'" 1 
ATOM   547  O  "O4'" . C   A 1 26 ? 2.707   0.918   17.222  1.00 57.42 ? 26  C   A "O4'" 1 
ATOM   548  C  "C3'" . C   A 1 26 ? 1.348   -0.451  15.922  1.00 51.59 ? 26  C   A "C3'" 1 
ATOM   549  O  "O3'" . C   A 1 26 ? 0.990   -1.759  15.541  1.00 50.93 ? 26  C   A "O3'" 1 
ATOM   550  C  "C2'" . C   A 1 26 ? 0.480   0.126   17.027  1.00 49.66 ? 26  C   A "C2'" 1 
ATOM   551  O  "O2'" . C   A 1 26 ? 0.324   -0.816  18.077  1.00 50.75 ? 26  C   A "O2'" 1 
ATOM   552  C  "C1'" . C   A 1 26 ? 1.369   1.263   17.529  1.00 53.12 ? 26  C   A "C1'" 1 
ATOM   553  N  N1    . C   A 1 26 ? 1.037   2.541   16.864  1.00 51.74 ? 26  C   A N1    1 
ATOM   554  C  C2    . C   A 1 26 ? -0.091  3.241   17.294  1.00 50.64 ? 26  C   A C2    1 
ATOM   555  O  O2    . C   A 1 26 ? -0.771  2.776   18.220  1.00 50.54 ? 26  C   A O2    1 
ATOM   556  N  N3    . C   A 1 26 ? -0.418  4.409   16.695  1.00 49.69 ? 26  C   A N3    1 
ATOM   557  C  C4    . C   A 1 26 ? 0.339   4.876   15.708  1.00 49.99 ? 26  C   A C4    1 
ATOM   558  N  N4    . C   A 1 26 ? -0.017  6.030   15.147  1.00 51.59 ? 26  C   A N4    1 
ATOM   559  C  C5    . C   A 1 26 ? 1.494   4.184   15.241  1.00 54.85 ? 26  C   A C5    1 
ATOM   560  C  C6    . C   A 1 26 ? 1.803   3.029   15.842  1.00 56.51 ? 26  C   A C6    1 
ATOM   561  P  P     . G   A 1 27 ? 0.122   -1.971  14.209  1.00 48.19 ? 27  G   A P     1 
ATOM   562  O  OP1   . G   A 1 27 ? 0.060   -3.435  13.962  1.00 51.61 ? 27  G   A OP1   1 
ATOM   563  O  OP2   . G   A 1 27 ? 0.623   -1.045  13.163  1.00 51.29 ? 27  G   A OP2   1 
ATOM   564  O  "O5'" . G   A 1 27 ? -1.334  -1.467  14.621  1.00 45.14 ? 27  G   A "O5'" 1 
ATOM   565  C  "C5'" . G   A 1 27 ? -2.087  -2.164  15.599  1.00 43.17 ? 27  G   A "C5'" 1 
ATOM   566  C  "C4'" . G   A 1 27 ? -3.276  -1.367  16.075  1.00 40.09 ? 27  G   A "C4'" 1 
ATOM   567  O  "O4'" . G   A 1 27 ? -2.856  -0.053  16.527  1.00 40.45 ? 27  G   A "O4'" 1 
ATOM   568  C  "C3'" . G   A 1 27 ? -4.359  -1.065  15.052  1.00 37.57 ? 27  G   A "C3'" 1 
ATOM   569  O  "O3'" . G   A 1 27 ? -5.214  -2.174  14.812  1.00 33.11 ? 27  G   A "O3'" 1 
ATOM   570  C  "C2'" . G   A 1 27 ? -5.070  0.125   15.685  1.00 35.39 ? 27  G   A "C2'" 1 
ATOM   571  O  "O2'" . G   A 1 27 ? -5.916  -0.311  16.735  1.00 34.48 ? 27  G   A "O2'" 1 
ATOM   572  C  "C1'" . G   A 1 27 ? -3.897  0.877   16.315  1.00 38.27 ? 27  G   A "C1'" 1 
ATOM   573  N  N9    . G   A 1 27 ? -3.401  1.978   15.465  1.00 39.63 ? 27  G   A N9    1 
ATOM   574  C  C8    . G   A 1 27 ? -2.208  2.063   14.784  1.00 40.80 ? 27  G   A C8    1 
ATOM   575  N  N7    . G   A 1 27 ? -2.064  3.190   14.140  1.00 38.62 ? 27  G   A N7    1 
ATOM   576  C  C5    . G   A 1 27 ? -3.226  3.894   14.417  1.00 38.07 ? 27  G   A C5    1 
ATOM   577  C  C6    . G   A 1 27 ? -3.657  5.177   13.996  1.00 38.74 ? 27  G   A C6    1 
ATOM   578  O  O6    . G   A 1 27 ? -3.070  5.983   13.275  1.00 37.92 ? 27  G   A O6    1 
ATOM   579  N  N1    . G   A 1 27 ? -4.910  5.506   14.512  1.00 37.14 ? 27  G   A N1    1 
ATOM   580  C  C2    . G   A 1 27 ? -5.657  4.698   15.324  1.00 38.73 ? 27  G   A C2    1 
ATOM   581  N  N2    . G   A 1 27 ? -6.843  5.186   15.712  1.00 38.65 ? 27  G   A N2    1 
ATOM   582  N  N3    . G   A 1 27 ? -5.275  3.499   15.721  1.00 37.25 ? 27  G   A N3    1 
ATOM   583  C  C4    . G   A 1 27 ? -4.058  3.163   15.235  1.00 39.09 ? 27  G   A C4    1 
ATOM   584  P  P     . C   A 1 28 ? -5.953  -2.360  13.397  1.00 30.97 ? 28  C   A P     1 
ATOM   585  O  OP1   . C   A 1 28 ? -6.792  -3.582  13.489  1.00 29.45 ? 28  C   A OP1   1 
ATOM   586  O  OP2   . C   A 1 28 ? -4.966  -2.233  12.293  1.00 33.55 ? 28  C   A OP2   1 
ATOM   587  O  "O5'" . C   A 1 28 ? -6.949  -1.130  13.310  1.00 31.09 ? 28  C   A "O5'" 1 
ATOM   588  C  "C5'" . C   A 1 28 ? -8.058  -1.053  14.189  1.00 31.18 ? 28  C   A "C5'" 1 
ATOM   589  C  "C4'" . C   A 1 28 ? -8.859  0.194   13.945  1.00 30.87 ? 28  C   A "C4'" 1 
ATOM   590  O  "O4'" . C   A 1 28 ? -8.042  1.362   14.175  1.00 33.14 ? 28  C   A "O4'" 1 
ATOM   591  C  "C3'" . C   A 1 28 ? -9.387  0.382   12.535  1.00 32.76 ? 28  C   A "C3'" 1 
ATOM   592  O  "O3'" . C   A 1 28 ? -10.571 -0.361  12.345  1.00 31.17 ? 28  C   A "O3'" 1 
ATOM   593  C  "C2'" . C   A 1 28 ? -9.613  1.887   12.461  1.00 33.17 ? 28  C   A "C2'" 1 
ATOM   594  O  "O2'" . C   A 1 28 ? -10.864 2.222   13.046  1.00 34.80 ? 28  C   A "O2'" 1 
ATOM   595  C  "C1'" . C   A 1 28 ? -8.495  2.424   13.364  1.00 33.60 ? 28  C   A "C1'" 1 
ATOM   596  N  N1    . C   A 1 28 ? -7.337  2.985   12.628  1.00 34.79 ? 28  C   A N1    1 
ATOM   597  C  C2    . C   A 1 28 ? -7.415  4.295   12.146  1.00 35.93 ? 28  C   A C2    1 
ATOM   598  O  O2    . C   A 1 28 ? -8.469  4.933   12.324  1.00 37.11 ? 28  C   A O2    1 
ATOM   599  N  N3    . C   A 1 28 ? -6.353  4.823   11.496  1.00 34.58 ? 28  C   A N3    1 
ATOM   600  C  C4    . C   A 1 28 ? -5.244  4.096   11.320  1.00 33.99 ? 28  C   A C4    1 
ATOM   601  N  N4    . C   A 1 28 ? -4.212  4.643   10.673  1.00 34.41 ? 28  C   A N4    1 
ATOM   602  C  C5    . C   A 1 28 ? -5.135  2.762   11.805  1.00 34.61 ? 28  C   A C5    1 
ATOM   603  C  C6    . C   A 1 28 ? -6.193  2.255   12.452  1.00 34.01 ? 28  C   A C6    1 
ATOM   604  P  P     . C   A 1 29 ? -10.909 -1.104  10.964  1.00 32.36 ? 29  C   A P     1 
ATOM   605  O  OP1   . C   A 1 29 ? -9.700  -1.749  10.434  1.00 30.31 ? 29  C   A OP1   1 
ATOM   606  O  OP2   . C   A 1 29 ? -11.696 -0.186  10.102  1.00 32.57 ? 29  C   A OP2   1 
ATOM   607  O  "O5'" . C   A 1 29 ? -11.913 -2.247  11.439  1.00 29.50 ? 29  C   A "O5'" 1 
ATOM   608  C  "C5'" . C   A 1 29 ? -11.566 -3.092  12.518  1.00 27.83 ? 29  C   A "C5'" 1 
ATOM   609  C  "C4'" . C   A 1 29 ? -12.513 -4.255  12.628  1.00 28.81 ? 29  C   A "C4'" 1 
ATOM   610  O  "O4'" . C   A 1 29 ? -13.852 -3.775  12.927  1.00 27.40 ? 29  C   A "O4'" 1 
ATOM   611  C  "C3'" . C   A 1 29 ? -12.700 -5.085  11.370  1.00 26.89 ? 29  C   A "C3'" 1 
ATOM   612  O  "O3'" . C   A 1 29 ? -11.633 -5.996  11.144  1.00 23.40 ? 29  C   A "O3'" 1 
ATOM   613  C  "C2'" . C   A 1 29 ? -14.041 -5.754  11.632  1.00 31.14 ? 29  C   A "C2'" 1 
ATOM   614  O  "O2'" . C   A 1 29 ? -13.888 -6.820  12.561  1.00 25.90 ? 29  C   A "O2'" 1 
ATOM   615  C  "C1'" . C   A 1 29 ? -14.806 -4.618  12.318  1.00 28.62 ? 29  C   A "C1'" 1 
ATOM   616  N  N1    . C   A 1 29 ? -15.562 -3.811  11.336  1.00 30.71 ? 29  C   A N1    1 
ATOM   617  C  C2    . C   A 1 29 ? -16.751 -4.324  10.813  1.00 31.74 ? 29  C   A C2    1 
ATOM   618  O  O2    . C   A 1 29 ? -17.139 -5.443  11.196  1.00 31.56 ? 29  C   A O2    1 
ATOM   619  N  N3    . C   A 1 29 ? -17.432 -3.587  9.902   1.00 30.25 ? 29  C   A N3    1 
ATOM   620  C  C4    . C   A 1 29 ? -16.964 -2.393  9.533   1.00 31.14 ? 29  C   A C4    1 
ATOM   621  N  N4    . C   A 1 29 ? -17.660 -1.695  8.631   1.00 35.23 ? 29  C   A N4    1 
ATOM   622  C  C5    . C   A 1 29 ? -15.752 -1.848  10.045  1.00 33.93 ? 29  C   A C5    1 
ATOM   623  C  C6    . C   A 1 29 ? -15.082 -2.590  10.939  1.00 30.82 ? 29  C   A C6    1 
ATOM   624  P  P     . A   A 1 30 ? -11.202 -6.391  9.643   1.00 25.40 ? 30  A   A P     1 
ATOM   625  O  OP1   . A   A 1 30 ? -10.116 -7.387  9.827   1.00 23.59 ? 30  A   A OP1   1 
ATOM   626  O  OP2   . A   A 1 30 ? -10.950 -5.166  8.831   1.00 26.06 ? 30  A   A OP2   1 
ATOM   627  O  "O5'" . A   A 1 30 ? -12.487 -7.101  9.033   1.00 24.43 ? 30  A   A "O5'" 1 
ATOM   628  C  "C5'" . A   A 1 30 ? -12.949 -8.349  9.521   1.00 26.86 ? 30  A   A "C5'" 1 
ATOM   629  C  "C4'" . A   A 1 30 ? -14.254 -8.724  8.872   1.00 29.15 ? 30  A   A "C4'" 1 
ATOM   630  O  "O4'" . A   A 1 30 ? -15.281 -7.756  9.228   1.00 30.71 ? 30  A   A "O4'" 1 
ATOM   631  C  "C3'" . A   A 1 30 ? -14.264 -8.702  7.355   1.00 27.75 ? 30  A   A "C3'" 1 
ATOM   632  O  "O3'" . A   A 1 30 ? -13.666 -9.838  6.765   1.00 27.97 ? 30  A   A "O3'" 1 
ATOM   633  C  "C2'" . A   A 1 30 ? -15.743 -8.555  7.054   1.00 29.28 ? 30  A   A "C2'" 1 
ATOM   634  O  "O2'" . A   A 1 30 ? -16.417 -9.779  7.304   1.00 28.48 ? 30  A   A "O2'" 1 
ATOM   635  C  "C1'" . A   A 1 30 ? -16.148 -7.558  8.133   1.00 27.36 ? 30  A   A "C1'" 1 
ATOM   636  N  N9    . A   A 1 30 ? -15.986 -6.177  7.647   1.00 27.81 ? 30  A   A N9    1 
ATOM   637  C  C8    . A   A 1 30 ? -15.040 -5.245  7.982   1.00 26.58 ? 30  A   A C8    1 
ATOM   638  N  N7    . A   A 1 30 ? -15.164 -4.106  7.339   1.00 29.18 ? 30  A   A N7    1 
ATOM   639  C  C5    . A   A 1 30 ? -16.290 -4.296  6.547   1.00 29.53 ? 30  A   A C5    1 
ATOM   640  C  C6    . A   A 1 30 ? -16.950 -3.466  5.626   1.00 29.21 ? 30  A   A C6    1 
ATOM   641  N  N6    . A   A 1 30 ? -16.567 -2.214  5.352   1.00 28.66 ? 30  A   A N6    1 
ATOM   642  N  N1    . A   A 1 30 ? -18.024 -3.976  4.986   1.00 30.60 ? 30  A   A N1    1 
ATOM   643  C  C2    . A   A 1 30 ? -18.407 -5.232  5.258   1.00 31.22 ? 30  A   A C2    1 
ATOM   644  N  N3    . A   A 1 30 ? -17.866 -6.114  6.107   1.00 30.83 ? 30  A   A N3    1 
ATOM   645  C  C4    . A   A 1 30 ? -16.798 -5.574  6.718   1.00 29.79 ? 30  A   A C4    1 
ATOM   646  P  P     . A   A 1 31 ? -12.935 -9.703  5.340   1.00 25.94 ? 31  A   A P     1 
ATOM   647  O  OP1   . A   A 1 31 ? -12.431 -11.044 4.964   1.00 27.21 ? 31  A   A OP1   1 
ATOM   648  O  OP2   . A   A 1 31 ? -12.036 -8.521  5.468   1.00 21.99 ? 31  A   A OP2   1 
ATOM   649  O  "O5'" . A   A 1 31 ? -14.082 -9.234  4.349   1.00 27.47 ? 31  A   A "O5'" 1 
ATOM   650  C  "C5'" . A   A 1 31 ? -15.088 -10.123 3.898   1.00 29.25 ? 31  A   A "C5'" 1 
ATOM   651  C  "C4'" . A   A 1 31 ? -15.940 -9.450  2.854   1.00 29.57 ? 31  A   A "C4'" 1 
ATOM   652  O  "O4'" . A   A 1 31 ? -16.517 -8.235  3.399   1.00 30.15 ? 31  A   A "O4'" 1 
ATOM   653  C  "C3'" . A   A 1 31 ? -15.174 -8.979  1.631   1.00 29.34 ? 31  A   A "C3'" 1 
ATOM   654  O  "O3'" . A   A 1 31 ? -14.985 -10.017 0.696   1.00 29.00 ? 31  A   A "O3'" 1 
ATOM   655  C  "C2'" . A   A 1 31 ? -16.020 -7.826  1.116   1.00 31.17 ? 31  A   A "C2'" 1 
ATOM   656  O  "O2'" . A   A 1 31 ? -17.148 -8.314  0.400   1.00 32.00 ? 31  A   A "O2'" 1 
ATOM   657  C  "C1'" . A   A 1 31 ? -16.502 -7.212  2.425   1.00 26.98 ? 31  A   A "C1'" 1 
ATOM   658  N  N9    . A   A 1 31 ? -15.609 -6.150  2.918   1.00 26.44 ? 31  A   A N9    1 
ATOM   659  C  C8    . A   A 1 31 ? -14.739 -6.243  3.976   1.00 25.85 ? 31  A   A C8    1 
ATOM   660  N  N7    . A   A 1 31 ? -14.074 -5.137  4.204   1.00 26.92 ? 31  A   A N7    1 
ATOM   661  C  C5    . A   A 1 31 ? -14.540 -4.253  3.235   1.00 27.56 ? 31  A   A C5    1 
ATOM   662  C  C6    . A   A 1 31 ? -14.230 -2.915  2.933   1.00 27.89 ? 31  A   A C6    1 
ATOM   663  N  N6    . A   A 1 31 ? -13.343 -2.167  3.596   1.00 29.65 ? 31  A   A N6    1 
ATOM   664  N  N1    . A   A 1 31 ? -14.880 -2.345  1.888   1.00 29.64 ? 31  A   A N1    1 
ATOM   665  C  C2    . A   A 1 31 ? -15.770 -3.078  1.208   1.00 30.42 ? 31  A   A C2    1 
ATOM   666  N  N3    . A   A 1 31 ? -16.146 -4.340  1.398   1.00 29.70 ? 31  A   A N3    1 
ATOM   667  C  C4    . A   A 1 31 ? -15.485 -4.874  2.437   1.00 27.68 ? 31  A   A C4    1 
ATOM   668  P  P     . U   A 1 32 ? -13.544 -10.218 0.034   1.00 29.41 ? 32  U   A P     1 
ATOM   669  O  OP1   . U   A 1 32 ? -13.633 -11.399 -0.851  1.00 31.75 ? 32  U   A OP1   1 
ATOM   670  O  OP2   . U   A 1 32 ? -12.490 -10.133 1.078   1.00 27.49 ? 32  U   A OP2   1 
ATOM   671  O  "O5'" . U   A 1 32 ? -13.366 -8.902  -0.834  1.00 28.28 ? 32  U   A "O5'" 1 
ATOM   672  C  "C5'" . U   A 1 32 ? -14.155 -8.673  -1.992  1.00 29.63 ? 32  U   A "C5'" 1 
ATOM   673  C  "C4'" . U   A 1 32 ? -13.935 -7.283  -2.535  1.00 30.99 ? 32  U   A "C4'" 1 
ATOM   674  O  "O4'" . U   A 1 32 ? -14.357 -6.295  -1.558  1.00 29.39 ? 32  U   A "O4'" 1 
ATOM   675  C  "C3'" . U   A 1 32 ? -12.499 -6.898  -2.834  1.00 28.35 ? 32  U   A "C3'" 1 
ATOM   676  O  "O3'" . U   A 1 32 ? -12.007 -7.446  -4.050  1.00 29.29 ? 32  U   A "O3'" 1 
ATOM   677  C  "C2'" . U   A 1 32 ? -12.570 -5.375  -2.828  1.00 29.22 ? 32  U   A "C2'" 1 
ATOM   678  O  "O2'" . U   A 1 32 ? -13.138 -4.893  -4.039  1.00 33.08 ? 32  U   A "O2'" 1 
ATOM   679  C  "C1'" . U   A 1 32 ? -13.560 -5.129  -1.682  1.00 26.56 ? 32  U   A "C1'" 1 
ATOM   680  N  N1    . U   A 1 32 ? -12.827 -4.897  -0.416  1.00 26.66 ? 32  U   A N1    1 
ATOM   681  C  C2    . U   A 1 32 ? -12.334 -3.624  -0.178  1.00 27.25 ? 32  U   A C2    1 
ATOM   682  O  O2    . U   A 1 32 ? -12.522 -2.678  -0.921  1.00 29.09 ? 32  U   A O2    1 
ATOM   683  N  N3    . U   A 1 32 ? -11.612 -3.492  0.982   1.00 25.10 ? 32  U   A N3    1 
ATOM   684  C  C4    . U   A 1 32 ? -11.317 -4.484  1.895   1.00 27.24 ? 32  U   A C4    1 
ATOM   685  O  O4    . U   A 1 32 ? -10.650 -4.207  2.898   1.00 25.63 ? 32  U   A O4    1 
ATOM   686  C  C5    . U   A 1 32 ? -11.844 -5.774  1.573   1.00 22.38 ? 32  U   A C5    1 
ATOM   687  C  C6    . U   A 1 32 ? -12.550 -5.930  0.450   1.00 25.16 ? 32  U   A C6    1 
ATOM   688  P  P     . C   A 1 33 ? -10.897 -8.605  -4.049  1.00 30.16 ? 33  C   A P     1 
ATOM   689  O  OP1   . C   A 1 33 ? -11.167 -9.488  -5.215  1.00 32.71 ? 33  C   A OP1   1 
ATOM   690  O  OP2   . C   A 1 33 ? -10.763 -9.204  -2.696  1.00 31.50 ? 33  C   A OP2   1 
ATOM   691  O  "O5'" . C   A 1 33 ? -9.557  -7.855  -4.446  1.00 30.82 ? 33  C   A "O5'" 1 
ATOM   692  C  "C5'" . C   A 1 33 ? -8.861  -7.049  -3.515  1.00 25.53 ? 33  C   A "C5'" 1 
ATOM   693  C  "C4'" . C   A 1 33 ? -7.373  -7.177  -3.705  1.00 26.36 ? 33  C   A "C4'" 1 
ATOM   694  O  "O4'" . C   A 1 33 ? -6.938  -6.339  -4.809  1.00 29.31 ? 33  C   A "O4'" 1 
ATOM   695  C  "C3'" . C   A 1 33 ? -6.526  -6.720  -2.532  1.00 25.31 ? 33  C   A "C3'" 1 
ATOM   696  O  "O3'" . C   A 1 33 ? -6.403  -7.727  -1.550  1.00 27.74 ? 33  C   A "O3'" 1 
ATOM   697  C  "C2'" . C   A 1 33 ? -5.201  -6.384  -3.190  1.00 25.16 ? 33  C   A "C2'" 1 
ATOM   698  O  "O2'" . C   A 1 33 ? -4.463  -7.573  -3.417  1.00 24.04 ? 33  C   A "O2'" 1 
ATOM   699  C  "C1'" . C   A 1 33 ? -5.663  -5.802  -4.531  1.00 28.79 ? 33  C   A "C1'" 1 
ATOM   700  N  N1    . C   A 1 33 ? -5.788  -4.327  -4.459  1.00 23.02 ? 33  C   A N1    1 
ATOM   701  C  C2    . C   A 1 33 ? -4.619  -3.588  -4.299  1.00 25.12 ? 33  C   A C2    1 
ATOM   702  O  O2    . C   A 1 33 ? -3.524  -4.170  -4.245  1.00 25.75 ? 33  C   A O2    1 
ATOM   703  N  N3    . C   A 1 33 ? -4.701  -2.247  -4.201  1.00 24.36 ? 33  C   A N3    1 
ATOM   704  C  C4    . C   A 1 33 ? -5.877  -1.637  -4.274  1.00 23.16 ? 33  C   A C4    1 
ATOM   705  N  N4    . C   A 1 33 ? -5.860  -0.310  -4.181  1.00 25.42 ? 33  C   A N4    1 
ATOM   706  C  C5    . C   A 1 33 ? -7.086  -2.361  -4.440  1.00 24.75 ? 33  C   A C5    1 
ATOM   707  C  C6    . C   A 1 33 ? -7.000  -3.694  -4.520  1.00 25.63 ? 33  C   A C6    1 
ATOM   708  P  P     . G   A 1 34 ? -6.736  -7.417  -0.009  1.00 23.28 ? 34  G   A P     1 
ATOM   709  O  OP1   . G   A 1 34 ? -6.349  -8.621  0.776   1.00 25.81 ? 34  G   A OP1   1 
ATOM   710  O  OP2   . G   A 1 34 ? -8.113  -6.866  0.090   1.00 24.98 ? 34  G   A OP2   1 
ATOM   711  O  "O5'" . G   A 1 34 ? -5.776  -6.198  0.355   1.00 22.69 ? 34  G   A "O5'" 1 
ATOM   712  C  "C5'" . G   A 1 34 ? -4.365  -6.344  0.411   1.00 25.38 ? 34  G   A "C5'" 1 
ATOM   713  C  "C4'" . G   A 1 34 ? -3.682  -4.999  0.430   1.00 24.80 ? 34  G   A "C4'" 1 
ATOM   714  O  "O4'" . G   A 1 34 ? -4.050  -4.238  -0.754  1.00 26.71 ? 34  G   A "O4'" 1 
ATOM   715  C  "C3'" . G   A 1 34 ? -4.066  -4.083  1.579   1.00 26.18 ? 34  G   A "C3'" 1 
ATOM   716  O  "O3'" . G   A 1 34 ? -3.360  -4.383  2.761   1.00 26.01 ? 34  G   A "O3'" 1 
ATOM   717  C  "C2'" . G   A 1 34 ? -3.725  -2.710  1.024   1.00 25.89 ? 34  G   A "C2'" 1 
ATOM   718  O  "O2'" . G   A 1 34 ? -2.315  -2.532  1.023   1.00 26.46 ? 34  G   A "O2'" 1 
ATOM   719  C  "C1'" . G   A 1 34 ? -4.166  -2.869  -0.423  1.00 24.56 ? 34  G   A "C1'" 1 
ATOM   720  N  N9    . G   A 1 34 ? -5.560  -2.442  -0.668  1.00 25.05 ? 34  G   A N9    1 
ATOM   721  C  C8    . G   A 1 34 ? -6.667  -3.254  -0.807  1.00 24.71 ? 34  G   A C8    1 
ATOM   722  N  N7    . G   A 1 34 ? -7.754  -2.581  -1.091  1.00 25.22 ? 34  G   A N7    1 
ATOM   723  C  C5    . G   A 1 34 ? -7.327  -1.259  -1.154  1.00 24.53 ? 34  G   A C5    1 
ATOM   724  C  C6    . G   A 1 34 ? -8.060  -0.087  -1.427  1.00 25.31 ? 34  G   A C6    1 
ATOM   725  O  O6    . G   A 1 34 ? -9.261  -0.001  -1.681  1.00 27.24 ? 34  G   A O6    1 
ATOM   726  N  N1    . G   A 1 34 ? -7.263  1.056   -1.403  1.00 24.79 ? 34  G   A N1    1 
ATOM   727  C  C2    . G   A 1 34 ? -5.911  1.053   -1.159  1.00 26.00 ? 34  G   A C2    1 
ATOM   728  N  N2    . G   A 1 34 ? -5.297  2.246   -1.180  1.00 26.07 ? 34  G   A N2    1 
ATOM   729  N  N3    . G   A 1 34 ? -5.214  -0.036  -0.880  1.00 23.76 ? 34  G   A N3    1 
ATOM   730  C  C4    . G   A 1 34 ? -5.982  -1.152  -0.905  1.00 24.17 ? 34  G   A C4    1 
ATOM   731  P  P     . U   A 1 35 ? -4.073  -4.147  4.171   1.00 26.20 ? 35  U   A P     1 
ATOM   732  O  OP1   . U   A 1 35 ? -2.999  -4.407  5.167   1.00 27.61 ? 35  U   A OP1   1 
ATOM   733  O  OP2   . U   A 1 35 ? -5.340  -4.916  4.151   1.00 26.76 ? 35  U   A OP2   1 
ATOM   734  O  "O5'" . U   A 1 35 ? -4.446  -2.597  4.150   1.00 24.82 ? 35  U   A "O5'" 1 
ATOM   735  C  "C5'" . U   A 1 35 ? -3.429  -1.620  4.281   1.00 25.79 ? 35  U   A "C5'" 1 
ATOM   736  C  "C4'" . U   A 1 35 ? -3.950  -0.226  4.065   1.00 23.91 ? 35  U   A "C4'" 1 
ATOM   737  O  "O4'" . U   A 1 35 ? -4.626  -0.117  2.789   1.00 26.36 ? 35  U   A "O4'" 1 
ATOM   738  C  "C3'" . U   A 1 35 ? -4.979  0.266   5.061   1.00 26.26 ? 35  U   A "C3'" 1 
ATOM   739  O  "O3'" . U   A 1 35 ? -4.376  0.655   6.278   1.00 27.80 ? 35  U   A "O3'" 1 
ATOM   740  C  "C2'" . U   A 1 35 ? -5.632  1.420   4.312   1.00 26.53 ? 35  U   A "C2'" 1 
ATOM   741  O  "O2'" . U   A 1 35 ? -4.824  2.591   4.383   1.00 29.16 ? 35  U   A "O2'" 1 
ATOM   742  C  "C1'" . U   A 1 35 ? -5.613  0.899   2.870   1.00 25.12 ? 35  U   A "C1'" 1 
ATOM   743  N  N1    . U   A 1 35 ? -6.920  0.347   2.458   1.00 26.17 ? 35  U   A N1    1 
ATOM   744  C  C2    . U   A 1 35 ? -7.856  1.259   2.022   1.00 24.40 ? 35  U   A C2    1 
ATOM   745  O  O2    . U   A 1 35 ? -7.602  2.451   1.982   1.00 26.23 ? 35  U   A O2    1 
ATOM   746  N  N3    . U   A 1 35 ? -9.055  0.733   1.623   1.00 24.35 ? 35  U   A N3    1 
ATOM   747  C  C4    . U   A 1 35 ? -9.413  -0.603  1.652   1.00 24.16 ? 35  U   A C4    1 
ATOM   748  O  O4    . U   A 1 35 ? -10.531 -0.960  1.281   1.00 26.53 ? 35  U   A O4    1 
ATOM   749  C  C5    . U   A 1 35 ? -8.395  -1.481  2.135   1.00 25.02 ? 35  U   A C5    1 
ATOM   750  C  C6    . U   A 1 35 ? -7.203  -0.993  2.507   1.00 23.89 ? 35  U   A C6    1 
ATOM   751  P  P     . A   A 1 36 ? -4.933  0.104   7.672   1.00 28.26 ? 36  A   A P     1 
ATOM   752  O  OP1   . A   A 1 36 ? -3.958  0.505   8.716   1.00 29.82 ? 36  A   A OP1   1 
ATOM   753  O  OP2   . A   A 1 36 ? -5.286  -1.332  7.546   1.00 26.22 ? 36  A   A OP2   1 
ATOM   754  O  "O5'" . A   A 1 36 ? -6.267  0.948   7.874   1.00 28.10 ? 36  A   A "O5'" 1 
ATOM   755  C  "C5'" . A   A 1 36 ? -7.277  0.561   8.796   1.00 28.25 ? 36  A   A "C5'" 1 
ATOM   756  C  "C4'" . A   A 1 36 ? -8.366  1.606   8.830   1.00 30.66 ? 36  A   A "C4'" 1 
ATOM   757  O  "O4'" . A   A 1 36 ? -7.842  2.816   9.438   1.00 29.75 ? 36  A   A "O4'" 1 
ATOM   758  C  "C3'" . A   A 1 36 ? -8.858  2.054   7.460   1.00 28.90 ? 36  A   A "C3'" 1 
ATOM   759  O  "O3'" . A   A 1 36 ? -9.869  1.210   6.941   1.00 26.76 ? 36  A   A "O3'" 1 
ATOM   760  C  "C2'" . A   A 1 36 ? -9.321  3.484   7.709   1.00 33.06 ? 36  A   A "C2'" 1 
ATOM   761  O  "O2'" . A   A 1 36 ? -10.594 3.496   8.336   1.00 33.07 ? 36  A   A "O2'" 1 
ATOM   762  C  "C1'" . A   A 1 36 ? -8.300  3.953   8.739   1.00 33.08 ? 36  A   A "C1'" 1 
ATOM   763  N  N9    . A   A 1 36 ? -7.130  4.626   8.143   1.00 33.00 ? 36  A   A N9    1 
ATOM   764  C  C8    . A   A 1 36 ? -5.876  4.089   8.028   1.00 30.89 ? 36  A   A C8    1 
ATOM   765  N  N7    . A   A 1 36 ? -4.990  4.891   7.492   1.00 34.95 ? 36  A   A N7    1 
ATOM   766  C  C5    . A   A 1 36 ? -5.711  6.047   7.245   1.00 33.79 ? 36  A   A C5    1 
ATOM   767  C  C6    . A   A 1 36 ? -5.326  7.273   6.675   1.00 36.43 ? 36  A   A C6    1 
ATOM   768  N  N6    . A   A 1 36 ? -4.079  7.533   6.252   1.00 38.00 ? 36  A   A N6    1 
ATOM   769  N  N1    . A   A 1 36 ? -6.275  8.221   6.560   1.00 37.51 ? 36  A   A N1    1 
ATOM   770  C  C2    . A   A 1 36 ? -7.516  7.950   6.984   1.00 36.20 ? 36  A   A C2    1 
ATOM   771  N  N3    . A   A 1 36 ? -7.996  6.832   7.533   1.00 35.73 ? 36  A   A N3    1 
ATOM   772  C  C4    . A   A 1 36 ? -7.028  5.905   7.638   1.00 34.61 ? 36  A   A C4    1 
ATOM   773  P  P     . G   A 1 37 ? -9.819  0.745   5.404   1.00 28.76 ? 37  G   A P     1 
ATOM   774  O  OP1   . G   A 1 37 ? -10.930 -0.229  5.218   1.00 28.51 ? 37  G   A OP1   1 
ATOM   775  O  OP2   . G   A 1 37 ? -8.431  0.343   5.051   1.00 28.52 ? 37  G   A OP2   1 
ATOM   776  O  "O5'" . G   A 1 37 ? -10.173 2.064   4.597   1.00 29.68 ? 37  G   A "O5'" 1 
ATOM   777  C  "C5'" . G   A 1 37 ? -11.444 2.669   4.742   1.00 27.85 ? 37  G   A "C5'" 1 
ATOM   778  C  "C4'" . G   A 1 37 ? -11.432 4.088   4.245   1.00 30.55 ? 37  G   A "C4'" 1 
ATOM   779  O  "O4'" . G   A 1 37 ? -10.461 4.872   4.987   1.00 30.77 ? 37  G   A "O4'" 1 
ATOM   780  C  "C3'" . G   A 1 37 ? -11.021 4.277   2.797   1.00 28.60 ? 37  G   A "C3'" 1 
ATOM   781  O  "O3'" . G   A 1 37 ? -12.076 3.991   1.899   1.00 31.38 ? 37  G   A "O3'" 1 
ATOM   782  C  "C2'" . G   A 1 37 ? -10.579 5.734   2.775   1.00 30.53 ? 37  G   A "C2'" 1 
ATOM   783  O  "O2'" . G   A 1 37 ? -11.713 6.586   2.754   1.00 32.62 ? 37  G   A "O2'" 1 
ATOM   784  C  "C1'" . G   A 1 37 ? -9.908  5.865   4.143   1.00 29.99 ? 37  G   A "C1'" 1 
ATOM   785  N  N9    . G   A 1 37 ? -8.445  5.677   4.071   1.00 31.29 ? 37  G   A N9    1 
ATOM   786  C  C8    . G   A 1 37 ? -7.726  4.557   4.408   1.00 28.19 ? 37  G   A C8    1 
ATOM   787  N  N7    . G   A 1 37 ? -6.440  4.708   4.251   1.00 27.68 ? 37  G   A N7    1 
ATOM   788  C  C5    . G   A 1 37 ? -6.306  6.005   3.778   1.00 31.60 ? 37  G   A C5    1 
ATOM   789  C  C6    . G   A 1 37 ? -5.143  6.730   3.417   1.00 31.64 ? 37  G   A C6    1 
ATOM   790  O  O6    . G   A 1 37 ? -3.968  6.367   3.449   1.00 30.92 ? 37  G   A O6    1 
ATOM   791  N  N1    . G   A 1 37 ? -5.457  8.008   2.981   1.00 31.85 ? 37  G   A N1    1 
ATOM   792  C  C2    . G   A 1 37 ? -6.726  8.532   2.907   1.00 33.08 ? 37  G   A C2    1 
ATOM   793  N  N2    . G   A 1 37 ? -6.796  9.796   2.455   1.00 35.60 ? 37  G   A N2    1 
ATOM   794  N  N3    . G   A 1 37 ? -7.826  7.872   3.237   1.00 30.97 ? 37  G   A N3    1 
ATOM   795  C  C4    . G   A 1 37 ? -7.536  6.620   3.667   1.00 31.29 ? 37  G   A C4    1 
ATOM   796  P  P     . C   A 1 38 ? -11.779 3.531   0.388   1.00 32.50 ? 38  C   A P     1 
ATOM   797  O  OP1   . C   A 1 38 ? -13.120 3.233   -0.183  1.00 35.05 ? 38  C   A OP1   1 
ATOM   798  O  OP2   . C   A 1 38 ? -10.727 2.491   0.321   1.00 29.52 ? 38  C   A OP2   1 
ATOM   799  O  "O5'" . C   A 1 38 ? -11.183 4.830   -0.292  1.00 33.82 ? 38  C   A "O5'" 1 
ATOM   800  C  "C5'" . C   A 1 38 ? -12.019 5.903   -0.680  1.00 34.42 ? 38  C   A "C5'" 1 
ATOM   801  C  "C4'" . C   A 1 38 ? -11.213 6.999   -1.324  1.00 31.71 ? 38  C   A "C4'" 1 
ATOM   802  O  "O4'" . C   A 1 38 ? -10.278 7.556   -0.358  1.00 33.65 ? 38  C   A "O4'" 1 
ATOM   803  C  "C3'" . C   A 1 38 ? -10.314 6.589   -2.472  1.00 32.15 ? 38  C   A "C3'" 1 
ATOM   804  O  "O3'" . C   A 1 38 ? -11.002 6.352   -3.686  1.00 35.63 ? 38  C   A "O3'" 1 
ATOM   805  C  "C2'" . C   A 1 38 ? -9.339  7.751   -2.518  1.00 31.38 ? 38  C   A "C2'" 1 
ATOM   806  O  "O2'" . C   A 1 38 ? -9.999  8.907   -3.013  1.00 32.35 ? 38  C   A "O2'" 1 
ATOM   807  C  "C1'" . C   A 1 38 ? -9.101  7.969   -1.026  1.00 30.88 ? 38  C   A "C1'" 1 
ATOM   808  N  N1    . C   A 1 38 ? -7.957  7.164   -0.537  1.00 32.08 ? 38  C   A N1    1 
ATOM   809  C  C2    . C   A 1 38 ? -6.684  7.702   -0.691  1.00 31.31 ? 38  C   A C2    1 
ATOM   810  O  O2    . C   A 1 38 ? -6.577  8.822   -1.213  1.00 30.89 ? 38  C   A O2    1 
ATOM   811  N  N3    . C   A 1 38 ? -5.613  6.997   -0.268  1.00 31.31 ? 38  C   A N3    1 
ATOM   812  C  C4    . C   A 1 38 ? -5.779  5.798   0.296   1.00 29.34 ? 38  C   A C4    1 
ATOM   813  N  N4    . C   A 1 38 ? -4.680  5.147   0.687   1.00 29.25 ? 38  C   A N4    1 
ATOM   814  C  C5    . C   A 1 38 ? -7.061  5.209   0.456   1.00 29.24 ? 38  C   A C5    1 
ATOM   815  C  C6    . C   A 1 38 ? -8.115  5.925   0.034   1.00 30.58 ? 38  C   A C6    1 
ATOM   816  P  P     . G   A 1 39 ? -10.444 5.262   -4.729  1.00 35.24 ? 39  G   A P     1 
ATOM   817  O  OP1   . G   A 1 39 ? -11.433 5.237   -5.838  1.00 38.14 ? 39  G   A OP1   1 
ATOM   818  O  OP2   . G   A 1 39 ? -10.064 4.000   -4.043  1.00 34.93 ? 39  G   A OP2   1 
ATOM   819  O  "O5'" . G   A 1 39 ? -9.069  5.883   -5.248  1.00 33.84 ? 39  G   A "O5'" 1 
ATOM   820  C  "C5'" . G   A 1 39 ? -9.061  7.097   -5.976  1.00 33.10 ? 39  G   A "C5'" 1 
ATOM   821  C  "C4'" . G   A 1 39 ? -7.669  7.644   -6.128  1.00 32.43 ? 39  G   A "C4'" 1 
ATOM   822  O  "O4'" . G   A 1 39 ? -7.045  7.836   -4.829  1.00 31.15 ? 39  G   A "O4'" 1 
ATOM   823  C  "C3'" . G   A 1 39 ? -6.679  6.765   -6.865  1.00 31.92 ? 39  G   A "C3'" 1 
ATOM   824  O  "O3'" . G   A 1 39 ? -6.863  6.774   -8.267  1.00 33.20 ? 39  G   A "O3'" 1 
ATOM   825  C  "C2'" . G   A 1 39 ? -5.355  7.359   -6.419  1.00 30.46 ? 39  G   A "C2'" 1 
ATOM   826  O  "O2'" . G   A 1 39 ? -5.148  8.604   -7.061  1.00 34.91 ? 39  G   A "O2'" 1 
ATOM   827  C  "C1'" . G   A 1 39 ? -5.647  7.645   -4.949  1.00 29.79 ? 39  G   A "C1'" 1 
ATOM   828  N  N9    . G   A 1 39 ? -5.225  6.531   -4.074  1.00 30.03 ? 39  G   A N9    1 
ATOM   829  C  C8    . G   A 1 39 ? -6.012  5.605   -3.433  1.00 29.03 ? 39  G   A C8    1 
ATOM   830  N  N7    . G   A 1 39 ? -5.317  4.750   -2.730  1.00 27.88 ? 39  G   A N7    1 
ATOM   831  C  C5    . G   A 1 39 ? -3.999  5.136   -2.907  1.00 27.54 ? 39  G   A C5    1 
ATOM   832  C  C6    . G   A 1 39 ? -2.791  4.592   -2.397  1.00 29.45 ? 39  G   A C6    1 
ATOM   833  O  O6    . G   A 1 39 ? -2.633  3.624   -1.650  1.00 28.86 ? 39  G   A O6    1 
ATOM   834  N  N1    . G   A 1 39 ? -1.675  5.292   -2.842  1.00 28.60 ? 39  G   A N1    1 
ATOM   835  C  C2    . G   A 1 39 ? -1.717  6.384   -3.672  1.00 30.44 ? 39  G   A C2    1 
ATOM   836  N  N2    . G   A 1 39 ? -0.537  6.935   -4.001  1.00 30.03 ? 39  G   A N2    1 
ATOM   837  N  N3    . G   A 1 39 ? -2.834  6.899   -4.157  1.00 29.86 ? 39  G   A N3    1 
ATOM   838  C  C4    . G   A 1 39 ? -3.929  6.232   -3.736  1.00 30.07 ? 39  G   A C4    1 
ATOM   839  P  P     . U   A 1 40 ? -6.555  5.461   -9.136  1.00 33.67 ? 40  U   A P     1 
ATOM   840  O  OP1   . U   A 1 40 ? -6.913  5.767   -10.548 1.00 34.81 ? 40  U   A OP1   1 
ATOM   841  O  OP2   . U   A 1 40 ? -7.110  4.259   -8.470  1.00 32.43 ? 40  U   A OP2   1 
ATOM   842  O  "O5'" . U   A 1 40 ? -4.967  5.351   -9.109  1.00 33.34 ? 40  U   A "O5'" 1 
ATOM   843  C  "C5'" . U   A 1 40 ? -4.155  6.401   -9.614  1.00 32.62 ? 40  U   A "C5'" 1 
ATOM   844  C  "C4'" . U   A 1 40 ? -2.715  6.215   -9.205  1.00 32.36 ? 40  U   A "C4'" 1 
ATOM   845  O  "O4'" . U   A 1 40 ? -2.624  6.119   -7.760  1.00 30.97 ? 40  U   A "O4'" 1 
ATOM   846  C  "C3'" . U   A 1 40 ? -2.054  4.945   -9.707  1.00 29.83 ? 40  U   A "C3'" 1 
ATOM   847  O  "O3'" . U   A 1 40 ? -1.594  5.086   -11.042 1.00 31.57 ? 40  U   A "O3'" 1 
ATOM   848  C  "C2'" . U   A 1 40 ? -0.942  4.705   -8.686  1.00 30.82 ? 40  U   A "C2'" 1 
ATOM   849  O  "O2'" . U   A 1 40 ? 0.203   5.495   -8.984  1.00 31.49 ? 40  U   A "O2'" 1 
ATOM   850  C  "C1'" . U   A 1 40 ? -1.571  5.250   -7.398  1.00 29.49 ? 40  U   A "C1'" 1 
ATOM   851  N  N1    . U   A 1 40 ? -2.103  4.207   -6.482  1.00 28.94 ? 40  U   A N1    1 
ATOM   852  C  C2    . U   A 1 40 ? -1.202  3.531   -5.686  1.00 28.22 ? 40  U   A C2    1 
ATOM   853  O  O2    . U   A 1 40 ? 0.002   3.729   -5.753  1.00 30.19 ? 40  U   A O2    1 
ATOM   854  N  N3    . U   A 1 40 ? -1.761  2.607   -4.836  1.00 28.38 ? 40  U   A N3    1 
ATOM   855  C  C4    . U   A 1 40 ? -3.104  2.308   -4.692  1.00 28.15 ? 40  U   A C4    1 
ATOM   856  O  O4    . U   A 1 40 ? -3.464  1.455   -3.877  1.00 27.48 ? 40  U   A O4    1 
ATOM   857  C  C5    . U   A 1 40 ? -3.983  3.065   -5.537  1.00 27.76 ? 40  U   A C5    1 
ATOM   858  C  C6    . U   A 1 40 ? -3.457  3.974   -6.369  1.00 30.43 ? 40  U   A C6    1 
ATOM   859  P  P     . G   A 1 41 ? -1.752  3.889   -12.099 1.00 32.83 ? 41  G   A P     1 
ATOM   860  O  OP1   . G   A 1 41 ? -1.282  4.445   -13.394 1.00 31.28 ? 41  G   A OP1   1 
ATOM   861  O  OP2   . G   A 1 41 ? -3.083  3.240   -11.997 1.00 35.10 ? 41  G   A OP2   1 
ATOM   862  O  "O5'" . G   A 1 41 ? -0.658  2.847   -11.625 1.00 34.04 ? 41  G   A "O5'" 1 
ATOM   863  C  "C5'" . G   A 1 41 ? -0.237  1.769   -12.446 1.00 31.34 ? 41  G   A "C5'" 1 
ATOM   864  C  "C4'" . G   A 1 41 ? 0.559   0.816   -11.605 1.00 28.32 ? 41  G   A "C4'" 1 
ATOM   865  O  "O4'" . G   A 1 41 ? -0.326  0.220   -10.630 1.00 29.14 ? 41  G   A "O4'" 1 
ATOM   866  C  "C3'" . G   A 1 41 ? 1.269   -0.330  -12.324 1.00 29.84 ? 41  G   A "C3'" 1 
ATOM   867  O  "O3'" . G   A 1 41 ? 2.624   -0.375  -11.891 1.00 30.22 ? 41  G   A "O3'" 1 
ATOM   868  C  "C2'" . G   A 1 41 ? 0.521   -1.591  -11.852 1.00 25.85 ? 41  G   A "C2'" 1 
ATOM   869  O  "O2'" . G   A 1 41 ? 1.364   -2.709  -11.663 1.00 26.51 ? 41  G   A "O2'" 1 
ATOM   870  C  "C1'" . G   A 1 41 ? -0.064  -1.158  -10.519 1.00 26.49 ? 41  G   A "C1'" 1 
ATOM   871  N  N9    . G   A 1 41 ? -1.329  -1.797  -10.157 1.00 27.29 ? 41  G   A N9    1 
ATOM   872  C  C8    . G   A 1 41 ? -2.553  -1.661  -10.773 1.00 27.76 ? 41  G   A C8    1 
ATOM   873  N  N7    . G   A 1 41 ? -3.515  -2.317  -10.163 1.00 26.40 ? 41  G   A N7    1 
ATOM   874  C  C5    . G   A 1 41 ? -2.875  -2.905  -9.075  1.00 24.80 ? 41  G   A C5    1 
ATOM   875  C  C6    . G   A 1 41 ? -3.391  -3.729  -8.040  1.00 25.70 ? 41  G   A C6    1 
ATOM   876  O  O6    . G   A 1 41 ? -4.559  -4.123  -7.882  1.00 27.23 ? 41  G   A O6    1 
ATOM   877  N  N1    . G   A 1 41 ? -2.390  -4.097  -7.135  1.00 26.35 ? 41  G   A N1    1 
ATOM   878  C  C2    . G   A 1 41 ? -1.079  -3.706  -7.204  1.00 24.66 ? 41  G   A C2    1 
ATOM   879  N  N2    . G   A 1 41 ? -0.253  -4.168  -6.245  1.00 23.03 ? 41  G   A N2    1 
ATOM   880  N  N3    . G   A 1 41 ? -0.582  -2.947  -8.178  1.00 24.37 ? 41  G   A N3    1 
ATOM   881  C  C4    . G   A 1 41 ? -1.539  -2.571  -9.047  1.00 26.24 ? 41  G   A C4    1 
ATOM   882  P  P     . U   A 1 42 ? 3.812   -0.039  -12.930 1.00 31.40 ? 42  U   A P     1 
ATOM   883  O  OP1   . U   A 1 42 ? 3.573   1.279   -13.571 1.00 32.62 ? 42  U   A OP1   1 
ATOM   884  O  OP2   . U   A 1 42 ? 4.012   -1.225  -13.788 1.00 30.75 ? 42  U   A OP2   1 
ATOM   885  O  "O5'" . U   A 1 42 ? 5.074   0.125   -11.982 1.00 31.13 ? 42  U   A "O5'" 1 
ATOM   886  C  "C5'" . U   A 1 42 ? 5.242   1.281   -11.170 1.00 31.03 ? 42  U   A "C5'" 1 
ATOM   887  C  "C4'" . U   A 1 42 ? 6.310   1.065   -10.126 1.00 32.80 ? 42  U   A "C4'" 1 
ATOM   888  O  "O4'" . U   A 1 42 ? 5.733   0.412   -8.960  1.00 34.03 ? 42  U   A "O4'" 1 
ATOM   889  C  "C3'" . U   A 1 42 ? 7.479   0.183   -10.563 1.00 32.92 ? 42  U   A "C3'" 1 
ATOM   890  O  "O3'" . U   A 1 42 ? 8.623   0.571   -9.812  1.00 37.96 ? 42  U   A "O3'" 1 
ATOM   891  C  "C2'" . U   A 1 42 ? 7.046   -1.192  -10.064 1.00 30.99 ? 42  U   A "C2'" 1 
ATOM   892  O  "O2'" . U   A 1 42 ? 8.107   -2.110  -9.888  1.00 32.01 ? 42  U   A "O2'" 1 
ATOM   893  C  "C1'" . U   A 1 42 ? 6.386   -0.826  -8.737  1.00 29.52 ? 42  U   A "C1'" 1 
ATOM   894  N  N1    . U   A 1 42 ? 5.368   -1.782  -8.278  1.00 28.13 ? 42  U   A N1    1 
ATOM   895  C  C2    . U   A 1 42 ? 5.712   -2.680  -7.292  1.00 28.48 ? 42  U   A C2    1 
ATOM   896  O  O2    . U   A 1 42 ? 6.819   -2.715  -6.790  1.00 28.86 ? 42  U   A O2    1 
ATOM   897  N  N3    . U   A 1 42 ? 4.710   -3.541  -6.906  1.00 26.06 ? 42  U   A N3    1 
ATOM   898  C  C4    . U   A 1 42 ? 3.421   -3.574  -7.402  1.00 25.67 ? 42  U   A C4    1 
ATOM   899  O  O4    . U   A 1 42 ? 2.630   -4.405  -6.956  1.00 24.24 ? 42  U   A O4    1 
ATOM   900  C  C5    . U   A 1 42 ? 3.144   -2.614  -8.425  1.00 27.76 ? 42  U   A C5    1 
ATOM   901  C  C6    . U   A 1 42 ? 4.108   -1.769  -8.822  1.00 27.95 ? 42  U   A C6    1 
ATOM   902  P  P     . C   A 1 43 ? 9.879   1.296   -10.495 1.00 45.40 ? 43  C   A P     1 
ATOM   903  O  OP1   . C   A 1 43 ? 9.648   2.760   -10.392 1.00 45.35 ? 43  C   A OP1   1 
ATOM   904  O  OP2   . C   A 1 43 ? 10.118  0.652   -11.809 1.00 41.41 ? 43  C   A OP2   1 
ATOM   905  O  "O5'" . C   A 1 43 ? 11.064  0.899   -9.513  1.00 44.08 ? 43  C   A "O5'" 1 
ATOM   906  C  "C5'" . C   A 1 43 ? 12.292  1.600   -9.487  1.00 48.78 ? 43  C   A "C5'" 1 
ATOM   907  C  "C4'" . C   A 1 43 ? 13.323  0.788   -8.752  1.00 48.57 ? 43  C   A "C4'" 1 
ATOM   908  O  "O4'" . C   A 1 43 ? 12.902  0.602   -7.374  1.00 49.68 ? 43  C   A "O4'" 1 
ATOM   909  C  "C3'" . C   A 1 43 ? 13.506  -0.630  -9.263  1.00 48.81 ? 43  C   A "C3'" 1 
ATOM   910  O  "O3'" . C   A 1 43 ? 14.311  -0.718  -10.424 1.00 45.76 ? 43  C   A "O3'" 1 
ATOM   911  C  "C2'" . C   A 1 43 ? 14.072  -1.350  -8.050  1.00 48.30 ? 43  C   A "C2'" 1 
ATOM   912  O  "O2'" . C   A 1 43 ? 15.450  -1.051  -7.892  1.00 52.51 ? 43  C   A "O2'" 1 
ATOM   913  C  "C1'" . C   A 1 43 ? 13.293  -0.680  -6.920  1.00 46.80 ? 43  C   A "C1'" 1 
ATOM   914  N  N1    . C   A 1 43 ? 12.083  -1.451  -6.543  1.00 47.69 ? 43  C   A N1    1 
ATOM   915  C  C2    . C   A 1 43 ? 12.234  -2.488  -5.620  1.00 44.81 ? 43  C   A C2    1 
ATOM   916  O  O2    . C   A 1 43 ? 13.368  -2.709  -5.163  1.00 48.53 ? 43  C   A O2    1 
ATOM   917  N  N3    . C   A 1 43 ? 11.160  -3.219  -5.242  1.00 45.29 ? 43  C   A N3    1 
ATOM   918  C  C4    . C   A 1 43 ? 9.958   -2.950  -5.750  1.00 38.72 ? 43  C   A C4    1 
ATOM   919  N  N4    . C   A 1 43 ? 8.932   -3.706  -5.341  1.00 38.21 ? 43  C   A N4    1 
ATOM   920  C  C5    . C   A 1 43 ? 9.776   -1.901  -6.700  1.00 41.26 ? 43  C   A C5    1 
ATOM   921  C  C6    . C   A 1 43 ? 10.847  -1.183  -7.065  1.00 43.03 ? 43  C   A C6    1 
ATOM   922  P  P     . G   A 1 44 ? 14.121  -1.969  -11.411 1.00 49.62 ? 44  G   A P     1 
ATOM   923  O  OP1   . G   A 1 44 ? 15.229  -1.962  -12.402 1.00 52.73 ? 44  G   A OP1   1 
ATOM   924  O  OP2   . G   A 1 44 ? 12.721  -1.952  -11.914 1.00 50.07 ? 44  G   A OP2   1 
ATOM   925  O  "O5'" . G   A 1 44 ? 14.317  -3.216  -10.438 1.00 48.06 ? 44  G   A "O5'" 1 
ATOM   926  C  "C5'" . G   A 1 44 ? 13.629  -4.439  -10.645 1.00 43.45 ? 44  G   A "C5'" 1 
ATOM   927  C  "C4'" . G   A 1 44 ? 13.580  -5.264  -9.382  1.00 40.01 ? 44  G   A "C4'" 1 
ATOM   928  O  "O4'" . G   A 1 44 ? 12.625  -4.682  -8.454  1.00 38.99 ? 44  G   A "O4'" 1 
ATOM   929  C  "C3'" . G   A 1 44 ? 13.106  -6.696  -9.567  1.00 36.95 ? 44  G   A "C3'" 1 
ATOM   930  O  "O3'" . G   A 1 44 ? 14.157  -7.564  -9.958  1.00 35.51 ? 44  G   A "O3'" 1 
ATOM   931  C  "C2'" . G   A 1 44 ? 12.508  -7.045  -8.210  1.00 35.11 ? 44  G   A "C2'" 1 
ATOM   932  O  "O2'" . G   A 1 44 ? 13.531  -7.409  -7.295  1.00 37.18 ? 44  G   A "O2'" 1 
ATOM   933  C  "C1'" . G   A 1 44 ? 11.921  -5.701  -7.776  1.00 36.53 ? 44  G   A "C1'" 1 
ATOM   934  N  N9    . G   A 1 44 ? 10.487  -5.569  -8.102  1.00 33.94 ? 44  G   A N9    1 
ATOM   935  C  C8    . G   A 1 44 ? 9.920   -4.588  -8.876  1.00 35.54 ? 44  G   A C8    1 
ATOM   936  N  N7    . G   A 1 44 ? 8.623   -4.694  -8.992  1.00 31.22 ? 44  G   A N7    1 
ATOM   937  C  C5    . G   A 1 44 ? 8.309   -5.814  -8.232  1.00 30.87 ? 44  G   A C5    1 
ATOM   938  C  C6    . G   A 1 44 ? 7.046   -6.418  -7.982  1.00 27.76 ? 44  G   A C6    1 
ATOM   939  O  O6    . G   A 1 44 ? 5.946   -6.049  -8.413  1.00 24.45 ? 44  G   A O6    1 
ATOM   940  N  N1    . G   A 1 44 ? 7.159   -7.542  -7.162  1.00 26.21 ? 44  G   A N1    1 
ATOM   941  C  C2    . G   A 1 44 ? 8.354   -8.006  -6.648  1.00 27.42 ? 44  G   A C2    1 
ATOM   942  N  N2    . G   A 1 44 ? 8.304   -9.103  -5.879  1.00 29.70 ? 44  G   A N2    1 
ATOM   943  N  N3    . G   A 1 44 ? 9.540   -7.446  -6.880  1.00 30.88 ? 44  G   A N3    1 
ATOM   944  C  C4    . G   A 1 44 ? 9.443   -6.363  -7.673  1.00 32.16 ? 44  G   A C4    1 
ATOM   945  P  P     . G   A 1 45 ? 13.896  -8.696  -11.063 1.00 36.88 ? 45  G   A P     1 
ATOM   946  O  OP1   . G   A 1 45 ? 15.177  -9.421  -11.316 1.00 37.89 ? 45  G   A OP1   1 
ATOM   947  O  OP2   . G   A 1 45 ? 13.186  -8.056  -12.203 1.00 33.19 ? 45  G   A OP2   1 
ATOM   948  O  "O5'" . G   A 1 45 ? 12.877  -9.691  -10.356 1.00 35.99 ? 45  G   A "O5'" 1 
ATOM   949  C  "C5'" . G   A 1 45 ? 13.298  -10.587 -9.341  1.00 35.08 ? 45  G   A "C5'" 1 
ATOM   950  C  "C4'" . G   A 1 45 ? 12.147  -11.445 -8.885  1.00 33.76 ? 45  G   A "C4'" 1 
ATOM   951  O  "O4'" . G   A 1 45 ? 11.137  -10.604 -8.261  1.00 32.68 ? 45  G   A "O4'" 1 
ATOM   952  C  "C3'" . G   A 1 45 ? 11.396  -12.173 -9.989  1.00 31.98 ? 45  G   A "C3'" 1 
ATOM   953  O  "O3'" . G   A 1 45 ? 12.018  -13.388 -10.366 1.00 35.32 ? 45  G   A "O3'" 1 
ATOM   954  C  "C2'" . G   A 1 45 ? 10.017  -12.369 -9.380  1.00 34.63 ? 45  G   A "C2'" 1 
ATOM   955  O  "O2'" . G   A 1 45 ? 10.041  -13.451 -8.460  1.00 35.32 ? 45  G   A "O2'" 1 
ATOM   956  C  "C1'" . G   A 1 45 ? 9.851   -11.073 -8.589  1.00 30.25 ? 45  G   A "C1'" 1 
ATOM   957  N  N9    . G   A 1 45 ? 9.151   -10.013 -9.342  1.00 30.63 ? 45  G   A N9    1 
ATOM   958  C  C8    . G   A 1 45 ? 9.704   -8.891  -9.919  1.00 29.96 ? 45  G   A C8    1 
ATOM   959  N  N7    . G   A 1 45 ? 8.817   -8.113  -10.496 1.00 30.81 ? 45  G   A N7    1 
ATOM   960  C  C5    . G   A 1 45 ? 7.603   -8.756  -10.277 1.00 28.27 ? 45  G   A C5    1 
ATOM   961  C  C6    . G   A 1 45 ? 6.280   -8.399  -10.664 1.00 26.97 ? 45  G   A C6    1 
ATOM   962  O  O6    . G   A 1 45 ? 5.884   -7.411  -11.281 1.00 26.56 ? 45  G   A O6    1 
ATOM   963  N  N1    . G   A 1 45 ? 5.351   -9.334  -10.244 1.00 26.36 ? 45  G   A N1    1 
ATOM   964  C  C2    . G   A 1 45 ? 5.641   -10.464 -9.535  1.00 26.76 ? 45  G   A C2    1 
ATOM   965  N  N2    . G   A 1 45 ? 4.585   -11.229 -9.230  1.00 26.66 ? 45  G   A N2    1 
ATOM   966  N  N3    . G   A 1 45 ? 6.866   -10.814 -9.168  1.00 26.85 ? 45  G   A N3    1 
ATOM   967  C  C4    . G   A 1 45 ? 7.790   -9.917  -9.558  1.00 30.55 ? 45  G   A C4    1 
ATOM   968  P  P     . C   A 1 46 ? 12.048  -13.839 -11.907 1.00 37.24 ? 46  C   A P     1 
ATOM   969  O  OP1   . C   A 1 46 ? 12.907  -15.049 -11.980 1.00 36.86 ? 46  C   A OP1   1 
ATOM   970  O  OP2   . C   A 1 46 ? 12.348  -12.648 -12.747 1.00 33.80 ? 46  C   A OP2   1 
ATOM   971  O  "O5'" . C   A 1 46 ? 10.547  -14.265 -12.202 1.00 36.19 ? 46  C   A "O5'" 1 
ATOM   972  C  "C5'" . C   A 1 46 ? 9.980   -15.395 -11.568 1.00 34.18 ? 46  C   A "C5'" 1 
ATOM   973  C  "C4'" . C   A 1 46 ? 8.499   -15.456 -11.807 1.00 35.07 ? 46  C   A "C4'" 1 
ATOM   974  O  "O4'" . C   A 1 46 ? 7.856   -14.318 -11.177 1.00 33.29 ? 46  C   A "O4'" 1 
ATOM   975  C  "C3'" . C   A 1 46 ? 8.046   -15.358 -13.253 1.00 33.39 ? 46  C   A "C3'" 1 
ATOM   976  O  "O3'" . C   A 1 46 ? 8.210   -16.559 -13.986 1.00 36.03 ? 46  C   A "O3'" 1 
ATOM   977  C  "C2'" . C   A 1 46 ? 6.600   -14.923 -13.088 1.00 31.74 ? 46  C   A "C2'" 1 
ATOM   978  O  "O2'" . C   A 1 46 ? 5.807   -16.010 -12.633 1.00 33.49 ? 46  C   A "O2'" 1 
ATOM   979  C  "C1'" . C   A 1 46 ? 6.734   -13.926 -11.940 1.00 32.11 ? 46  C   A "C1'" 1 
ATOM   980  N  N1    . C   A 1 46 ? 6.955   -12.556 -12.453 1.00 29.51 ? 46  C   A N1    1 
ATOM   981  C  C2    . C   A 1 46 ? 5.831   -11.825 -12.838 1.00 28.86 ? 46  C   A C2    1 
ATOM   982  O  O2    . C   A 1 46 ? 4.721   -12.357 -12.719 1.00 26.55 ? 46  C   A O2    1 
ATOM   983  N  N3    . C   A 1 46 ? 5.985   -10.574 -13.328 1.00 27.41 ? 46  C   A N3    1 
ATOM   984  C  C4    . C   A 1 46 ? 7.196   -10.041 -13.440 1.00 26.62 ? 46  C   A C4    1 
ATOM   985  N  N4    . C   A 1 46 ? 7.311   -8.800  -13.920 1.00 26.27 ? 46  C   A N4    1 
ATOM   986  C  C5    . C   A 1 46 ? 8.359   -10.761 -13.050 1.00 29.26 ? 46  C   A C5    1 
ATOM   987  C  C6    . C   A 1 46 ? 8.192   -12.000 -12.571 1.00 30.33 ? 46  C   A C6    1 
ATOM   988  P  P     . G   A 1 47 ? 8.534   -16.506 -15.562 1.00 36.44 ? 47  G   A P     1 
ATOM   989  O  OP1   . G   A 1 47 ? 8.840   -17.894 -15.982 1.00 39.75 ? 47  G   A OP1   1 
ATOM   990  O  OP2   . G   A 1 47 ? 9.487   -15.400 -15.839 1.00 33.57 ? 47  G   A OP2   1 
ATOM   991  O  "O5'" . G   A 1 47 ? 7.138   -16.135 -16.231 1.00 35.19 ? 47  G   A "O5'" 1 
ATOM   992  C  "C5'" . G   A 1 47 ? 6.061   -17.060 -16.228 1.00 35.07 ? 47  G   A "C5'" 1 
ATOM   993  C  "C4'" . G   A 1 47 ? 4.800   -16.441 -16.771 1.00 34.45 ? 47  G   A "C4'" 1 
ATOM   994  O  "O4'" . G   A 1 47 ? 4.449   -15.272 -15.987 1.00 32.54 ? 47  G   A "O4'" 1 
ATOM   995  C  "C3'" . G   A 1 47 ? 4.886   -15.910 -18.192 1.00 30.77 ? 47  G   A "C3'" 1 
ATOM   996  O  "O3'" . G   A 1 47 ? 4.753   -16.924 -19.170 1.00 33.13 ? 47  G   A "O3'" 1 
ATOM   997  C  "C2'" . G   A 1 47 ? 3.760   -14.884 -18.221 1.00 29.69 ? 47  G   A "C2'" 1 
ATOM   998  O  "O2'" . G   A 1 47 ? 2.502   -15.533 -18.313 1.00 33.28 ? 47  G   A "O2'" 1 
ATOM   999  C  "C1'" . G   A 1 47 ? 3.871   -14.293 -16.823 1.00 29.49 ? 47  G   A "C1'" 1 
ATOM   1000 N  N9    . G   A 1 47 ? 4.700   -13.072 -16.778 1.00 27.66 ? 47  G   A N9    1 
ATOM   1001 C  C8    . G   A 1 47 ? 5.956   -12.914 -16.240 1.00 26.91 ? 47  G   A C8    1 
ATOM   1002 N  N7    . G   A 1 47 ? 6.401   -11.692 -16.337 1.00 25.79 ? 47  G   A N7    1 
ATOM   1003 C  C5    . G   A 1 47 ? 5.368   -11.000 -16.967 1.00 23.36 ? 47  G   A C5    1 
ATOM   1004 C  C6    . G   A 1 47 ? 5.251   -9.646  -17.345 1.00 22.41 ? 47  G   A C6    1 
ATOM   1005 O  O6    . G   A 1 47 ? 6.062   -8.727  -17.197 1.00 25.98 ? 47  G   A O6    1 
ATOM   1006 N  N1    . G   A 1 47 ? 4.033   -9.383  -17.963 1.00 23.18 ? 47  G   A N1    1 
ATOM   1007 C  C2    . G   A 1 47 ? 3.054   -10.302 -18.202 1.00 21.79 ? 47  G   A C2    1 
ATOM   1008 N  N2    . G   A 1 47 ? 1.928   -9.871  -18.814 1.00 24.90 ? 47  G   A N2    1 
ATOM   1009 N  N3    . G   A 1 47 ? 3.147   -11.563 -17.846 1.00 24.42 ? 47  G   A N3    1 
ATOM   1010 C  C4    . G   A 1 47 ? 4.322   -11.840 -17.246 1.00 22.85 ? 47  G   A C4    1 
ATOM   1011 P  P     . C   A 1 48 ? 5.406   -16.724 -20.623 1.00 36.18 ? 48  C   A P     1 
ATOM   1012 O  OP1   . C   A 1 48 ? 5.295   -18.004 -21.362 1.00 40.49 ? 48  C   A OP1   1 
ATOM   1013 O  OP2   . C   A 1 48 ? 6.720   -16.069 -20.419 1.00 33.42 ? 48  C   A OP2   1 
ATOM   1014 O  "O5'" . C   A 1 48 ? 4.471   -15.650 -21.335 1.00 29.61 ? 48  C   A "O5'" 1 
ATOM   1015 C  "C5'" . C   A 1 48 ? 3.114   -15.924 -21.644 1.00 33.05 ? 48  C   A "C5'" 1 
ATOM   1016 C  "C4'" . C   A 1 48 ? 2.450   -14.706 -22.238 1.00 30.33 ? 48  C   A "C4'" 1 
ATOM   1017 O  "O4'" . C   A 1 48 ? 2.505   -13.622 -21.285 1.00 28.45 ? 48  C   A "O4'" 1 
ATOM   1018 C  "C3'" . C   A 1 48 ? 3.127   -14.143 -23.472 1.00 30.03 ? 48  C   A "C3'" 1 
ATOM   1019 O  "O3'" . C   A 1 48 ? 2.738   -14.808 -24.647 1.00 32.52 ? 48  C   A "O3'" 1 
ATOM   1020 C  "C2'" . C   A 1 48 ? 2.727   -12.675 -23.448 1.00 29.25 ? 48  C   A "C2'" 1 
ATOM   1021 O  "O2'" . C   A 1 48 ? 1.414   -12.496 -23.951 1.00 31.31 ? 48  C   A "O2'" 1 
ATOM   1022 C  "C1'" . C   A 1 48 ? 2.679   -12.394 -21.954 1.00 26.90 ? 48  C   A "C1'" 1 
ATOM   1023 N  N1    . C   A 1 48 ? 3.892   -11.730 -21.448 1.00 22.43 ? 48  C   A N1    1 
ATOM   1024 C  C2    . C   A 1 48 ? 3.984   -10.361 -21.627 1.00 23.08 ? 48  C   A C2    1 
ATOM   1025 O  O2    . C   A 1 48 ? 3.060   -9.785  -22.221 1.00 25.51 ? 48  C   A O2    1 
ATOM   1026 N  N3    . C   A 1 48 ? 5.060   -9.712  -21.165 1.00 23.17 ? 48  C   A N3    1 
ATOM   1027 C  C4    . C   A 1 48 ? 6.025   -10.387 -20.543 1.00 23.41 ? 48  C   A C4    1 
ATOM   1028 N  N4    . C   A 1 48 ? 7.056   -9.684  -20.090 1.00 24.78 ? 48  C   A N4    1 
ATOM   1029 C  C5    . C   A 1 48 ? 5.962   -11.793 -20.341 1.00 26.44 ? 48  C   A C5    1 
ATOM   1030 C  C6    . C   A 1 48 ? 4.884   -12.424 -20.811 1.00 25.30 ? 48  C   A C6    1 
ATOM   1031 P  P     . C   A 1 49 ? 3.779   -14.974 -25.852 1.00 33.00 ? 49  C   A P     1 
ATOM   1032 O  OP1   . C   A 1 49 ? 3.075   -15.792 -26.863 1.00 38.73 ? 49  C   A OP1   1 
ATOM   1033 O  OP2   . C   A 1 49 ? 5.103   -15.414 -25.340 1.00 32.07 ? 49  C   A OP2   1 
ATOM   1034 O  "O5'" . C   A 1 49 ? 3.956   -13.496 -26.421 1.00 31.71 ? 49  C   A "O5'" 1 
ATOM   1035 C  "C5'" . C   A 1 49 ? 2.891   -12.856 -27.119 1.00 31.40 ? 49  C   A "C5'" 1 
ATOM   1036 C  "C4'" . C   A 1 49 ? 3.219   -11.420 -27.432 1.00 28.94 ? 49  C   A "C4'" 1 
ATOM   1037 O  "O4'" . C   A 1 49 ? 3.516   -10.721 -26.209 1.00 29.48 ? 49  C   A "O4'" 1 
ATOM   1038 C  "C3'" . C   A 1 49 ? 4.445   -11.190 -28.299 1.00 28.81 ? 49  C   A "C3'" 1 
ATOM   1039 O  "O3'" . C   A 1 49 ? 4.134   -11.267 -29.678 1.00 35.33 ? 49  C   A "O3'" 1 
ATOM   1040 C  "C2'" . C   A 1 49 ? 4.914   -9.793  -27.902 1.00 28.83 ? 49  C   A "C2'" 1 
ATOM   1041 O  "O2'" . C   A 1 49 ? 4.296   -8.809  -28.714 1.00 35.01 ? 49  C   A "O2'" 1 
ATOM   1042 C  "C1'" . C   A 1 49 ? 4.403   -9.659  -26.465 1.00 26.59 ? 49  C   A "C1'" 1 
ATOM   1043 N  N1    . C   A 1 49 ? 5.490   -9.686  -25.466 1.00 25.19 ? 49  C   A N1    1 
ATOM   1044 C  C2    . C   A 1 49 ? 6.078   -8.471  -25.146 1.00 23.84 ? 49  C   A C2    1 
ATOM   1045 O  O2    . C   A 1 49 ? 5.663   -7.464  -25.708 1.00 25.27 ? 49  C   A O2    1 
ATOM   1046 N  N3    . C   A 1 49 ? 7.074   -8.426  -24.240 1.00 25.76 ? 49  C   A N3    1 
ATOM   1047 C  C4    . C   A 1 49 ? 7.496   -9.550  -23.674 1.00 24.76 ? 49  C   A C4    1 
ATOM   1048 N  N4    . C   A 1 49 ? 8.496   -9.454  -22.793 1.00 28.09 ? 49  C   A N4    1 
ATOM   1049 C  C5    . C   A 1 49 ? 6.921   -10.811 -23.987 1.00 24.91 ? 49  C   A C5    1 
ATOM   1050 C  C6    . C   A 1 49 ? 5.925   -10.840 -24.877 1.00 25.04 ? 49  C   A C6    1 
HETATM 1051 C  C10   . J8F B 2 .  ? 0.084   -0.621  -5.925  1.00 25.76 ? 101 J8F A C10   1 
HETATM 1052 N  N12   . J8F B 2 .  ? 2.119   1.329   -8.120  1.00 31.57 ? 101 J8F A N12   1 
HETATM 1053 C  C13   . J8F B 2 .  ? -1.191  -0.188  -6.663  1.00 26.85 ? 101 J8F A C13   1 
HETATM 1054 C  C15   . J8F B 2 .  ? -2.403  0.955   -8.419  1.00 27.59 ? 101 J8F A C15   1 
HETATM 1055 C  C17   . J8F B 2 .  ? -3.596  -0.349  -6.781  1.00 27.14 ? 101 J8F A C17   1 
HETATM 1056 C  C20   . J8F B 2 .  ? -4.966  1.558   -9.731  1.00 33.09 ? 101 J8F A C20   1 
HETATM 1057 C  C21   . J8F B 2 .  ? -6.530  -1.083  -8.295  1.00 32.10 ? 101 J8F A C21   1 
HETATM 1058 C  C01   . J8F B 2 .  ? 3.169   -2.472  -3.689  1.00 25.20 ? 101 J8F A C01   1 
HETATM 1059 C  C02   . J8F B 2 .  ? 2.153   -1.912  -4.442  1.00 28.28 ? 101 J8F A C02   1 
HETATM 1060 C  C03   . J8F B 2 .  ? 2.449   -0.892  -5.326  1.00 27.28 ? 101 J8F A C03   1 
HETATM 1061 C  C04   . J8F B 2 .  ? 3.755   -0.445  -5.481  1.00 28.84 ? 101 J8F A C04   1 
HETATM 1062 C  C05   . J8F B 2 .  ? 4.768   -1.003  -4.715  1.00 28.00 ? 101 J8F A C05   1 
HETATM 1063 C  C06   . J8F B 2 .  ? 4.471   -2.017  -3.822  1.00 28.35 ? 101 J8F A C06   1 
HETATM 1064 C  C07   . J8F B 2 .  ? 5.577   -2.645  -2.985  1.00 31.11 ? 101 J8F A C07   1 
HETATM 1065 C  C09   . J8F B 2 .  ? 1.341   -0.293  -6.178  1.00 26.40 ? 101 J8F A C09   1 
HETATM 1066 C  C11   . J8F B 2 .  ? 1.778   0.643   -7.293  1.00 28.05 ? 101 J8F A C11   1 
HETATM 1067 C  C14   . J8F B 2 .  ? -1.199  0.628   -7.796  1.00 27.69 ? 101 J8F A C14   1 
HETATM 1068 C  C16   . J8F B 2 .  ? -3.600  0.460   -7.907  1.00 27.61 ? 101 J8F A C16   1 
HETATM 1069 C  C18   . J8F B 2 .  ? -2.402  -0.679  -6.167  1.00 27.56 ? 101 J8F A C18   1 
HETATM 1070 C  C19   . J8F B 2 .  ? -6.093  0.317   -7.841  1.00 29.53 ? 101 J8F A C19   1 
HETATM 1071 N  N08   . J8F B 2 .  ? 6.405   -3.108  -2.366  1.00 32.13 ? 101 J8F A N08   1 
HETATM 1072 N  N22   . J8F B 2 .  ? -4.885  0.774   -8.510  1.00 29.92 ? 101 J8F A N22   1 
HETATM 1073 O  O23   . J8F B 2 .  ? -6.323  -1.201  -9.675  1.00 37.91 ? 101 J8F A O23   1 
HETATM 1074 MG MG    . MG  C 3 .  ? -10.484 -10.083 1.509   1.00 27.17 ? 102 MG  A MG    1 
HETATM 1075 MG MG    . MG  D 3 .  ? 4.779   -3.021  -14.147 1.00 26.33 ? 103 MG  A MG    1 
HETATM 1076 MG MG    . MG  E 3 .  ? -10.960 -4.243  7.053   1.00 23.97 ? 104 MG  A MG    1 
HETATM 1077 MG MG    . MG  F 3 .  ? 0.273   -9.186  0.048   1.00 24.25 ? 105 MG  A MG    1 
HETATM 1078 MG MG    . MG  G 3 .  ? 10.295  -10.320 -17.555 1.00 40.77 ? 106 MG  A MG    1 
HETATM 1079 O  O     . HOH H 4 .  ? -6.692  -8.163  -9.958  1.00 36.32 ? 201 HOH A O     1 
HETATM 1080 O  O     . HOH H 4 .  ? 3.326   -9.389  -30.561 1.00 37.16 ? 202 HOH A O     1 
HETATM 1081 O  O     . HOH H 4 .  ? 10.820  -1.041  -13.158 1.00 46.40 ? 203 HOH A O     1 
HETATM 1082 O  O     . HOH H 4 .  ? 1.290   7.552   28.547  1.00 57.12 ? 204 HOH A O     1 
HETATM 1083 O  O     . HOH H 4 .  ? 7.325   10.708  2.853   1.00 50.30 ? 205 HOH A O     1 
HETATM 1084 O  O     . HOH H 4 .  ? 1.868   11.703  24.490  1.00 66.36 ? 206 HOH A O     1 
HETATM 1085 O  O     . HOH H 4 .  ? 2.759   17.110  -0.875  1.00 44.75 ? 207 HOH A O     1 
HETATM 1086 O  O     . HOH H 4 .  ? 5.167   -12.586 2.826   1.00 23.97 ? 208 HOH A O     1 
HETATM 1087 O  O     . HOH H 4 .  ? 5.204   -9.604  -31.161 1.00 39.82 ? 209 HOH A O     1 
HETATM 1088 O  O     . HOH H 4 .  ? 17.593  -3.285  -21.522 1.00 34.28 ? 210 HOH A O     1 
HETATM 1089 O  O     . HOH H 4 .  ? -4.266  -9.975  1.040   1.00 32.83 ? 211 HOH A O     1 
HETATM 1090 O  O     . HOH H 4 .  ? -10.743 15.504  11.888  1.00 55.02 ? 212 HOH A O     1 
HETATM 1091 O  O     . HOH H 4 .  ? -11.216 1.781   -3.761  1.00 37.54 ? 213 HOH A O     1 
HETATM 1092 O  O     . HOH H 4 .  ? -1.181  1.427   -18.243 1.00 34.30 ? 214 HOH A O     1 
HETATM 1093 O  O     . HOH H 4 .  ? -10.912 -3.107  5.163   1.00 26.50 ? 215 HOH A O     1 
HETATM 1094 O  O     . HOH H 4 .  ? 2.844   9.880   2.624   1.00 44.37 ? 216 HOH A O     1 
HETATM 1095 O  O     . HOH H 4 .  ? -10.724 -11.487 3.091   1.00 25.66 ? 217 HOH A O     1 
HETATM 1096 O  O     . HOH H 4 .  ? -2.020  8.168   9.508   1.00 42.39 ? 218 HOH A O     1 
HETATM 1097 O  O     . HOH H 4 .  ? -3.069  -13.204 -3.781  1.00 38.58 ? 219 HOH A O     1 
HETATM 1098 O  O     . HOH H 4 .  ? -7.715  -1.850  6.232   1.00 25.88 ? 220 HOH A O     1 
HETATM 1099 O  O     . HOH H 4 .  ? -6.249  -7.342  3.999   1.00 30.57 ? 221 HOH A O     1 
HETATM 1100 O  O     . HOH H 4 .  ? -3.413  -0.329  11.115  1.00 36.25 ? 222 HOH A O     1 
HETATM 1101 O  O     . HOH H 4 .  ? -1.047  6.195   11.659  1.00 43.17 ? 223 HOH A O     1 
HETATM 1102 O  O     . HOH H 4 .  ? -13.588 -13.366 5.125   1.00 30.54 ? 224 HOH A O     1 
HETATM 1103 O  O     . HOH H 4 .  ? 0.873   0.823   -24.268 1.00 29.95 ? 225 HOH A O     1 
HETATM 1104 O  O     . HOH H 4 .  ? 12.385  -5.096  -19.836 1.00 34.20 ? 226 HOH A O     1 
HETATM 1105 O  O     . HOH H 4 .  ? -8.815  3.384   -1.826  1.00 30.49 ? 227 HOH A O     1 
HETATM 1106 O  O     . HOH H 4 .  ? -7.795  -4.073  4.512   1.00 27.41 ? 228 HOH A O     1 
HETATM 1107 O  O     . HOH H 4 .  ? 11.174  -3.954  -18.120 1.00 40.21 ? 229 HOH A O     1 
HETATM 1108 O  O     . HOH H 4 .  ? -1.480  4.929   2.678   1.00 26.53 ? 230 HOH A O     1 
HETATM 1109 O  O     . HOH H 4 .  ? -1.622  -0.052  -2.250  1.00 28.01 ? 231 HOH A O     1 
HETATM 1110 O  O     . HOH H 4 .  ? 5.323   1.764   -15.479 1.00 40.16 ? 232 HOH A O     1 
HETATM 1111 O  O     . HOH H 4 .  ? 8.859   -6.010  -18.887 1.00 33.59 ? 233 HOH A O     1 
HETATM 1112 O  O     . HOH H 4 .  ? 10.663  -13.172 -15.061 1.00 38.75 ? 234 HOH A O     1 
HETATM 1113 O  O     . HOH H 4 .  ? -5.660  -5.950  13.194  1.00 31.01 ? 235 HOH A O     1 
HETATM 1114 O  O     . HOH H 4 .  ? 13.634  3.266   -18.622 1.00 49.03 ? 236 HOH A O     1 
HETATM 1115 O  O     . HOH H 4 .  ? -11.512 -11.885 -2.356  1.00 35.70 ? 237 HOH A O     1 
HETATM 1116 O  O     . HOH H 4 .  ? 5.582   -4.812  -14.384 1.00 27.82 ? 238 HOH A O     1 
HETATM 1117 O  O     . HOH H 4 .  ? -15.538 -3.927  -4.711  1.00 31.80 ? 239 HOH A O     1 
HETATM 1118 O  O     . HOH H 4 .  ? 2.890   3.667   -12.578 1.00 39.23 ? 240 HOH A O     1 
HETATM 1119 O  O     . HOH H 4 .  ? -12.470 -0.377  7.407   1.00 32.08 ? 241 HOH A O     1 
HETATM 1120 O  O     . HOH H 4 .  ? 1.077   6.144   2.022   1.00 36.21 ? 242 HOH A O     1 
HETATM 1121 O  O     . HOH H 4 .  ? 0.280   -0.399  2.520   1.00 40.18 ? 243 HOH A O     1 
HETATM 1122 O  O     . HOH H 4 .  ? -15.041 -0.347  6.554   1.00 39.85 ? 244 HOH A O     1 
HETATM 1123 O  O     . HOH H 4 .  ? -10.180 -8.733  -0.107  1.00 26.83 ? 245 HOH A O     1 
HETATM 1124 O  O     . HOH H 4 .  ? -10.630 5.555   13.812  1.00 44.51 ? 246 HOH A O     1 
HETATM 1125 O  O     . HOH H 4 .  ? 5.777   -4.284  -10.446 1.00 28.85 ? 247 HOH A O     1 
HETATM 1126 O  O     . HOH H 4 .  ? -2.339  10.659  8.732   1.00 46.66 ? 248 HOH A O     1 
HETATM 1127 O  O     . HOH H 4 .  ? 5.854   -10.402 3.361   1.00 25.18 ? 249 HOH A O     1 
HETATM 1128 O  O     . HOH H 4 .  ? -4.148  7.399   27.051  1.00 57.92 ? 250 HOH A O     1 
HETATM 1129 O  O     . HOH H 4 .  ? -14.950 -9.306  12.359  1.00 33.25 ? 251 HOH A O     1 
HETATM 1130 O  O     . HOH H 4 .  ? 3.837   6.287   2.598   1.00 41.02 ? 252 HOH A O     1 
HETATM 1131 O  O     . HOH H 4 .  ? -2.722  9.194   -5.986  1.00 36.23 ? 253 HOH A O     1 
HETATM 1132 O  O     . HOH H 4 .  ? 0.489   -8.908  -22.102 1.00 14.74 ? 254 HOH A O     1 
HETATM 1133 O  O     . HOH H 4 .  ? -5.184  -3.343  -19.124 1.00 26.60 ? 255 HOH A O     1 
HETATM 1134 O  O     . HOH H 4 .  ? -0.386  -3.638  5.181   1.00 38.49 ? 256 HOH A O     1 
HETATM 1135 O  O     . HOH H 4 .  ? -12.670 -3.015  7.503   1.00 26.18 ? 257 HOH A O     1 
HETATM 1136 O  O     . HOH H 4 .  ? -9.664  -2.942  7.906   1.00 25.14 ? 258 HOH A O     1 
HETATM 1137 O  O     . HOH H 4 .  ? 11.607  -10.175 -13.646 1.00 35.35 ? 259 HOH A O     1 
HETATM 1138 O  O     . HOH H 4 .  ? -12.165 -5.672  6.086   1.00 23.27 ? 260 HOH A O     1 
HETATM 1139 O  O     . HOH H 4 .  ? 8.781   -8.748  -17.487 1.00 33.57 ? 261 HOH A O     1 
HETATM 1140 O  O     . HOH H 4 .  ? -6.680  11.644  -0.962  1.00 36.64 ? 262 HOH A O     1 
HETATM 1141 O  O     . HOH H 4 .  ? 1.980   -11.687 3.328   1.00 35.25 ? 263 HOH A O     1 
HETATM 1142 O  O     . HOH H 4 .  ? -4.447  -9.927  -2.005  1.00 32.77 ? 264 HOH A O     1 
HETATM 1143 O  O     . HOH H 4 .  ? -9.401  -8.131  6.160   1.00 25.50 ? 265 HOH A O     1 
HETATM 1144 O  O     . HOH H 4 .  ? -3.216  -3.273  7.669   1.00 32.56 ? 266 HOH A O     1 
HETATM 1145 O  O     . HOH H 4 .  ? 3.215   -7.840  2.843   1.00 29.59 ? 267 HOH A O     1 
HETATM 1146 O  O     . HOH H 4 .  ? -8.306  0.868   -4.704  1.00 33.07 ? 268 HOH A O     1 
HETATM 1147 O  O     . HOH H 4 .  ? -11.923 0.186   -0.956  1.00 18.99 ? 269 HOH A O     1 
HETATM 1148 O  O     . HOH H 4 .  ? 7.198   -13.023 -7.532  1.00 37.55 ? 270 HOH A O     1 
HETATM 1149 O  O     . HOH H 4 .  ? -8.521  -4.217  11.422  1.00 31.38 ? 271 HOH A O     1 
HETATM 1150 O  O     . HOH H 4 .  ? -2.759  3.147   6.151   1.00 38.57 ? 272 HOH A O     1 
HETATM 1151 O  O     . HOH H 4 .  ? 0.292   -1.235  0.100   1.00 28.25 ? 273 HOH A O     1 
HETATM 1152 O  O     . HOH H 4 .  ? -6.028  -3.148  9.531   1.00 33.84 ? 274 HOH A O     1 
HETATM 1153 O  O     . HOH H 4 .  ? 7.669   -5.487  -12.241 1.00 28.59 ? 275 HOH A O     1 
HETATM 1154 O  O     . HOH H 4 .  ? 9.141   -11.134 -16.291 1.00 32.79 ? 276 HOH A O     1 
HETATM 1155 O  O     . HOH H 4 .  ? 3.940   -3.610  -12.281 1.00 26.22 ? 277 HOH A O     1 
HETATM 1156 O  O     . HOH H 4 .  ? 5.227   -0.460  -17.573 1.00 32.64 ? 278 HOH A O     1 
HETATM 1157 O  O     . HOH H 4 .  ? -8.860  -6.503  2.763   1.00 26.18 ? 279 HOH A O     1 
HETATM 1158 O  O     . HOH H 4 .  ? 3.097   2.627   3.185   1.00 35.44 ? 280 HOH A O     1 
HETATM 1159 O  O     . HOH H 4 .  ? 5.221   -5.951  -28.027 1.00 33.73 ? 281 HOH A O     1 
HETATM 1160 O  O     . HOH H 4 .  ? -1.755  -8.730  0.218   1.00 26.27 ? 282 HOH A O     1 
HETATM 1161 O  O     . HOH H 4 .  ? -14.488 6.147   2.578   1.00 40.10 ? 283 HOH A O     1 
HETATM 1162 O  O     . HOH H 4 .  ? 0.564   -8.876  2.085   1.00 27.01 ? 284 HOH A O     1 
HETATM 1163 O  O     . HOH H 4 .  ? -6.678  -8.607  -16.037 1.00 40.32 ? 285 HOH A O     1 
HETATM 1164 O  O     . HOH H 4 .  ? -8.455  -10.073 1.978   1.00 25.32 ? 286 HOH A O     1 
HETATM 1165 O  O     . HOH H 4 .  ? -0.369  -11.222 0.458   1.00 28.42 ? 287 HOH A O     1 
HETATM 1166 O  O     . HOH H 4 .  ? 2.753   14.549  -4.101  0.50 38.83 ? 288 HOH A O     1 
HETATM 1167 O  O     . HOH H 4 .  ? -6.356  -7.677  -7.532  1.00 35.40 ? 289 HOH A O     1 
HETATM 1168 O  O     . HOH H 4 .  ? 5.148   12.582  2.805   1.00 41.48 ? 290 HOH A O     1 
HETATM 1169 O  O     . HOH H 4 .  ? 3.137   7.858   -5.239  1.00 38.94 ? 291 HOH A O     1 
HETATM 1170 O  O     . HOH H 4 .  ? 4.272   3.162   -18.550 1.00 38.21 ? 292 HOH A O     1 
HETATM 1171 O  O     . HOH H 4 .  ? 0.149   2.559   2.472   1.00 39.35 ? 293 HOH A O     1 
HETATM 1172 O  O     . HOH H 4 .  ? -1.457  -0.336  -14.798 1.00 38.10 ? 294 HOH A O     1 
HETATM 1173 O  O     . HOH H 4 .  ? 1.756   -1.891  -16.739 1.00 28.96 ? 295 HOH A O     1 
HETATM 1174 O  O     . HOH H 4 .  ? -9.596  -4.766  -1.186  1.00 28.37 ? 296 HOH A O     1 
HETATM 1175 O  O     . HOH H 4 .  ? -0.203  3.877   12.079  1.00 47.81 ? 297 HOH A O     1 
HETATM 1176 O  O     . HOH H 4 .  ? 1.668   13.693  4.159   1.00 46.19 ? 298 HOH A O     1 
HETATM 1177 O  O     . HOH H 4 .  ? 3.015   -3.656  -15.057 1.00 27.69 ? 299 HOH A O     1 
HETATM 1178 O  O     . HOH H 4 .  ? -3.095  2.960   1.673   1.00 30.29 ? 300 HOH A O     1 
HETATM 1179 O  O     . HOH H 4 .  ? -2.608  0.306   0.289   1.00 28.30 ? 301 HOH A O     1 
HETATM 1180 O  O     . HOH H 4 .  ? -14.335 0.199   0.635   1.00 37.07 ? 302 HOH A O     1 
HETATM 1181 O  O     . HOH H 4 .  ? 16.063  -5.489  -21.103 1.00 36.46 ? 303 HOH A O     1 
HETATM 1182 O  O     . HOH H 4 .  ? -12.352 -12.992 1.464   1.00 41.43 ? 304 HOH A O     1 
HETATM 1183 O  O     . HOH H 4 .  ? -7.375  -5.504  -13.047 1.00 30.26 ? 305 HOH A O     1 
HETATM 1184 O  O     . HOH H 4 .  ? 0.144   -3.850  -14.239 1.00 27.18 ? 306 HOH A O     1 
HETATM 1185 O  O     . HOH H 4 .  ? -10.692 -1.941  -3.299  1.00 28.49 ? 307 HOH A O     1 
HETATM 1186 O  O     . HOH H 4 .  ? 5.516   -2.388  -15.996 1.00 27.54 ? 308 HOH A O     1 
HETATM 1187 O  O     . HOH H 4 .  ? 2.255   5.574   -6.587  1.00 39.27 ? 309 HOH A O     1 
HETATM 1188 O  O     . HOH H 4 .  ? 2.578   -13.723 -11.254 1.00 33.28 ? 310 HOH A O     1 
HETATM 1189 O  O     . HOH H 4 .  ? -9.264  -5.376  6.439   1.00 23.75 ? 311 HOH A O     1 
HETATM 1190 O  O     . HOH H 4 .  ? 2.364   11.687  4.266   1.00 49.13 ? 312 HOH A O     1 
HETATM 1191 O  O     . HOH H 4 .  ? 15.894  1.672   -17.670 1.00 47.57 ? 313 HOH A O     1 
HETATM 1192 O  O     . HOH H 4 .  ? 4.611   15.243  3.024   1.00 43.32 ? 314 HOH A O     1 
HETATM 1193 O  O     . HOH H 4 .  ? 6.607   -2.526  -13.206 1.00 28.24 ? 315 HOH A O     1 
HETATM 1194 O  O     . HOH H 4 .  ? -5.619  -6.278  -10.530 1.00 31.84 ? 316 HOH A O     1 
HETATM 1195 O  O     . HOH H 4 .  ? -10.636 -8.525  2.850   1.00 26.33 ? 317 HOH A O     1 
HETATM 1196 O  O     . HOH H 4 .  ? -1.491  -8.819  -20.235 1.00 29.00 ? 318 HOH A O     1 
HETATM 1197 O  O     . HOH H 4 .  ? 1.019   8.089   3.947   1.00 41.15 ? 319 HOH A O     1 
HETATM 1198 O  O     . HOH H 4 .  ? -10.573 -4.286  -5.493  1.00 24.98 ? 320 HOH A O     1 
HETATM 1199 O  O     . HOH H 4 .  ? -3.565  0.131   -18.042 1.00 31.18 ? 321 HOH A O     1 
HETATM 1200 O  O     . HOH H 4 .  ? 0.759   -13.748 -14.145 1.00 37.94 ? 322 HOH A O     1 
HETATM 1201 O  O     . HOH H 4 .  ? -5.330  -10.308 -16.740 1.00 42.02 ? 323 HOH A O     1 
HETATM 1202 O  O     . HOH H 4 .  ? -10.061 -11.766 0.142   1.00 28.87 ? 324 HOH A O     1 
HETATM 1203 O  O     . HOH H 4 .  ? -7.875  -5.204  8.852   1.00 15.64 ? 325 HOH A O     1 
HETATM 1204 O  O     . HOH H 4 .  ? -1.482  -6.841  2.515   1.00 35.42 ? 326 HOH A O     1 
HETATM 1205 O  O     . HOH H 4 .  ? -10.959 6.404   15.862  1.00 51.19 ? 327 HOH A O     1 
HETATM 1206 O  O     . HOH H 4 .  ? 8.667   -14.274 -18.649 1.00 37.63 ? 328 HOH A O     1 
HETATM 1207 O  O     . HOH H 4 .  ? 4.736   8.252   4.743   1.00 47.30 ? 329 HOH A O     1 
HETATM 1208 O  O     . HOH H 4 .  ? 7.529   -3.665  -17.043 1.00 35.36 ? 330 HOH A O     1 
HETATM 1209 O  O     . HOH H 4 .  ? -3.404  0.357   -13.471 1.00 37.22 ? 331 HOH A O     1 
HETATM 1210 O  O     . HOH H 4 .  ? -5.836  -6.050  7.169   1.00 32.36 ? 332 HOH A O     1 
HETATM 1211 O  O     . HOH H 4 .  ? 0.492   9.245   -6.101  1.00 38.30 ? 333 HOH A O     1 
HETATM 1212 O  O     . HOH H 4 .  ? 4.279   -14.231 -7.896  1.00 38.13 ? 334 HOH A O     1 
HETATM 1213 O  O     . HOH H 4 .  ? -9.409  11.244  0.977   1.00 35.83 ? 335 HOH A O     1 
HETATM 1214 O  O     . HOH H 4 .  ? -9.794  3.693   16.530  1.00 41.96 ? 336 HOH A O     1 
HETATM 1215 O  O     . HOH H 4 .  ? 7.736   0.495   -14.300 1.00 42.35 ? 337 HOH A O     1 
HETATM 1216 O  O     . HOH H 4 .  ? 7.269   -12.814 -29.620 1.00 38.14 ? 338 HOH A O     1 
HETATM 1217 O  O     . HOH H 4 .  ? -0.717  5.148   5.279   1.00 40.19 ? 339 HOH A O     1 
HETATM 1218 O  O     . HOH H 4 .  ? -7.402  -5.632  -16.441 1.00 37.73 ? 340 HOH A O     1 
HETATM 1219 O  O     . HOH H 4 .  ? 18.405  -5.068  -19.291 1.00 42.22 ? 341 HOH A O     1 
HETATM 1220 O  O     . HOH H 4 .  ? -0.852  -2.311  8.012   1.00 39.69 ? 342 HOH A O     1 
HETATM 1221 O  O     . HOH H 4 .  ? 1.721   9.478   5.572   1.00 51.11 ? 343 HOH A O     1 
HETATM 1222 O  O     . HOH H 4 .  ? 11.221  -9.199  -16.172 1.00 37.49 ? 344 HOH A O     1 
# 
loop_
_pdbx_poly_seq_scheme.asym_id 
_pdbx_poly_seq_scheme.entity_id 
_pdbx_poly_seq_scheme.seq_id 
_pdbx_poly_seq_scheme.mon_id 
_pdbx_poly_seq_scheme.ndb_seq_num 
_pdbx_poly_seq_scheme.pdb_seq_num 
_pdbx_poly_seq_scheme.auth_seq_num 
_pdbx_poly_seq_scheme.pdb_mon_id 
_pdbx_poly_seq_scheme.auth_mon_id 
_pdbx_poly_seq_scheme.pdb_strand_id 
_pdbx_poly_seq_scheme.pdb_ins_code 
_pdbx_poly_seq_scheme.hetero 
A 1 1  GDP 1  1  1  GDP GDP A . n 
A 1 2  G   2  2  2  G   G   A . n 
A 1 3  C   3  3  3  C   C   A . n 
A 1 4  G   4  4  4  G   G   A . n 
A 1 5  C   5  5  5  C   C   A . n 
A 1 6  A   6  6  6  A   A   A . n 
A 1 7  C   7  7  7  C   C   A . n 
A 1 8  U   8  8  8  U   U   A . n 
A 1 9  G   9  9  9  G   G   A . n 
A 1 10 G   10 10 10 G   G   A . n 
A 1 11 C   11 11 11 C   C   A . n 
A 1 12 G   12 12 12 G   G   A . n 
A 1 13 C   13 13 13 C   C   A . n 
A 1 14 U   14 14 14 U   U   A . n 
A 1 15 G   15 15 15 G   G   A . n 
A 1 16 C   16 16 16 C   C   A . n 
A 1 17 G   17 17 17 G   G   A . n 
A 1 18 C   18 18 18 C   C   A . n 
A 1 19 C   19 19 19 C   C   A . n 
A 1 20 U   20 20 20 U   U   A . n 
A 1 21 U   21 21 21 U   U   A . n 
A 1 22 C   22 22 22 C   C   A . n 
A 1 23 G   23 23 23 G   G   A . n 
A 1 24 G   24 24 24 G   G   A . n 
A 1 25 G   25 25 25 G   G   A . n 
A 1 26 C   26 26 26 C   C   A . n 
A 1 27 G   27 27 27 G   G   A . n 
A 1 28 C   28 28 28 C   C   A . n 
A 1 29 C   29 29 29 C   C   A . n 
A 1 30 A   30 30 30 A   A   A . n 
A 1 31 A   31 31 31 A   A   A . n 
A 1 32 U   32 32 32 U   U   A . n 
A 1 33 C   33 33 33 C   C   A . n 
A 1 34 G   34 34 34 G   G   A . n 
A 1 35 U   35 35 35 U   U   A . n 
A 1 36 A   36 36 36 A   A   A . n 
A 1 37 G   37 37 37 G   G   A . n 
A 1 38 C   38 38 38 C   C   A . n 
A 1 39 G   39 39 39 G   G   A . n 
A 1 40 U   40 40 40 U   U   A . n 
A 1 41 G   41 41 41 G   G   A . n 
A 1 42 U   42 42 42 U   U   A . n 
A 1 43 C   43 43 43 C   C   A . n 
A 1 44 G   44 44 44 G   G   A . n 
A 1 45 G   45 45 45 G   G   A . n 
A 1 46 C   46 46 46 C   C   A . n 
A 1 47 G   47 47 47 G   G   A . n 
A 1 48 C   48 48 48 C   C   A . n 
A 1 49 C   49 49 49 C   C   A . n 
# 
loop_
_pdbx_nonpoly_scheme.asym_id 
_pdbx_nonpoly_scheme.entity_id 
_pdbx_nonpoly_scheme.mon_id 
_pdbx_nonpoly_scheme.ndb_seq_num 
_pdbx_nonpoly_scheme.pdb_seq_num 
_pdbx_nonpoly_scheme.auth_seq_num 
_pdbx_nonpoly_scheme.pdb_mon_id 
_pdbx_nonpoly_scheme.auth_mon_id 
_pdbx_nonpoly_scheme.pdb_strand_id 
_pdbx_nonpoly_scheme.pdb_ins_code 
B 2 J8F 1   101 1   J8F LIG A . 
C 3 MG  1   102 1   MG  MG  A . 
D 3 MG  1   103 2   MG  MG  A . 
E 3 MG  1   104 3   MG  MG  A . 
F 3 MG  1   105 4   MG  MG  A . 
G 3 MG  1   106 5   MG  MG  A . 
H 4 HOH 1   201 138 HOH HOH A . 
H 4 HOH 2   202 133 HOH HOH A . 
H 4 HOH 3   203 120 HOH HOH A . 
H 4 HOH 4   204 110 HOH HOH A . 
H 4 HOH 5   205 142 HOH HOH A . 
H 4 HOH 6   206 121 HOH HOH A . 
H 4 HOH 7   207 101 HOH HOH A . 
H 4 HOH 8   208 4   HOH HOH A . 
H 4 HOH 9   209 83  HOH HOH A . 
H 4 HOH 10  210 70  HOH HOH A . 
H 4 HOH 11  211 63  HOH HOH A . 
H 4 HOH 12  212 102 HOH HOH A . 
H 4 HOH 13  213 53  HOH HOH A . 
H 4 HOH 14  214 45  HOH HOH A . 
H 4 HOH 15  215 23  HOH HOH A . 
H 4 HOH 16  216 108 HOH HOH A . 
H 4 HOH 17  217 24  HOH HOH A . 
H 4 HOH 18  218 125 HOH HOH A . 
H 4 HOH 19  219 139 HOH HOH A . 
H 4 HOH 20  220 21  HOH HOH A . 
H 4 HOH 21  221 12  HOH HOH A . 
H 4 HOH 22  222 38  HOH HOH A . 
H 4 HOH 23  223 75  HOH HOH A . 
H 4 HOH 24  224 97  HOH HOH A . 
H 4 HOH 25  225 40  HOH HOH A . 
H 4 HOH 26  226 105 HOH HOH A . 
H 4 HOH 27  227 54  HOH HOH A . 
H 4 HOH 28  228 11  HOH HOH A . 
H 4 HOH 29  229 104 HOH HOH A . 
H 4 HOH 30  230 140 HOH HOH A . 
H 4 HOH 31  231 48  HOH HOH A . 
H 4 HOH 32  232 129 HOH HOH A . 
H 4 HOH 33  233 46  HOH HOH A . 
H 4 HOH 34  234 135 HOH HOH A . 
H 4 HOH 35  235 60  HOH HOH A . 
H 4 HOH 36  236 132 HOH HOH A . 
H 4 HOH 37  237 62  HOH HOH A . 
H 4 HOH 38  238 33  HOH HOH A . 
H 4 HOH 39  239 98  HOH HOH A . 
H 4 HOH 40  240 66  HOH HOH A . 
H 4 HOH 41  241 39  HOH HOH A . 
H 4 HOH 42  242 56  HOH HOH A . 
H 4 HOH 43  243 124 HOH HOH A . 
H 4 HOH 44  244 115 HOH HOH A . 
H 4 HOH 45  245 28  HOH HOH A . 
H 4 HOH 46  246 116 HOH HOH A . 
H 4 HOH 47  247 42  HOH HOH A . 
H 4 HOH 48  248 94  HOH HOH A . 
H 4 HOH 49  249 3   HOH HOH A . 
H 4 HOH 50  250 109 HOH HOH A . 
H 4 HOH 51  251 111 HOH HOH A . 
H 4 HOH 52  252 86  HOH HOH A . 
H 4 HOH 53  253 128 HOH HOH A . 
H 4 HOH 54  254 141 HOH HOH A . 
H 4 HOH 55  255 96  HOH HOH A . 
H 4 HOH 56  256 49  HOH HOH A . 
H 4 HOH 57  257 14  HOH HOH A . 
H 4 HOH 58  258 27  HOH HOH A . 
H 4 HOH 59  259 134 HOH HOH A . 
H 4 HOH 60  260 10  HOH HOH A . 
H 4 HOH 61  261 73  HOH HOH A . 
H 4 HOH 62  262 79  HOH HOH A . 
H 4 HOH 63  263 106 HOH HOH A . 
H 4 HOH 64  264 35  HOH HOH A . 
H 4 HOH 65  265 7   HOH HOH A . 
H 4 HOH 66  266 41  HOH HOH A . 
H 4 HOH 67  267 6   HOH HOH A . 
H 4 HOH 68  268 52  HOH HOH A . 
H 4 HOH 69  269 1   HOH HOH A . 
H 4 HOH 70  270 144 HOH HOH A . 
H 4 HOH 71  271 59  HOH HOH A . 
H 4 HOH 72  272 57  HOH HOH A . 
H 4 HOH 73  273 47  HOH HOH A . 
H 4 HOH 74  274 82  HOH HOH A . 
H 4 HOH 75  275 43  HOH HOH A . 
H 4 HOH 76  276 71  HOH HOH A . 
H 4 HOH 77  277 17  HOH HOH A . 
H 4 HOH 78  278 64  HOH HOH A . 
H 4 HOH 79  279 16  HOH HOH A . 
H 4 HOH 80  280 93  HOH HOH A . 
H 4 HOH 81  281 112 HOH HOH A . 
H 4 HOH 82  282 5   HOH HOH A . 
H 4 HOH 83  283 126 HOH HOH A . 
H 4 HOH 84  284 19  HOH HOH A . 
H 4 HOH 85  285 122 HOH HOH A . 
H 4 HOH 86  286 26  HOH HOH A . 
H 4 HOH 87  287 34  HOH HOH A . 
H 4 HOH 88  288 9   HOH HOH A . 
H 4 HOH 89  289 107 HOH HOH A . 
H 4 HOH 90  290 90  HOH HOH A . 
H 4 HOH 91  291 78  HOH HOH A . 
H 4 HOH 92  292 65  HOH HOH A . 
H 4 HOH 93  293 91  HOH HOH A . 
H 4 HOH 94  294 67  HOH HOH A . 
H 4 HOH 95  295 44  HOH HOH A . 
H 4 HOH 96  296 20  HOH HOH A . 
H 4 HOH 97  297 87  HOH HOH A . 
H 4 HOH 98  298 131 HOH HOH A . 
H 4 HOH 99  299 32  HOH HOH A . 
H 4 HOH 100 300 55  HOH HOH A . 
H 4 HOH 101 301 8   HOH HOH A . 
H 4 HOH 102 302 127 HOH HOH A . 
H 4 HOH 103 303 72  HOH HOH A . 
H 4 HOH 104 304 61  HOH HOH A . 
H 4 HOH 105 305 37  HOH HOH A . 
H 4 HOH 106 306 50  HOH HOH A . 
H 4 HOH 107 307 18  HOH HOH A . 
H 4 HOH 108 308 31  HOH HOH A . 
H 4 HOH 109 309 76  HOH HOH A . 
H 4 HOH 110 310 51  HOH HOH A . 
H 4 HOH 111 311 15  HOH HOH A . 
H 4 HOH 112 312 84  HOH HOH A . 
H 4 HOH 113 313 136 HOH HOH A . 
H 4 HOH 114 314 100 HOH HOH A . 
H 4 HOH 115 315 30  HOH HOH A . 
H 4 HOH 116 316 113 HOH HOH A . 
H 4 HOH 117 317 25  HOH HOH A . 
H 4 HOH 118 318 58  HOH HOH A . 
H 4 HOH 119 319 85  HOH HOH A . 
H 4 HOH 120 320 2   HOH HOH A . 
H 4 HOH 121 321 13  HOH HOH A . 
H 4 HOH 122 322 143 HOH HOH A . 
H 4 HOH 123 323 117 HOH HOH A . 
H 4 HOH 124 324 29  HOH HOH A . 
H 4 HOH 125 325 114 HOH HOH A . 
H 4 HOH 126 326 81  HOH HOH A . 
H 4 HOH 127 327 89  HOH HOH A . 
H 4 HOH 128 328 69  HOH HOH A . 
H 4 HOH 129 329 118 HOH HOH A . 
H 4 HOH 130 330 22  HOH HOH A . 
H 4 HOH 131 331 137 HOH HOH A . 
H 4 HOH 132 332 130 HOH HOH A . 
H 4 HOH 133 333 77  HOH HOH A . 
H 4 HOH 134 334 99  HOH HOH A . 
H 4 HOH 135 335 80  HOH HOH A . 
H 4 HOH 136 336 88  HOH HOH A . 
H 4 HOH 137 337 68  HOH HOH A . 
H 4 HOH 138 338 103 HOH HOH A . 
H 4 HOH 139 339 92  HOH HOH A . 
H 4 HOH 140 340 36  HOH HOH A . 
H 4 HOH 141 341 95  HOH HOH A . 
H 4 HOH 142 342 123 HOH HOH A . 
H 4 HOH 143 343 119 HOH HOH A . 
H 4 HOH 144 344 74  HOH HOH A . 
# 
_pdbx_struct_assembly.id                   1 
_pdbx_struct_assembly.details              author_and_software_defined_assembly 
_pdbx_struct_assembly.method_details       PISA 
_pdbx_struct_assembly.oligomeric_details   monomeric 
_pdbx_struct_assembly.oligomeric_count     1 
# 
_pdbx_struct_assembly_gen.assembly_id       1 
_pdbx_struct_assembly_gen.oper_expression   1 
_pdbx_struct_assembly_gen.asym_id_list      A,B,C,D,E,F,G,H 
# 
loop_
_pdbx_struct_assembly_prop.biol_id 
_pdbx_struct_assembly_prop.type 
_pdbx_struct_assembly_prop.value 
_pdbx_struct_assembly_prop.details 
1 'ABSA (A^2)' 430  ? 
1 MORE         -9   ? 
1 'SSA (A^2)'  8260 ? 
# 
_pdbx_struct_oper_list.id                   1 
_pdbx_struct_oper_list.type                 'identity operation' 
_pdbx_struct_oper_list.name                 1_555 
_pdbx_struct_oper_list.symmetry_operation   x,y,z 
_pdbx_struct_oper_list.matrix[1][1]         1.0000000000 
_pdbx_struct_oper_list.matrix[1][2]         0.0000000000 
_pdbx_struct_oper_list.matrix[1][3]         0.0000000000 
_pdbx_struct_oper_list.vector[1]            0.0000000000 
_pdbx_struct_oper_list.matrix[2][1]         0.0000000000 
_pdbx_struct_oper_list.matrix[2][2]         1.0000000000 
_pdbx_struct_oper_list.matrix[2][3]         0.0000000000 
_pdbx_struct_oper_list.vector[2]            0.0000000000 
_pdbx_struct_oper_list.matrix[3][1]         0.0000000000 
_pdbx_struct_oper_list.matrix[3][2]         0.0000000000 
_pdbx_struct_oper_list.matrix[3][3]         1.0000000000 
_pdbx_struct_oper_list.vector[3]            0.0000000000 
# 
_pdbx_struct_special_symmetry.id              1 
_pdbx_struct_special_symmetry.PDB_model_num   1 
_pdbx_struct_special_symmetry.auth_asym_id    A 
_pdbx_struct_special_symmetry.auth_comp_id    HOH 
_pdbx_struct_special_symmetry.auth_seq_id     288 
_pdbx_struct_special_symmetry.PDB_ins_code    ? 
_pdbx_struct_special_symmetry.label_asym_id   H 
_pdbx_struct_special_symmetry.label_comp_id   HOH 
_pdbx_struct_special_symmetry.label_seq_id    . 
# 
loop_
_pdbx_struct_conn_angle.id 
_pdbx_struct_conn_angle.ptnr1_label_atom_id 
_pdbx_struct_conn_angle.ptnr1_label_alt_id 
_pdbx_struct_conn_angle.ptnr1_label_asym_id 
_pdbx_struct_conn_angle.ptnr1_label_comp_id 
_pdbx_struct_conn_angle.ptnr1_label_seq_id 
_pdbx_struct_conn_angle.ptnr1_auth_atom_id 
_pdbx_struct_conn_angle.ptnr1_auth_asym_id 
_pdbx_struct_conn_angle.ptnr1_auth_comp_id 
_pdbx_struct_conn_angle.ptnr1_auth_seq_id 
_pdbx_struct_conn_angle.ptnr1_PDB_ins_code 
_pdbx_struct_conn_angle.ptnr1_symmetry 
_pdbx_struct_conn_angle.ptnr2_label_atom_id 
_pdbx_struct_conn_angle.ptnr2_label_alt_id 
_pdbx_struct_conn_angle.ptnr2_label_asym_id 
_pdbx_struct_conn_angle.ptnr2_label_comp_id 
_pdbx_struct_conn_angle.ptnr2_label_seq_id 
_pdbx_struct_conn_angle.ptnr2_auth_atom_id 
_pdbx_struct_conn_angle.ptnr2_auth_asym_id 
_pdbx_struct_conn_angle.ptnr2_auth_comp_id 
_pdbx_struct_conn_angle.ptnr2_auth_seq_id 
_pdbx_struct_conn_angle.ptnr2_PDB_ins_code 
_pdbx_struct_conn_angle.ptnr2_symmetry 
_pdbx_struct_conn_angle.ptnr3_label_atom_id 
_pdbx_struct_conn_angle.ptnr3_label_alt_id 
_pdbx_struct_conn_angle.ptnr3_label_asym_id 
_pdbx_struct_conn_angle.ptnr3_label_comp_id 
_pdbx_struct_conn_angle.ptnr3_label_seq_id 
_pdbx_struct_conn_angle.ptnr3_auth_atom_id 
_pdbx_struct_conn_angle.ptnr3_auth_asym_id 
_pdbx_struct_conn_angle.ptnr3_auth_comp_id 
_pdbx_struct_conn_angle.ptnr3_auth_seq_id 
_pdbx_struct_conn_angle.ptnr3_PDB_ins_code 
_pdbx_struct_conn_angle.ptnr3_symmetry 
_pdbx_struct_conn_angle.value 
_pdbx_struct_conn_angle.value_esd 
1  OP2 ? A C   7  ? A C   7   ? 1_555 MG ? F MG . ? A MG 105 ? 1_555 OP2 ? A U   8 ? A U   8   ? 1_555 91.1  ? 
2  OP2 ? A C   7  ? A C   7   ? 1_555 MG ? F MG . ? A MG 105 ? 1_555 O   ? H HOH . ? A HOH 282 ? 1_555 88.9  ? 
3  OP2 ? A U   8  ? A U   8   ? 1_555 MG ? F MG . ? A MG 105 ? 1_555 O   ? H HOH . ? A HOH 282 ? 1_555 172.3 ? 
4  OP2 ? A C   7  ? A C   7   ? 1_555 MG ? F MG . ? A MG 105 ? 1_555 O   ? H HOH . ? A HOH 284 ? 1_555 174.7 ? 
5  OP2 ? A U   8  ? A U   8   ? 1_555 MG ? F MG . ? A MG 105 ? 1_555 O   ? H HOH . ? A HOH 284 ? 1_555 88.0  ? 
6  O   ? H HOH .  ? A HOH 282 ? 1_555 MG ? F MG . ? A MG 105 ? 1_555 O   ? H HOH . ? A HOH 284 ? 1_555 91.4  ? 
7  OP2 ? A C   7  ? A C   7   ? 1_555 MG ? F MG . ? A MG 105 ? 1_555 O   ? H HOH . ? A HOH 287 ? 1_555 84.9  ? 
8  OP2 ? A U   8  ? A U   8   ? 1_555 MG ? F MG . ? A MG 105 ? 1_555 O   ? H HOH . ? A HOH 287 ? 1_555 87.9  ? 
9  O   ? H HOH .  ? A HOH 282 ? 1_555 MG ? F MG . ? A MG 105 ? 1_555 O   ? H HOH . ? A HOH 287 ? 1_555 84.4  ? 
10 O   ? H HOH .  ? A HOH 284 ? 1_555 MG ? F MG . ? A MG 105 ? 1_555 O   ? H HOH . ? A HOH 287 ? 1_555 89.8  ? 
11 OP2 ? A A   30 ? A A   30  ? 1_555 MG ? E MG . ? A MG 104 ? 1_555 O   ? H HOH . ? A HOH 215 ? 1_555 176.1 ? 
12 OP2 ? A A   30 ? A A   30  ? 1_555 MG ? E MG . ? A MG 104 ? 1_555 O   ? H HOH . ? A HOH 257 ? 1_555 94.6  ? 
13 O   ? H HOH .  ? A HOH 215 ? 1_555 MG ? E MG . ? A MG 104 ? 1_555 O   ? H HOH . ? A HOH 257 ? 1_555 84.4  ? 
14 OP2 ? A A   30 ? A A   30  ? 1_555 MG ? E MG . ? A MG 104 ? 1_555 O   ? H HOH . ? A HOH 258 ? 1_555 85.3  ? 
15 O   ? H HOH .  ? A HOH 215 ? 1_555 MG ? E MG . ? A MG 104 ? 1_555 O   ? H HOH . ? A HOH 258 ? 1_555 90.9  ? 
16 O   ? H HOH .  ? A HOH 257 ? 1_555 MG ? E MG . ? A MG 104 ? 1_555 O   ? H HOH . ? A HOH 258 ? 1_555 93.1  ? 
17 OP2 ? A A   30 ? A A   30  ? 1_555 MG ? E MG . ? A MG 104 ? 1_555 O   ? H HOH . ? A HOH 260 ? 1_555 95.6  ? 
18 O   ? H HOH .  ? A HOH 215 ? 1_555 MG ? E MG . ? A MG 104 ? 1_555 O   ? H HOH . ? A HOH 260 ? 1_555 88.2  ? 
19 O   ? H HOH .  ? A HOH 257 ? 1_555 MG ? E MG . ? A MG 104 ? 1_555 O   ? H HOH . ? A HOH 260 ? 1_555 91.6  ? 
20 O   ? H HOH .  ? A HOH 258 ? 1_555 MG ? E MG . ? A MG 104 ? 1_555 O   ? H HOH . ? A HOH 260 ? 1_555 175.1 ? 
21 OP2 ? A A   30 ? A A   30  ? 1_555 MG ? E MG . ? A MG 104 ? 1_555 O   ? H HOH . ? A HOH 311 ? 1_555 90.4  ? 
22 O   ? H HOH .  ? A HOH 215 ? 1_555 MG ? E MG . ? A MG 104 ? 1_555 O   ? H HOH . ? A HOH 311 ? 1_555 90.6  ? 
23 O   ? H HOH .  ? A HOH 257 ? 1_555 MG ? E MG . ? A MG 104 ? 1_555 O   ? H HOH . ? A HOH 311 ? 1_555 175.0 ? 
24 O   ? H HOH .  ? A HOH 258 ? 1_555 MG ? E MG . ? A MG 104 ? 1_555 O   ? H HOH . ? A HOH 311 ? 1_555 87.4  ? 
25 O   ? H HOH .  ? A HOH 260 ? 1_555 MG ? E MG . ? A MG 104 ? 1_555 O   ? H HOH . ? A HOH 311 ? 1_555 87.8  ? 
26 OP2 ? A U   32 ? A U   32  ? 1_555 MG ? C MG . ? A MG 102 ? 1_555 O   ? H HOH . ? A HOH 217 ? 1_555 91.7  ? 
27 OP2 ? A U   32 ? A U   32  ? 1_555 MG ? C MG . ? A MG 102 ? 1_555 O   ? H HOH . ? A HOH 245 ? 1_555 89.7  ? 
28 O   ? H HOH .  ? A HOH 217 ? 1_555 MG ? C MG . ? A MG 102 ? 1_555 O   ? H HOH . ? A HOH 245 ? 1_555 177.6 ? 
29 OP2 ? A U   32 ? A U   32  ? 1_555 MG ? C MG . ? A MG 102 ? 1_555 O   ? H HOH . ? A HOH 286 ? 1_555 178.6 ? 
30 O   ? H HOH .  ? A HOH 217 ? 1_555 MG ? C MG . ? A MG 102 ? 1_555 O   ? H HOH . ? A HOH 286 ? 1_555 86.9  ? 
31 O   ? H HOH .  ? A HOH 245 ? 1_555 MG ? C MG . ? A MG 102 ? 1_555 O   ? H HOH . ? A HOH 286 ? 1_555 91.6  ? 
32 OP2 ? A U   32 ? A U   32  ? 1_555 MG ? C MG . ? A MG 102 ? 1_555 O   ? H HOH . ? A HOH 317 ? 1_555 94.7  ? 
33 O   ? H HOH .  ? A HOH 217 ? 1_555 MG ? C MG . ? A MG 102 ? 1_555 O   ? H HOH . ? A HOH 317 ? 1_555 90.4  ? 
34 O   ? H HOH .  ? A HOH 245 ? 1_555 MG ? C MG . ? A MG 102 ? 1_555 O   ? H HOH . ? A HOH 317 ? 1_555 91.4  ? 
35 O   ? H HOH .  ? A HOH 286 ? 1_555 MG ? C MG . ? A MG 102 ? 1_555 O   ? H HOH . ? A HOH 317 ? 1_555 85.5  ? 
36 OP2 ? A U   32 ? A U   32  ? 1_555 MG ? C MG . ? A MG 102 ? 1_555 O   ? H HOH . ? A HOH 324 ? 1_555 92.2  ? 
37 O   ? H HOH .  ? A HOH 217 ? 1_555 MG ? C MG . ? A MG 102 ? 1_555 O   ? H HOH . ? A HOH 324 ? 1_555 88.8  ? 
38 O   ? H HOH .  ? A HOH 245 ? 1_555 MG ? C MG . ? A MG 102 ? 1_555 O   ? H HOH . ? A HOH 324 ? 1_555 89.2  ? 
39 O   ? H HOH .  ? A HOH 286 ? 1_555 MG ? C MG . ? A MG 102 ? 1_555 O   ? H HOH . ? A HOH 324 ? 1_555 87.5  ? 
40 O   ? H HOH .  ? A HOH 317 ? 1_555 MG ? C MG . ? A MG 102 ? 1_555 O   ? H HOH . ? A HOH 324 ? 1_555 173.0 ? 
41 OP2 ? A U   42 ? A U   42  ? 1_555 MG ? D MG . ? A MG 103 ? 1_555 O   ? H HOH . ? A HOH 238 ? 1_555 176.4 ? 
42 OP2 ? A U   42 ? A U   42  ? 1_555 MG ? D MG . ? A MG 103 ? 1_555 O   ? H HOH . ? A HOH 277 ? 1_555 86.5  ? 
43 O   ? H HOH .  ? A HOH 238 ? 1_555 MG ? D MG . ? A MG 103 ? 1_555 O   ? H HOH . ? A HOH 277 ? 1_555 90.8  ? 
44 OP2 ? A U   42 ? A U   42  ? 1_555 MG ? D MG . ? A MG 103 ? 1_555 O   ? H HOH . ? A HOH 299 ? 1_555 91.6  ? 
45 O   ? H HOH .  ? A HOH 238 ? 1_555 MG ? D MG . ? A MG 103 ? 1_555 O   ? H HOH . ? A HOH 299 ? 1_555 90.9  ? 
46 O   ? H HOH .  ? A HOH 277 ? 1_555 MG ? D MG . ? A MG 103 ? 1_555 O   ? H HOH . ? A HOH 299 ? 1_555 88.0  ? 
47 OP2 ? A U   42 ? A U   42  ? 1_555 MG ? D MG . ? A MG 103 ? 1_555 O   ? H HOH . ? A HOH 308 ? 1_555 91.3  ? 
48 O   ? H HOH .  ? A HOH 238 ? 1_555 MG ? D MG . ? A MG 103 ? 1_555 O   ? H HOH . ? A HOH 308 ? 1_555 91.4  ? 
49 O   ? H HOH .  ? A HOH 277 ? 1_555 MG ? D MG . ? A MG 103 ? 1_555 O   ? H HOH . ? A HOH 308 ? 1_555 177.1 ? 
50 O   ? H HOH .  ? A HOH 299 ? 1_555 MG ? D MG . ? A MG 103 ? 1_555 O   ? H HOH . ? A HOH 308 ? 1_555 90.2  ? 
51 OP2 ? A U   42 ? A U   42  ? 1_555 MG ? D MG . ? A MG 103 ? 1_555 O   ? H HOH . ? A HOH 315 ? 1_555 92.4  ? 
52 O   ? H HOH .  ? A HOH 238 ? 1_555 MG ? D MG . ? A MG 103 ? 1_555 O   ? H HOH . ? A HOH 315 ? 1_555 85.1  ? 
53 O   ? H HOH .  ? A HOH 277 ? 1_555 MG ? D MG . ? A MG 103 ? 1_555 O   ? H HOH . ? A HOH 315 ? 1_555 90.9  ? 
54 O   ? H HOH .  ? A HOH 299 ? 1_555 MG ? D MG . ? A MG 103 ? 1_555 O   ? H HOH . ? A HOH 315 ? 1_555 175.8 ? 
55 O   ? H HOH .  ? A HOH 308 ? 1_555 MG ? D MG . ? A MG 103 ? 1_555 O   ? H HOH . ? A HOH 315 ? 1_555 91.0  ? 
56 O   ? H HOH .  ? A HOH 210 ? 2_656 MG ? G MG . ? A MG 106 ? 1_555 O   ? H HOH . ? A HOH 261 ? 1_555 95.2  ? 
57 O   ? H HOH .  ? A HOH 210 ? 2_656 MG ? G MG . ? A MG 106 ? 1_555 O   ? H HOH . ? A HOH 276 ? 1_555 91.3  ? 
58 O   ? H HOH .  ? A HOH 261 ? 1_555 MG ? G MG . ? A MG 106 ? 1_555 O   ? H HOH . ? A HOH 276 ? 1_555 82.3  ? 
59 O   ? H HOH .  ? A HOH 210 ? 2_656 MG ? G MG . ? A MG 106 ? 1_555 O   ? H HOH . ? A HOH 303 ? 2_656 77.6  ? 
60 O   ? H HOH .  ? A HOH 261 ? 1_555 MG ? G MG . ? A MG 106 ? 1_555 O   ? H HOH . ? A HOH 303 ? 2_656 91.6  ? 
61 O   ? H HOH .  ? A HOH 276 ? 1_555 MG ? G MG . ? A MG 106 ? 1_555 O   ? H HOH . ? A HOH 303 ? 2_656 166.9 ? 
62 O   ? H HOH .  ? A HOH 210 ? 2_656 MG ? G MG . ? A MG 106 ? 1_555 O   ? H HOH . ? A HOH 341 ? 2_656 85.1  ? 
63 O   ? H HOH .  ? A HOH 261 ? 1_555 MG ? G MG . ? A MG 106 ? 1_555 O   ? H HOH . ? A HOH 341 ? 2_656 179.7 ? 
64 O   ? H HOH .  ? A HOH 276 ? 1_555 MG ? G MG . ? A MG 106 ? 1_555 O   ? H HOH . ? A HOH 341 ? 2_656 97.6  ? 
65 O   ? H HOH .  ? A HOH 303 ? 2_656 MG ? G MG . ? A MG 106 ? 1_555 O   ? H HOH . ? A HOH 341 ? 2_656 88.5  ? 
66 O   ? H HOH .  ? A HOH 210 ? 2_656 MG ? G MG . ? A MG 106 ? 1_555 O   ? H HOH . ? A HOH 344 ? 1_555 174.9 ? 
67 O   ? H HOH .  ? A HOH 261 ? 1_555 MG ? G MG . ? A MG 106 ? 1_555 O   ? H HOH . ? A HOH 344 ? 1_555 84.1  ? 
68 O   ? H HOH .  ? A HOH 276 ? 1_555 MG ? G MG . ? A MG 106 ? 1_555 O   ? H HOH . ? A HOH 344 ? 1_555 93.5  ? 
69 O   ? H HOH .  ? A HOH 303 ? 2_656 MG ? G MG . ? A MG 106 ? 1_555 O   ? H HOH . ? A HOH 344 ? 1_555 97.4  ? 
70 O   ? H HOH .  ? A HOH 341 ? 2_656 MG ? G MG . ? A MG 106 ? 1_555 O   ? H HOH . ? A HOH 344 ? 1_555 95.6  ? 
# 
loop_
_pdbx_audit_revision_history.ordinal 
_pdbx_audit_revision_history.data_content_type 
_pdbx_audit_revision_history.major_revision 
_pdbx_audit_revision_history.minor_revision 
_pdbx_audit_revision_history.revision_date 
1 'Structure model' 1 0 2021-11-24 
2 'Structure model' 1 1 2022-02-16 
3 'Structure model' 1 2 2023-11-29 
# 
_pdbx_audit_revision_details.ordinal             1 
_pdbx_audit_revision_details.revision_ordinal    1 
_pdbx_audit_revision_details.data_content_type   'Structure model' 
_pdbx_audit_revision_details.provider            repository 
_pdbx_audit_revision_details.type                'Initial release' 
_pdbx_audit_revision_details.description         ? 
_pdbx_audit_revision_details.details             ? 
# 
loop_
_pdbx_audit_revision_group.ordinal 
_pdbx_audit_revision_group.revision_ordinal 
_pdbx_audit_revision_group.data_content_type 
_pdbx_audit_revision_group.group 
1 2 'Structure model' 'Database references'    
2 3 'Structure model' 'Data collection'        
3 3 'Structure model' 'Refinement description' 
# 
loop_
_pdbx_audit_revision_category.ordinal 
_pdbx_audit_revision_category.revision_ordinal 
_pdbx_audit_revision_category.data_content_type 
_pdbx_audit_revision_category.category 
1 2 'Structure model' citation                      
2 2 'Structure model' citation_author               
3 3 'Structure model' chem_comp_atom                
4 3 'Structure model' chem_comp_bond                
5 3 'Structure model' pdbx_initial_refinement_model 
# 
loop_
_pdbx_audit_revision_item.ordinal 
_pdbx_audit_revision_item.revision_ordinal 
_pdbx_audit_revision_item.data_content_type 
_pdbx_audit_revision_item.item 
1 2 'Structure model' '_citation.journal_volume'          
2 2 'Structure model' '_citation.page_first'              
3 2 'Structure model' '_citation.page_last'               
4 2 'Structure model' '_citation_author.identifier_ORCID' 
# 
loop_
_software.citation_id 
_software.classification 
_software.compiler_name 
_software.compiler_version 
_software.contact_author 
_software.contact_author_email 
_software.date 
_software.description 
_software.dependencies 
_software.hardware 
_software.language 
_software.location 
_software.mods 
_software.name 
_software.os 
_software.os_version 
_software.type 
_software.version 
_software.pdbx_ordinal 
? 'data scaling'    ? ? ? ? ? ? ? ? ? ? ? HKL-2000    ? ? ? .         1 
? refinement        ? ? ? ? ? ? ? ? ? ? ? PHENIX      ? ? ? 1.14_3260 2 
? 'data extraction' ? ? ? ? ? ? ? ? ? ? ? PDB_EXTRACT ? ? ? 3.27      3 
? 'data reduction'  ? ? ? ? ? ? ? ? ? ? ? HKL-3000    ? ? ? .         4 
? phasing           ? ? ? ? ? ? ? ? ? ? ? PHASER      ? ? ? .         5 
# 
_pdbx_entry_details.entry_id                 7EOH 
_pdbx_entry_details.has_ligand_of_interest   Y 
_pdbx_entry_details.compound_details         ? 
_pdbx_entry_details.source_details           ? 
_pdbx_entry_details.nonpolymer_details       ? 
_pdbx_entry_details.sequence_details         ? 
# 
loop_
_pdbx_validate_close_contact.id 
_pdbx_validate_close_contact.PDB_model_num 
_pdbx_validate_close_contact.auth_atom_id_1 
_pdbx_validate_close_contact.auth_asym_id_1 
_pdbx_validate_close_contact.auth_comp_id_1 
_pdbx_validate_close_contact.auth_seq_id_1 
_pdbx_validate_close_contact.PDB_ins_code_1 
_pdbx_validate_close_contact.label_alt_id_1 
_pdbx_validate_close_contact.auth_atom_id_2 
_pdbx_validate_close_contact.auth_asym_id_2 
_pdbx_validate_close_contact.auth_comp_id_2 
_pdbx_validate_close_contact.auth_seq_id_2 
_pdbx_validate_close_contact.PDB_ins_code_2 
_pdbx_validate_close_contact.label_alt_id_2 
_pdbx_validate_close_contact.dist 
1 1 O     A HOH 202 ? ? O A HOH 209 ? ? 1.98 
2 1 OP2   A A   6   ? ? O A HOH 201 ? ? 2.08 
3 1 O     A HOH 298 ? ? O A HOH 312 ? ? 2.13 
4 1 "O2'" A C   49  ? ? O A HOH 202 ? ? 2.16 
# 
_pdbx_validate_symm_contact.id                1 
_pdbx_validate_symm_contact.PDB_model_num     1 
_pdbx_validate_symm_contact.auth_atom_id_1    O 
_pdbx_validate_symm_contact.auth_asym_id_1    A 
_pdbx_validate_symm_contact.auth_comp_id_1    HOH 
_pdbx_validate_symm_contact.auth_seq_id_1     205 
_pdbx_validate_symm_contact.PDB_ins_code_1    ? 
_pdbx_validate_symm_contact.label_alt_id_1    ? 
_pdbx_validate_symm_contact.site_symmetry_1   1_555 
_pdbx_validate_symm_contact.auth_atom_id_2    O 
_pdbx_validate_symm_contact.auth_asym_id_2    A 
_pdbx_validate_symm_contact.auth_comp_id_2    HOH 
_pdbx_validate_symm_contact.auth_seq_id_2     205 
_pdbx_validate_symm_contact.PDB_ins_code_2    ? 
_pdbx_validate_symm_contact.label_alt_id_2    ? 
_pdbx_validate_symm_contact.site_symmetry_2   2_655 
_pdbx_validate_symm_contact.dist              2.09 
# 
loop_
_pdbx_validate_rmsd_angle.id 
_pdbx_validate_rmsd_angle.PDB_model_num 
_pdbx_validate_rmsd_angle.auth_atom_id_1 
_pdbx_validate_rmsd_angle.auth_asym_id_1 
_pdbx_validate_rmsd_angle.auth_comp_id_1 
_pdbx_validate_rmsd_angle.auth_seq_id_1 
_pdbx_validate_rmsd_angle.PDB_ins_code_1 
_pdbx_validate_rmsd_angle.label_alt_id_1 
_pdbx_validate_rmsd_angle.auth_atom_id_2 
_pdbx_validate_rmsd_angle.auth_asym_id_2 
_pdbx_validate_rmsd_angle.auth_comp_id_2 
_pdbx_validate_rmsd_angle.auth_seq_id_2 
_pdbx_validate_rmsd_angle.PDB_ins_code_2 
_pdbx_validate_rmsd_angle.label_alt_id_2 
_pdbx_validate_rmsd_angle.auth_atom_id_3 
_pdbx_validate_rmsd_angle.auth_asym_id_3 
_pdbx_validate_rmsd_angle.auth_comp_id_3 
_pdbx_validate_rmsd_angle.auth_seq_id_3 
_pdbx_validate_rmsd_angle.PDB_ins_code_3 
_pdbx_validate_rmsd_angle.label_alt_id_3 
_pdbx_validate_rmsd_angle.angle_value 
_pdbx_validate_rmsd_angle.angle_target_value 
_pdbx_validate_rmsd_angle.angle_deviation 
_pdbx_validate_rmsd_angle.angle_standard_deviation 
_pdbx_validate_rmsd_angle.linker_flag 
1 1 "O3'" A GDP 1 ? ? P     A G 2 ? ? OP2 A G 2 ? ? 118.12 110.50 7.62 1.10 Y 
2 1 "O4'" A G   9 ? ? "C1'" A G 9 ? ? N9  A G 9 ? ? 113.05 108.50 4.55 0.70 N 
# 
loop_
_chem_comp_atom.comp_id 
_chem_comp_atom.atom_id 
_chem_comp_atom.type_symbol 
_chem_comp_atom.pdbx_aromatic_flag 
_chem_comp_atom.pdbx_stereo_config 
_chem_comp_atom.pdbx_ordinal 
A   OP3    O  N N 1   
A   P      P  N N 2   
A   OP1    O  N N 3   
A   OP2    O  N N 4   
A   "O5'"  O  N N 5   
A   "C5'"  C  N N 6   
A   "C4'"  C  N R 7   
A   "O4'"  O  N N 8   
A   "C3'"  C  N S 9   
A   "O3'"  O  N N 10  
A   "C2'"  C  N R 11  
A   "O2'"  O  N N 12  
A   "C1'"  C  N R 13  
A   N9     N  Y N 14  
A   C8     C  Y N 15  
A   N7     N  Y N 16  
A   C5     C  Y N 17  
A   C6     C  Y N 18  
A   N6     N  N N 19  
A   N1     N  Y N 20  
A   C2     C  Y N 21  
A   N3     N  Y N 22  
A   C4     C  Y N 23  
A   HOP3   H  N N 24  
A   HOP2   H  N N 25  
A   "H5'"  H  N N 26  
A   "H5''" H  N N 27  
A   "H4'"  H  N N 28  
A   "H3'"  H  N N 29  
A   "HO3'" H  N N 30  
A   "H2'"  H  N N 31  
A   "HO2'" H  N N 32  
A   "H1'"  H  N N 33  
A   H8     H  N N 34  
A   H61    H  N N 35  
A   H62    H  N N 36  
A   H2     H  N N 37  
C   OP3    O  N N 38  
C   P      P  N N 39  
C   OP1    O  N N 40  
C   OP2    O  N N 41  
C   "O5'"  O  N N 42  
C   "C5'"  C  N N 43  
C   "C4'"  C  N R 44  
C   "O4'"  O  N N 45  
C   "C3'"  C  N S 46  
C   "O3'"  O  N N 47  
C   "C2'"  C  N R 48  
C   "O2'"  O  N N 49  
C   "C1'"  C  N R 50  
C   N1     N  N N 51  
C   C2     C  N N 52  
C   O2     O  N N 53  
C   N3     N  N N 54  
C   C4     C  N N 55  
C   N4     N  N N 56  
C   C5     C  N N 57  
C   C6     C  N N 58  
C   HOP3   H  N N 59  
C   HOP2   H  N N 60  
C   "H5'"  H  N N 61  
C   "H5''" H  N N 62  
C   "H4'"  H  N N 63  
C   "H3'"  H  N N 64  
C   "HO3'" H  N N 65  
C   "H2'"  H  N N 66  
C   "HO2'" H  N N 67  
C   "H1'"  H  N N 68  
C   H41    H  N N 69  
C   H42    H  N N 70  
C   H5     H  N N 71  
C   H6     H  N N 72  
G   OP3    O  N N 73  
G   P      P  N N 74  
G   OP1    O  N N 75  
G   OP2    O  N N 76  
G   "O5'"  O  N N 77  
G   "C5'"  C  N N 78  
G   "C4'"  C  N R 79  
G   "O4'"  O  N N 80  
G   "C3'"  C  N S 81  
G   "O3'"  O  N N 82  
G   "C2'"  C  N R 83  
G   "O2'"  O  N N 84  
G   "C1'"  C  N R 85  
G   N9     N  Y N 86  
G   C8     C  Y N 87  
G   N7     N  Y N 88  
G   C5     C  Y N 89  
G   C6     C  N N 90  
G   O6     O  N N 91  
G   N1     N  N N 92  
G   C2     C  N N 93  
G   N2     N  N N 94  
G   N3     N  N N 95  
G   C4     C  Y N 96  
G   HOP3   H  N N 97  
G   HOP2   H  N N 98  
G   "H5'"  H  N N 99  
G   "H5''" H  N N 100 
G   "H4'"  H  N N 101 
G   "H3'"  H  N N 102 
G   "HO3'" H  N N 103 
G   "H2'"  H  N N 104 
G   "HO2'" H  N N 105 
G   "H1'"  H  N N 106 
G   H8     H  N N 107 
G   H1     H  N N 108 
G   H21    H  N N 109 
G   H22    H  N N 110 
GDP PB     P  N N 111 
GDP O1B    O  N N 112 
GDP O2B    O  N N 113 
GDP O3B    O  N N 114 
GDP O3A    O  N N 115 
GDP PA     P  N N 116 
GDP O1A    O  N N 117 
GDP O2A    O  N N 118 
GDP "O5'"  O  N N 119 
GDP "C5'"  C  N N 120 
GDP "C4'"  C  N R 121 
GDP "O4'"  O  N N 122 
GDP "C3'"  C  N S 123 
GDP "O3'"  O  N N 124 
GDP "C2'"  C  N R 125 
GDP "O2'"  O  N N 126 
GDP "C1'"  C  N R 127 
GDP N9     N  Y N 128 
GDP C8     C  Y N 129 
GDP N7     N  Y N 130 
GDP C5     C  Y N 131 
GDP C6     C  N N 132 
GDP O6     O  N N 133 
GDP N1     N  N N 134 
GDP C2     C  N N 135 
GDP N2     N  N N 136 
GDP N3     N  N N 137 
GDP C4     C  Y N 138 
GDP HOB2   H  N N 139 
GDP HOB3   H  N N 140 
GDP HOA2   H  N N 141 
GDP "H5'"  H  N N 142 
GDP "H5''" H  N N 143 
GDP "H4'"  H  N N 144 
GDP "H3'"  H  N N 145 
GDP "HO3'" H  N N 146 
GDP "H2'"  H  N N 147 
GDP "HO2'" H  N N 148 
GDP "H1'"  H  N N 149 
GDP H8     H  N N 150 
GDP HN1    H  N N 151 
GDP HN21   H  N N 152 
GDP HN22   H  N N 153 
HOH O      O  N N 154 
HOH H1     H  N N 155 
HOH H2     H  N N 156 
J8F C10    C  N N 157 
J8F N12    N  N N 158 
J8F C13    C  Y N 159 
J8F C15    C  Y N 160 
J8F C17    C  Y N 161 
J8F C20    C  N N 162 
J8F C21    C  N N 163 
J8F C01    C  Y N 164 
J8F C02    C  Y N 165 
J8F C03    C  Y N 166 
J8F C04    C  Y N 167 
J8F C05    C  Y N 168 
J8F C06    C  Y N 169 
J8F C07    C  N N 170 
J8F C09    C  N N 171 
J8F C11    C  N N 172 
J8F C14    C  Y N 173 
J8F C16    C  Y N 174 
J8F C18    C  Y N 175 
J8F C19    C  N N 176 
J8F N08    N  N N 177 
J8F N22    N  N N 178 
J8F O23    O  N N 179 
J8F H1     H  N N 180 
J8F H2     H  N N 181 
J8F H3     H  N N 182 
J8F H4     H  N N 183 
J8F H5     H  N N 184 
J8F H6     H  N N 185 
J8F H7     H  N N 186 
J8F H8     H  N N 187 
J8F H9     H  N N 188 
J8F H10    H  N N 189 
J8F H11    H  N N 190 
J8F H12    H  N N 191 
J8F H13    H  N N 192 
J8F H14    H  N N 193 
J8F H15    H  N N 194 
J8F H16    H  N N 195 
J8F H17    H  N N 196 
MG  MG     MG N N 197 
U   OP3    O  N N 198 
U   P      P  N N 199 
U   OP1    O  N N 200 
U   OP2    O  N N 201 
U   "O5'"  O  N N 202 
U   "C5'"  C  N N 203 
U   "C4'"  C  N R 204 
U   "O4'"  O  N N 205 
U   "C3'"  C  N S 206 
U   "O3'"  O  N N 207 
U   "C2'"  C  N R 208 
U   "O2'"  O  N N 209 
U   "C1'"  C  N R 210 
U   N1     N  N N 211 
U   C2     C  N N 212 
U   O2     O  N N 213 
U   N3     N  N N 214 
U   C4     C  N N 215 
U   O4     O  N N 216 
U   C5     C  N N 217 
U   C6     C  N N 218 
U   HOP3   H  N N 219 
U   HOP2   H  N N 220 
U   "H5'"  H  N N 221 
U   "H5''" H  N N 222 
U   "H4'"  H  N N 223 
U   "H3'"  H  N N 224 
U   "HO3'" H  N N 225 
U   "H2'"  H  N N 226 
U   "HO2'" H  N N 227 
U   "H1'"  H  N N 228 
U   H3     H  N N 229 
U   H5     H  N N 230 
U   H6     H  N N 231 
# 
loop_
_chem_comp_bond.comp_id 
_chem_comp_bond.atom_id_1 
_chem_comp_bond.atom_id_2 
_chem_comp_bond.value_order 
_chem_comp_bond.pdbx_aromatic_flag 
_chem_comp_bond.pdbx_stereo_config 
_chem_comp_bond.pdbx_ordinal 
A   OP3   P      sing N N 1   
A   OP3   HOP3   sing N N 2   
A   P     OP1    doub N N 3   
A   P     OP2    sing N N 4   
A   P     "O5'"  sing N N 5   
A   OP2   HOP2   sing N N 6   
A   "O5'" "C5'"  sing N N 7   
A   "C5'" "C4'"  sing N N 8   
A   "C5'" "H5'"  sing N N 9   
A   "C5'" "H5''" sing N N 10  
A   "C4'" "O4'"  sing N N 11  
A   "C4'" "C3'"  sing N N 12  
A   "C4'" "H4'"  sing N N 13  
A   "O4'" "C1'"  sing N N 14  
A   "C3'" "O3'"  sing N N 15  
A   "C3'" "C2'"  sing N N 16  
A   "C3'" "H3'"  sing N N 17  
A   "O3'" "HO3'" sing N N 18  
A   "C2'" "O2'"  sing N N 19  
A   "C2'" "C1'"  sing N N 20  
A   "C2'" "H2'"  sing N N 21  
A   "O2'" "HO2'" sing N N 22  
A   "C1'" N9     sing N N 23  
A   "C1'" "H1'"  sing N N 24  
A   N9    C8     sing Y N 25  
A   N9    C4     sing Y N 26  
A   C8    N7     doub Y N 27  
A   C8    H8     sing N N 28  
A   N7    C5     sing Y N 29  
A   C5    C6     sing Y N 30  
A   C5    C4     doub Y N 31  
A   C6    N6     sing N N 32  
A   C6    N1     doub Y N 33  
A   N6    H61    sing N N 34  
A   N6    H62    sing N N 35  
A   N1    C2     sing Y N 36  
A   C2    N3     doub Y N 37  
A   C2    H2     sing N N 38  
A   N3    C4     sing Y N 39  
C   OP3   P      sing N N 40  
C   OP3   HOP3   sing N N 41  
C   P     OP1    doub N N 42  
C   P     OP2    sing N N 43  
C   P     "O5'"  sing N N 44  
C   OP2   HOP2   sing N N 45  
C   "O5'" "C5'"  sing N N 46  
C   "C5'" "C4'"  sing N N 47  
C   "C5'" "H5'"  sing N N 48  
C   "C5'" "H5''" sing N N 49  
C   "C4'" "O4'"  sing N N 50  
C   "C4'" "C3'"  sing N N 51  
C   "C4'" "H4'"  sing N N 52  
C   "O4'" "C1'"  sing N N 53  
C   "C3'" "O3'"  sing N N 54  
C   "C3'" "C2'"  sing N N 55  
C   "C3'" "H3'"  sing N N 56  
C   "O3'" "HO3'" sing N N 57  
C   "C2'" "O2'"  sing N N 58  
C   "C2'" "C1'"  sing N N 59  
C   "C2'" "H2'"  sing N N 60  
C   "O2'" "HO2'" sing N N 61  
C   "C1'" N1     sing N N 62  
C   "C1'" "H1'"  sing N N 63  
C   N1    C2     sing N N 64  
C   N1    C6     sing N N 65  
C   C2    O2     doub N N 66  
C   C2    N3     sing N N 67  
C   N3    C4     doub N N 68  
C   C4    N4     sing N N 69  
C   C4    C5     sing N N 70  
C   N4    H41    sing N N 71  
C   N4    H42    sing N N 72  
C   C5    C6     doub N N 73  
C   C5    H5     sing N N 74  
C   C6    H6     sing N N 75  
G   OP3   P      sing N N 76  
G   OP3   HOP3   sing N N 77  
G   P     OP1    doub N N 78  
G   P     OP2    sing N N 79  
G   P     "O5'"  sing N N 80  
G   OP2   HOP2   sing N N 81  
G   "O5'" "C5'"  sing N N 82  
G   "C5'" "C4'"  sing N N 83  
G   "C5'" "H5'"  sing N N 84  
G   "C5'" "H5''" sing N N 85  
G   "C4'" "O4'"  sing N N 86  
G   "C4'" "C3'"  sing N N 87  
G   "C4'" "H4'"  sing N N 88  
G   "O4'" "C1'"  sing N N 89  
G   "C3'" "O3'"  sing N N 90  
G   "C3'" "C2'"  sing N N 91  
G   "C3'" "H3'"  sing N N 92  
G   "O3'" "HO3'" sing N N 93  
G   "C2'" "O2'"  sing N N 94  
G   "C2'" "C1'"  sing N N 95  
G   "C2'" "H2'"  sing N N 96  
G   "O2'" "HO2'" sing N N 97  
G   "C1'" N9     sing N N 98  
G   "C1'" "H1'"  sing N N 99  
G   N9    C8     sing Y N 100 
G   N9    C4     sing Y N 101 
G   C8    N7     doub Y N 102 
G   C8    H8     sing N N 103 
G   N7    C5     sing Y N 104 
G   C5    C6     sing N N 105 
G   C5    C4     doub Y N 106 
G   C6    O6     doub N N 107 
G   C6    N1     sing N N 108 
G   N1    C2     sing N N 109 
G   N1    H1     sing N N 110 
G   C2    N2     sing N N 111 
G   C2    N3     doub N N 112 
G   N2    H21    sing N N 113 
G   N2    H22    sing N N 114 
G   N3    C4     sing N N 115 
GDP PB    O1B    doub N N 116 
GDP PB    O2B    sing N N 117 
GDP PB    O3B    sing N N 118 
GDP PB    O3A    sing N N 119 
GDP O2B   HOB2   sing N N 120 
GDP O3B   HOB3   sing N N 121 
GDP O3A   PA     sing N N 122 
GDP PA    O1A    doub N N 123 
GDP PA    O2A    sing N N 124 
GDP PA    "O5'"  sing N N 125 
GDP O2A   HOA2   sing N N 126 
GDP "O5'" "C5'"  sing N N 127 
GDP "C5'" "C4'"  sing N N 128 
GDP "C5'" "H5'"  sing N N 129 
GDP "C5'" "H5''" sing N N 130 
GDP "C4'" "O4'"  sing N N 131 
GDP "C4'" "C3'"  sing N N 132 
GDP "C4'" "H4'"  sing N N 133 
GDP "O4'" "C1'"  sing N N 134 
GDP "C3'" "O3'"  sing N N 135 
GDP "C3'" "C2'"  sing N N 136 
GDP "C3'" "H3'"  sing N N 137 
GDP "O3'" "HO3'" sing N N 138 
GDP "C2'" "O2'"  sing N N 139 
GDP "C2'" "C1'"  sing N N 140 
GDP "C2'" "H2'"  sing N N 141 
GDP "O2'" "HO2'" sing N N 142 
GDP "C1'" N9     sing N N 143 
GDP "C1'" "H1'"  sing N N 144 
GDP N9    C8     sing Y N 145 
GDP N9    C4     sing Y N 146 
GDP C8    N7     doub Y N 147 
GDP C8    H8     sing N N 148 
GDP N7    C5     sing Y N 149 
GDP C5    C6     sing N N 150 
GDP C5    C4     doub Y N 151 
GDP C6    O6     doub N N 152 
GDP C6    N1     sing N N 153 
GDP N1    C2     sing N N 154 
GDP N1    HN1    sing N N 155 
GDP C2    N2     sing N N 156 
GDP C2    N3     doub N N 157 
GDP N2    HN21   sing N N 158 
GDP N2    HN22   sing N N 159 
GDP N3    C4     sing N N 160 
HOH O     H1     sing N N 161 
HOH O     H2     sing N N 162 
J8F C19   C21    sing N N 163 
J8F C19   N22    sing N N 164 
J8F C21   O23    sing N N 165 
J8F C17   C18    doub Y N 166 
J8F C17   C16    sing Y N 167 
J8F N22   C16    sing N N 168 
J8F N22   C20    sing N N 169 
J8F C18   C13    sing Y N 170 
J8F C16   C15    doub Y N 171 
J8F C13   C10    sing N N 172 
J8F C13   C14    doub Y N 173 
J8F C15   C14    sing Y N 174 
J8F C10   C09    doub N Z 175 
J8F C02   C01    doub Y N 176 
J8F C02   C03    sing Y N 177 
J8F C01   C06    sing Y N 178 
J8F C09   C03    sing N N 179 
J8F C09   C11    sing N N 180 
J8F C03   C04    doub Y N 181 
J8F C06   C07    sing N N 182 
J8F C06   C05    doub Y N 183 
J8F C11   N12    trip N N 184 
J8F C07   N08    trip N N 185 
J8F C04   C05    sing Y N 186 
J8F C10   H1     sing N N 187 
J8F C15   H2     sing N N 188 
J8F C17   H3     sing N N 189 
J8F C20   H4     sing N N 190 
J8F C20   H5     sing N N 191 
J8F C20   H6     sing N N 192 
J8F C21   H7     sing N N 193 
J8F C21   H8     sing N N 194 
J8F C01   H9     sing N N 195 
J8F C02   H10    sing N N 196 
J8F C04   H11    sing N N 197 
J8F C05   H12    sing N N 198 
J8F C14   H13    sing N N 199 
J8F C18   H14    sing N N 200 
J8F C19   H15    sing N N 201 
J8F C19   H16    sing N N 202 
J8F O23   H17    sing N N 203 
U   OP3   P      sing N N 204 
U   OP3   HOP3   sing N N 205 
U   P     OP1    doub N N 206 
U   P     OP2    sing N N 207 
U   P     "O5'"  sing N N 208 
U   OP2   HOP2   sing N N 209 
U   "O5'" "C5'"  sing N N 210 
U   "C5'" "C4'"  sing N N 211 
U   "C5'" "H5'"  sing N N 212 
U   "C5'" "H5''" sing N N 213 
U   "C4'" "O4'"  sing N N 214 
U   "C4'" "C3'"  sing N N 215 
U   "C4'" "H4'"  sing N N 216 
U   "O4'" "C1'"  sing N N 217 
U   "C3'" "O3'"  sing N N 218 
U   "C3'" "C2'"  sing N N 219 
U   "C3'" "H3'"  sing N N 220 
U   "O3'" "HO3'" sing N N 221 
U   "C2'" "O2'"  sing N N 222 
U   "C2'" "C1'"  sing N N 223 
U   "C2'" "H2'"  sing N N 224 
U   "O2'" "HO2'" sing N N 225 
U   "C1'" N1     sing N N 226 
U   "C1'" "H1'"  sing N N 227 
U   N1    C2     sing N N 228 
U   N1    C6     sing N N 229 
U   C2    O2     doub N N 230 
U   C2    N3     sing N N 231 
U   N3    C4     sing N N 232 
U   N3    H3     sing N N 233 
U   C4    O4     doub N N 234 
U   C4    C5     sing N N 235 
U   C5    C6     doub N N 236 
U   C5    H5     sing N N 237 
U   C6    H6     sing N N 238 
# 
loop_
_ndb_struct_conf_na.entry_id 
_ndb_struct_conf_na.feature 
7EOH 'double helix'         
7EOH 'a-form double helix'  
7EOH tetraloop              
7EOH 'bulge loop'           
7EOH 'mismatched base pair' 
7EOH 'internal loop'        
7EOH 'triple helix'         
# 
loop_
_ndb_struct_na_base_pair.model_number 
_ndb_struct_na_base_pair.i_label_asym_id 
_ndb_struct_na_base_pair.i_label_comp_id 
_ndb_struct_na_base_pair.i_label_seq_id 
_ndb_struct_na_base_pair.i_symmetry 
_ndb_struct_na_base_pair.j_label_asym_id 
_ndb_struct_na_base_pair.j_label_comp_id 
_ndb_struct_na_base_pair.j_label_seq_id 
_ndb_struct_na_base_pair.j_symmetry 
_ndb_struct_na_base_pair.shear 
_ndb_struct_na_base_pair.stretch 
_ndb_struct_na_base_pair.stagger 
_ndb_struct_na_base_pair.buckle 
_ndb_struct_na_base_pair.propeller 
_ndb_struct_na_base_pair.opening 
_ndb_struct_na_base_pair.pair_number 
_ndb_struct_na_base_pair.pair_name 
_ndb_struct_na_base_pair.i_auth_asym_id 
_ndb_struct_na_base_pair.i_auth_seq_id 
_ndb_struct_na_base_pair.i_PDB_ins_code 
_ndb_struct_na_base_pair.j_auth_asym_id 
_ndb_struct_na_base_pair.j_auth_seq_id 
_ndb_struct_na_base_pair.j_PDB_ins_code 
_ndb_struct_na_base_pair.hbond_type_28 
_ndb_struct_na_base_pair.hbond_type_12 
1 A GDP 1  1_555 A C 49 1_555 -0.288 -0.112 0.116  -1.173  -4.555  -2.694  1  A_GDP1:C49_A A 1  ? A 49 ? 19 1 
1 A G   2  1_555 A C 48 1_555 -0.372 -0.185 0.081  3.189   -15.082 -0.262  2  A_G2:C48_A   A 2  ? A 48 ? 19 1 
1 A C   3  1_555 A G 47 1_555 0.161  -0.136 -0.046 4.964   -14.325 1.143   3  A_C3:G47_A   A 3  ? A 47 ? 19 1 
1 A G   4  1_555 A C 46 1_555 -0.226 -0.144 -0.014 -10.160 -19.843 2.581   4  A_G4:C46_A   A 4  ? A 46 ? 19 1 
1 A C   5  1_555 A G 45 1_555 0.236  -0.046 0.319  -12.574 -11.539 -2.091  5  A_C5:G45_A   A 5  ? A 45 ? 19 1 
1 A C   7  1_555 A G 44 1_555 0.145  -0.113 -0.037 -1.484  -1.260  0.349   6  A_C7:G44_A   A 7  ? A 44 ? 19 1 
1 A U   8  1_555 A U 42 1_555 2.260  -1.835 0.263  -4.513  -13.742 8.954   7  A_U8:U42_A   A 8  ? A 42 ? 16 1 
1 A G   9  1_555 A C 33 1_555 0.018  5.330  0.404  22.453  24.672  127.408 8  A_G9:C33_A   A 9  ? A 33 ? 22 2 
1 A G   10 1_555 A U 40 1_555 -2.509 -0.622 0.151  7.202   -4.139  -5.161  9  A_G10:U40_A  A 10 ? A 40 ? 28 1 
1 A C   11 1_555 A G 39 1_555 0.055  -0.151 -0.147 11.859  -18.044 1.330   10 A_C11:G39_A  A 11 ? A 39 ? 19 1 
1 A G   12 1_555 A C 38 1_555 -0.083 -0.156 -0.079 -3.648  -15.120 -0.076  11 A_G12:C38_A  A 12 ? A 38 ? 19 1 
1 A C   13 1_555 A G 37 1_555 0.028  -0.108 0.173  -5.623  -17.246 0.143   12 A_C13:G37_A  A 13 ? A 37 ? 19 1 
1 A U   14 1_555 A A 36 1_555 0.917  -0.142 0.479  -5.917  -9.584  -3.100  13 A_U14:A36_A  A 14 ? A 36 ? 20 1 
1 A G   15 1_555 A C 28 1_555 -0.242 -0.174 0.149  1.467   -9.207  1.800   14 A_G15:C28_A  A 15 ? A 28 ? 19 1 
1 A C   16 1_555 A G 27 1_555 0.102  -0.203 0.131  0.144   -13.672 -1.086  15 A_C16:G27_A  A 16 ? A 27 ? 19 1 
1 A G   17 1_555 A C 26 1_555 0.221  -0.528 -0.180 0.397   -11.516 -1.953  16 A_G17:C26_A  A 17 ? A 26 ? 19 1 
1 A C   18 1_555 A G 25 1_555 0.300  -0.421 -0.281 1.082   -4.930  1.361   17 A_C18:G25_A  A 18 ? A 25 ? 19 1 
1 A C   19 1_555 A G 24 1_555 0.759  -0.413 -0.460 -0.295  3.402   2.023   18 A_C19:G24_A  A 19 ? A 24 ? 19 1 
1 A U   20 1_555 A G 23 1_555 1.623  -5.899 0.094  -10.615 -0.484  -93.636 19 A_U20:G23_A  A 20 ? A 23 ? ?  6 
1 A U   32 1_555 A U 35 1_555 3.572  -0.241 0.014  35.477  15.401  -91.303 20 A_U32:U35_A  A 32 ? A 35 ? ?  4 
# 
loop_
_ndb_struct_na_base_pair_step.model_number 
_ndb_struct_na_base_pair_step.i_label_asym_id_1 
_ndb_struct_na_base_pair_step.i_label_comp_id_1 
_ndb_struct_na_base_pair_step.i_label_seq_id_1 
_ndb_struct_na_base_pair_step.i_symmetry_1 
_ndb_struct_na_base_pair_step.j_label_asym_id_1 
_ndb_struct_na_base_pair_step.j_label_comp_id_1 
_ndb_struct_na_base_pair_step.j_label_seq_id_1 
_ndb_struct_na_base_pair_step.j_symmetry_1 
_ndb_struct_na_base_pair_step.i_label_asym_id_2 
_ndb_struct_na_base_pair_step.i_label_comp_id_2 
_ndb_struct_na_base_pair_step.i_label_seq_id_2 
_ndb_struct_na_base_pair_step.i_symmetry_2 
_ndb_struct_na_base_pair_step.j_label_asym_id_2 
_ndb_struct_na_base_pair_step.j_label_comp_id_2 
_ndb_struct_na_base_pair_step.j_label_seq_id_2 
_ndb_struct_na_base_pair_step.j_symmetry_2 
_ndb_struct_na_base_pair_step.shift 
_ndb_struct_na_base_pair_step.slide 
_ndb_struct_na_base_pair_step.rise 
_ndb_struct_na_base_pair_step.tilt 
_ndb_struct_na_base_pair_step.roll 
_ndb_struct_na_base_pair_step.twist 
_ndb_struct_na_base_pair_step.x_displacement 
_ndb_struct_na_base_pair_step.y_displacement 
_ndb_struct_na_base_pair_step.helical_rise 
_ndb_struct_na_base_pair_step.inclination 
_ndb_struct_na_base_pair_step.tip 
_ndb_struct_na_base_pair_step.helical_twist 
_ndb_struct_na_base_pair_step.step_number 
_ndb_struct_na_base_pair_step.step_name 
_ndb_struct_na_base_pair_step.i_auth_asym_id_1 
_ndb_struct_na_base_pair_step.i_auth_seq_id_1 
_ndb_struct_na_base_pair_step.i_PDB_ins_code_1 
_ndb_struct_na_base_pair_step.j_auth_asym_id_1 
_ndb_struct_na_base_pair_step.j_auth_seq_id_1 
_ndb_struct_na_base_pair_step.j_PDB_ins_code_1 
_ndb_struct_na_base_pair_step.i_auth_asym_id_2 
_ndb_struct_na_base_pair_step.i_auth_seq_id_2 
_ndb_struct_na_base_pair_step.i_PDB_ins_code_2 
_ndb_struct_na_base_pair_step.j_auth_asym_id_2 
_ndb_struct_na_base_pair_step.j_auth_seq_id_2 
_ndb_struct_na_base_pair_step.j_PDB_ins_code_2 
1 A GDP 1  1_555 A C 49 1_555 A G 2  1_555 A C 48 1_555 -0.159 -1.458 3.192 -1.783  7.822   30.958  -3.957  -0.009 2.755  14.355  
3.272   31.956  1  AA_GDP1G2:C48C49_AA A 1  ? A 49 ? A 2  ? A 48 ? 
1 A G   2  1_555 A C 48 1_555 A C 3  1_555 A G 47 1_555 0.583  -1.559 3.171 1.702   5.379   33.647  -3.458  -0.741 2.920  9.211   
-2.915  34.103  2  AA_G2C3:G47C48_AA   A 2  ? A 48 ? A 3  ? A 47 ? 
1 A C   3  1_555 A G 47 1_555 A G 4  1_555 A C 46 1_555 0.374  -1.850 3.372 1.194   17.339  30.074  -5.485  -0.465 2.047  30.431  
-2.096  34.635  3  AA_C3G4:C46G47_AA   A 3  ? A 47 ? A 4  ? A 46 ? 
1 A G   4  1_555 A C 46 1_555 A C 5  1_555 A G 45 1_555 -0.340 -1.368 3.272 -1.786  7.369   36.555  -3.077  0.305  2.963  11.594  
2.810   37.307  4  AA_G4C5:G45C46_AA   A 4  ? A 46 ? A 5  ? A 45 ? 
1 A C   5  1_555 A G 45 1_555 A C 7  1_555 A G 44 1_555 -1.246 -1.706 3.007 9.082   6.730   50.070  -2.369  1.976  2.526  7.836   
-10.575 51.250  5  AA_C5C7:G44G45_AA   A 5  ? A 45 ? A 7  ? A 44 ? 
1 A C   7  1_555 A G 44 1_555 A U 8  1_555 A U 42 1_555 2.558  -0.229 3.255 6.425   5.060   61.862  -0.459  -2.169 3.453  4.899   
-6.221  62.347  6  AA_C7U8:U42G44_AA   A 7  ? A 44 ? A 8  ? A 42 ? 
1 A U   8  1_555 A U 42 1_555 A G 9  1_555 A C 33 1_555 4.889  -1.706 4.473 -34.082 17.361  -10.519 -2.874  -3.369 6.149  -34.129 
-67.001 -39.617 7  AA_U8G9:C33U42_AA   A 8  ? A 42 ? A 9  ? A 33 ? 
1 A G   9  1_555 A C 33 1_555 A G 10 1_555 A U 40 1_555 -4.609 -3.165 1.093 35.507  -29.506 28.789  -3.327  5.269  -0.675 -38.185 
-45.950 53.988  8  AA_G9G10:U40C33_AA  A 9  ? A 33 ? A 10 ? A 40 ? 
1 A C   11 1_555 A G 39 1_555 A G 12 1_555 A C 38 1_555 -0.708 -1.655 3.547 -2.449  14.376  31.506  -4.969  0.817  2.614  24.876  
4.238   34.639  9  AA_C11G12:C38G39_AA A 11 ? A 39 ? A 12 ? A 38 ? 
1 A G   12 1_555 A C 38 1_555 A C 13 1_555 A G 37 1_555 0.305  -1.458 3.227 -0.700  7.233   34.034  -3.478  -0.610 2.860  12.185  
1.180   34.779  10 AA_G12C13:G37C38_AA A 12 ? A 38 ? A 13 ? A 37 ? 
1 A C   13 1_555 A G 37 1_555 A U 14 1_555 A A 36 1_555 -0.409 -1.214 3.284 -0.539  9.690   36.253  -3.106  0.569  2.882  15.239  
0.848   37.488  11 AA_C13U14:A36G37_AA A 13 ? A 37 ? A 14 ? A 36 ? 
1 A U   14 1_555 A A 36 1_555 A G 15 1_555 A C 28 1_555 -1.267 -3.299 2.903 2.435   7.623   1.739   -23.494 9.000  -2.830 74.068  
-23.665 8.189   12 AA_U14G15:C28A36_AA A 14 ? A 36 ? A 15 ? A 28 ? 
1 A G   15 1_555 A C 28 1_555 A C 16 1_555 A G 27 1_555 -0.124 -1.898 3.262 -0.529  3.827   34.438  -3.755  0.129  3.041  6.439   
0.890   34.647  13 AA_G15C16:G27C28_AA A 15 ? A 28 ? A 16 ? A 27 ? 
1 A C   16 1_555 A G 27 1_555 A G 17 1_555 A C 26 1_555 -0.175 -2.018 3.195 4.434   13.211  30.488  -5.365  0.929  2.118  23.633  
-7.933  33.453  14 AA_C16G17:C26G27_AA A 16 ? A 27 ? A 17 ? A 26 ? 
1 A G   17 1_555 A C 26 1_555 A C 18 1_555 A G 25 1_555 0.192  -1.988 3.255 0.940   5.436   32.515  -4.378  -0.188 2.898  9.622   
-1.665  32.967  15 AA_G17C18:G25C26_AA A 17 ? A 26 ? A 18 ? A 25 ? 
1 A C   18 1_555 A G 25 1_555 A C 19 1_555 A G 24 1_555 0.287  -1.957 3.370 2.421   1.085   33.354  -3.583  -0.089 3.319  1.886   
-4.209  33.456  16 AA_C18C19:G24G25_AA A 18 ? A 25 ? A 19 ? A 24 ? 
1 A C   19 1_555 A G 24 1_555 A U 20 1_555 A G 23 1_555 -0.910 -0.699 3.426 10.985  8.469   97.457  -0.606  0.788  3.286  5.613   
-7.281  98.190  17 AA_C19U20:G23G24_AA A 19 ? A 24 ? A 20 ? A 23 ? 
# 
_pdbx_audit_support.funding_organization   'National Natural Science Foundation of China (NSFC)' 
_pdbx_audit_support.country                China 
_pdbx_audit_support.grant_number           ? 
_pdbx_audit_support.ordinal                1 
# 
loop_
_pdbx_entity_instance_feature.ordinal 
_pdbx_entity_instance_feature.comp_id 
_pdbx_entity_instance_feature.asym_id 
_pdbx_entity_instance_feature.seq_num 
_pdbx_entity_instance_feature.auth_comp_id 
_pdbx_entity_instance_feature.auth_asym_id 
_pdbx_entity_instance_feature.auth_seq_num 
_pdbx_entity_instance_feature.feature_type 
_pdbx_entity_instance_feature.details 
1 J8F ? ? J8F ? ? 'SUBJECT OF INVESTIGATION' ? 
2 MG  ? ? MG  ? ? 'SUBJECT OF INVESTIGATION' ? 
# 
loop_
_pdbx_entity_nonpoly.entity_id 
_pdbx_entity_nonpoly.name 
_pdbx_entity_nonpoly.comp_id 
2 '4-[(~{Z})-1-cyano-2-[4-[2-hydroxyethyl(methyl)amino]phenyl]ethenyl]benzenecarbonitrile' J8F 
3 'MAGNESIUM ION'                                                                          MG  
4 water                                                                                    HOH 
# 
_pdbx_initial_refinement_model.id               1 
_pdbx_initial_refinement_model.entity_id_list   ? 
_pdbx_initial_refinement_model.type             'experimental model' 
_pdbx_initial_refinement_model.source_name      PDB 
_pdbx_initial_refinement_model.accession_code   7EOG 
_pdbx_initial_refinement_model.details          ? 
# 
_pdbx_struct_assembly_auth_evidence.id                     1 
_pdbx_struct_assembly_auth_evidence.assembly_id            1 
_pdbx_struct_assembly_auth_evidence.experimental_support   none 
_pdbx_struct_assembly_auth_evidence.details                ? 
# 
